data_3MLS
#
_entry.id   3MLS
#
_cell.length_a   168.746
_cell.length_b   43.051
_cell.length_c   274.341
_cell.angle_alpha   90.000
_cell.angle_beta   94.200
_cell.angle_gamma   90.000
#
_symmetry.space_group_name_H-M   'C 1 2 1'
#
loop_
_entity.id
_entity.type
_entity.pdbx_description
1 polymer 'Human monoclonal anti-HIV-1 gp120 V3 antibody 2557 Fab light chain'
2 polymer 'Human monoclonal anti-HIV-1 gp120 V3 antibody 2557 Fab heavy chain'
3 polymer 'Rationally designed V3 mimotope'
4 water water
#
loop_
_entity_poly.entity_id
_entity_poly.type
_entity_poly.pdbx_seq_one_letter_code
_entity_poly.pdbx_strand_id
1 'polypeptide(L)'
;SYDLTQPPSVSVSPGQTASISCSGDKLDDKYVSWYYQRPGQSPVLLMYQDFKRPSGIPERLSGSKSGKTATLTISGTQSL
DEGDYYCQAWDASTGVSGGGTKLTVLFGDGTRLTVLGQPKAAPSVTLFPPSSEELQANKATLVCLISDFYPGAVTVAWKA
DSSPVKAGVETTTPSKQSNNKYAASSYLSLTPEQWKSHKSYSCQVTHEGSTVEKTVAPT
;
L,M,N,O
2 'polypeptide(L)'
;EVQLVESGGEVKQPGQSLKISCKSSGYNFLDSWIGWVRQIPGKGLEWIGIIYPDDSDAHYSPSFEGQVTMSVDKSISTAY
LQWTTLQASDTGKYFCTRLYLFEGAQSSNAFDLWGQGTMILVSSGTTKGPSVFPLAPSSKSTSGGTAALGCLVKDYFPEP
VTVSWNSGALTSGVHTFPAVLQSSGLYSLSSVVTVPSSSLGTQTYICNVNHKPSNTKVDKKVEPKS
;
H,I,J,K
3 'polypeptide(L)' ACQAFYASSPRKSIHIGACA P,Q,R,S
#
# COMPACT_ATOMS: atom_id res chain seq x y z
N SER A 1 -15.29 -1.73 -24.82
CA SER A 1 -16.36 -2.76 -24.88
C SER A 1 -16.57 -3.27 -26.31
N TYR A 2 -15.67 -2.89 -27.21
CA TYR A 2 -15.73 -3.30 -28.61
C TYR A 2 -15.15 -4.70 -28.80
N ASP A 3 -15.47 -5.34 -29.92
CA ASP A 3 -15.01 -6.68 -30.19
C ASP A 3 -13.63 -6.78 -30.83
N LEU A 4 -12.96 -7.90 -30.57
CA LEU A 4 -11.66 -8.20 -31.15
C LEU A 4 -11.87 -9.49 -31.95
N THR A 5 -11.70 -9.39 -33.26
CA THR A 5 -11.91 -10.52 -34.14
C THR A 5 -10.62 -11.12 -34.73
N GLN A 6 -10.47 -12.43 -34.58
CA GLN A 6 -9.31 -13.12 -35.12
C GLN A 6 -9.75 -14.51 -35.59
N PRO A 7 -9.21 -14.96 -36.71
CA PRO A 7 -9.57 -16.28 -37.24
C PRO A 7 -9.38 -17.41 -36.23
N PRO A 8 -10.45 -18.16 -35.93
CA PRO A 8 -10.31 -19.26 -34.98
C PRO A 8 -9.26 -20.29 -35.44
N SER A 9 -8.94 -20.28 -36.72
CA SER A 9 -7.95 -21.21 -37.25
C SER A 9 -7.06 -20.68 -38.37
N VAL A 10 -5.79 -21.05 -38.29
CA VAL A 10 -4.77 -20.70 -39.26
C VAL A 10 -3.89 -21.94 -39.35
N SER A 11 -3.61 -22.37 -40.57
CA SER A 11 -2.78 -23.55 -40.79
C SER A 11 -1.58 -23.20 -41.66
N VAL A 12 -0.45 -23.85 -41.41
CA VAL A 12 0.75 -23.57 -42.17
C VAL A 12 1.74 -24.73 -42.08
N SER A 13 2.62 -24.83 -43.07
CA SER A 13 3.63 -25.88 -43.08
C SER A 13 4.91 -25.39 -42.42
N PRO A 14 5.69 -26.30 -41.85
CA PRO A 14 6.94 -25.93 -41.18
C PRO A 14 7.85 -25.13 -42.11
N GLY A 15 8.35 -24.01 -41.62
CA GLY A 15 9.21 -23.17 -42.42
C GLY A 15 8.47 -22.01 -43.08
N GLN A 16 7.20 -22.21 -43.37
CA GLN A 16 6.39 -21.16 -44.00
C GLN A 16 6.12 -20.01 -43.06
N THR A 17 5.65 -18.89 -43.60
CA THR A 17 5.34 -17.74 -42.76
C THR A 17 3.83 -17.78 -42.44
N ALA A 18 3.51 -17.76 -41.15
CA ALA A 18 2.11 -17.78 -40.71
C ALA A 18 1.67 -16.37 -40.30
N SER A 19 0.40 -16.04 -40.53
CA SER A 19 -0.11 -14.71 -40.21
C SER A 19 -1.39 -14.78 -39.39
N ILE A 20 -1.39 -14.10 -38.25
CA ILE A 20 -2.57 -14.05 -37.40
C ILE A 20 -3.06 -12.60 -37.29
N SER A 21 -4.23 -12.34 -37.85
CA SER A 21 -4.83 -11.01 -37.82
C SER A 21 -5.71 -10.87 -36.60
N CYS A 22 -6.04 -9.63 -36.29
CA CYS A 22 -6.90 -9.30 -35.15
C CYS A 22 -7.35 -7.89 -35.42
N SER A 23 -8.66 -7.69 -35.42
CA SER A 23 -9.20 -6.37 -35.67
C SER A 23 -10.31 -6.07 -34.70
N GLY A 24 -10.46 -4.78 -34.41
CA GLY A 24 -11.47 -4.30 -33.50
C GLY A 24 -11.66 -2.88 -33.93
N ASP A 25 -12.79 -2.28 -33.58
CA ASP A 25 -13.07 -0.91 -33.97
C ASP A 25 -12.18 0.17 -33.40
N LYS A 26 -11.65 -0.02 -32.20
CA LYS A 26 -10.81 1.03 -31.65
C LYS A 26 -9.31 0.77 -31.77
N LEU A 27 -8.93 -0.36 -32.36
CA LEU A 27 -7.52 -0.67 -32.49
C LEU A 27 -6.67 0.41 -33.15
N ASP A 28 -7.31 1.39 -33.78
CA ASP A 28 -6.57 2.47 -34.43
C ASP A 28 -5.88 3.37 -33.41
N ASP A 29 -6.40 3.39 -32.19
CA ASP A 29 -5.79 4.20 -31.13
C ASP A 29 -5.67 3.41 -29.83
N LYS A 30 -5.34 2.12 -29.95
CA LYS A 30 -5.19 1.26 -28.78
C LYS A 30 -4.01 0.31 -28.97
N TYR A 31 -3.21 0.13 -27.94
CA TYR A 31 -2.09 -0.79 -28.05
C TYR A 31 -2.64 -2.22 -28.04
N VAL A 32 -1.95 -3.12 -28.72
CA VAL A 32 -2.36 -4.51 -28.78
C VAL A 32 -1.23 -5.38 -28.25
N SER A 33 -1.60 -6.41 -27.48
CA SER A 33 -0.61 -7.34 -26.96
C SER A 33 -1.00 -8.74 -27.47
N TRP A 34 -0.01 -9.62 -27.62
CA TRP A 34 -0.27 -10.98 -28.07
C TRP A 34 0.26 -11.98 -27.05
N TYR A 35 -0.55 -13.02 -26.81
CA TYR A 35 -0.21 -14.08 -25.88
C TYR A 35 -0.26 -15.45 -26.56
N TYR A 36 0.54 -16.39 -26.05
CA TYR A 36 0.56 -17.74 -26.58
C TYR A 36 0.13 -18.73 -25.52
N GLN A 37 -0.55 -19.78 -25.93
CA GLN A 37 -0.99 -20.78 -24.96
C GLN A 37 -1.08 -22.20 -25.53
N ARG A 38 -0.24 -23.07 -24.99
CA ARG A 38 -0.20 -24.47 -25.36
C ARG A 38 -1.29 -25.12 -24.52
N PRO A 39 -2.19 -25.88 -25.15
CA PRO A 39 -3.29 -26.56 -24.46
C PRO A 39 -2.92 -27.08 -23.08
N GLY A 40 -3.68 -26.66 -22.07
CA GLY A 40 -3.43 -27.11 -20.72
C GLY A 40 -2.33 -26.34 -19.99
N GLN A 41 -1.77 -25.32 -20.63
CA GLN A 41 -0.72 -24.52 -20.01
C GLN A 41 -1.24 -23.14 -19.68
N SER A 42 -0.32 -22.28 -19.23
CA SER A 42 -0.65 -20.89 -18.88
C SER A 42 -0.23 -19.98 -20.02
N PRO A 43 -0.95 -18.88 -20.22
CA PRO A 43 -0.60 -17.94 -21.28
C PRO A 43 0.83 -17.42 -21.18
N VAL A 44 1.40 -17.06 -22.32
CA VAL A 44 2.76 -16.52 -22.37
C VAL A 44 2.73 -15.22 -23.17
N LEU A 45 3.29 -14.17 -22.59
CA LEU A 45 3.34 -12.87 -23.24
C LEU A 45 4.33 -12.92 -24.39
N LEU A 46 3.91 -12.50 -25.57
CA LEU A 46 4.77 -12.53 -26.75
C LEU A 46 5.05 -11.17 -27.34
N MET A 47 4.06 -10.29 -27.26
CA MET A 47 4.19 -8.97 -27.85
C MET A 47 3.35 -7.99 -27.05
N TYR A 48 3.82 -6.75 -26.96
CA TYR A 48 3.08 -5.73 -26.23
C TYR A 48 3.34 -4.38 -26.88
N GLN A 49 2.37 -3.48 -26.74
CA GLN A 49 2.45 -2.16 -27.34
C GLN A 49 2.69 -2.34 -28.83
N ASP A 50 1.86 -3.21 -29.42
CA ASP A 50 1.85 -3.55 -30.84
C ASP A 50 3.02 -4.35 -31.43
N PHE A 51 4.26 -3.92 -31.19
CA PHE A 51 5.40 -4.59 -31.79
C PHE A 51 6.60 -4.86 -30.89
N LYS A 52 6.48 -4.59 -29.60
CA LYS A 52 7.61 -4.82 -28.71
C LYS A 52 7.53 -6.22 -28.11
N ARG A 53 8.53 -7.04 -28.37
CA ARG A 53 8.51 -8.40 -27.83
C ARG A 53 9.37 -8.54 -26.58
N PRO A 54 8.79 -9.10 -25.52
CA PRO A 54 9.50 -9.30 -24.25
C PRO A 54 10.81 -10.03 -24.47
N SER A 55 11.76 -9.79 -23.58
CA SER A 55 13.05 -10.46 -23.68
C SER A 55 12.80 -11.95 -23.60
N GLY A 56 13.40 -12.69 -24.52
CA GLY A 56 13.21 -14.14 -24.54
C GLY A 56 12.30 -14.60 -25.65
N ILE A 57 11.73 -13.66 -26.41
CA ILE A 57 10.83 -14.02 -27.50
C ILE A 57 11.55 -13.96 -28.85
N PRO A 58 11.47 -15.03 -29.63
CA PRO A 58 12.10 -15.15 -30.95
C PRO A 58 11.85 -13.94 -31.86
N GLU A 59 12.90 -13.54 -32.57
CA GLU A 59 12.81 -12.41 -33.48
C GLU A 59 11.87 -12.77 -34.64
N ARG A 60 11.66 -14.07 -34.84
CA ARG A 60 10.78 -14.57 -35.90
C ARG A 60 9.35 -14.14 -35.66
N LEU A 61 9.06 -13.69 -34.44
CA LEU A 61 7.74 -13.21 -34.13
C LEU A 61 7.79 -11.70 -34.26
N SER A 62 7.00 -11.18 -35.19
CA SER A 62 6.94 -9.76 -35.44
C SER A 62 5.53 -9.24 -35.23
N GLY A 63 5.42 -8.14 -34.50
CA GLY A 63 4.11 -7.56 -34.23
C GLY A 63 3.92 -6.32 -35.09
N SER A 64 2.79 -6.27 -35.80
CA SER A 64 2.49 -5.13 -36.67
C SER A 64 1.09 -4.58 -36.44
N LYS A 65 0.84 -3.41 -36.99
CA LYS A 65 -0.44 -2.71 -36.90
C LYS A 65 -0.71 -1.93 -38.17
N SER A 66 -1.98 -1.72 -38.47
CA SER A 66 -2.40 -0.95 -39.64
C SER A 66 -3.89 -0.74 -39.53
N GLY A 67 -4.30 0.51 -39.39
CA GLY A 67 -5.70 0.83 -39.25
C GLY A 67 -6.30 0.14 -38.03
N LYS A 68 -7.46 -0.48 -38.22
CA LYS A 68 -8.15 -1.18 -37.14
C LYS A 68 -7.73 -2.65 -37.09
N THR A 69 -6.52 -2.94 -37.54
CA THR A 69 -6.05 -4.31 -37.53
C THR A 69 -4.66 -4.41 -36.90
N ALA A 70 -4.43 -5.52 -36.22
CA ALA A 70 -3.14 -5.80 -35.59
C ALA A 70 -2.76 -7.15 -36.19
N THR A 71 -1.47 -7.35 -36.42
CA THR A 71 -1.03 -8.59 -37.02
C THR A 71 0.20 -9.17 -36.35
N LEU A 72 0.17 -10.49 -36.15
CA LEU A 72 1.29 -11.21 -35.57
C LEU A 72 1.81 -12.11 -36.69
N THR A 73 3.00 -11.79 -37.19
CA THR A 73 3.57 -12.56 -38.27
C THR A 73 4.68 -13.45 -37.75
N ILE A 74 4.57 -14.74 -38.05
CA ILE A 74 5.56 -15.72 -37.61
C ILE A 74 6.29 -16.26 -38.84
N SER A 75 7.52 -15.81 -39.04
CA SER A 75 8.29 -16.27 -40.17
C SER A 75 9.01 -17.55 -39.77
N GLY A 76 9.24 -18.44 -40.75
CA GLY A 76 9.91 -19.69 -40.46
C GLY A 76 9.25 -20.42 -39.31
N THR A 77 7.95 -20.64 -39.42
CA THR A 77 7.21 -21.32 -38.37
C THR A 77 7.77 -22.71 -38.09
N GLN A 78 8.23 -22.90 -36.86
CA GLN A 78 8.78 -24.16 -36.40
C GLN A 78 7.57 -25.03 -35.99
N SER A 79 7.64 -25.74 -34.88
CA SER A 79 6.48 -26.54 -34.51
C SER A 79 6.08 -26.35 -33.07
N LEU A 80 6.97 -25.70 -32.31
CA LEU A 80 6.67 -25.41 -30.91
C LEU A 80 5.77 -24.19 -30.96
N ASP A 81 5.56 -23.69 -32.18
CA ASP A 81 4.71 -22.53 -32.42
C ASP A 81 3.26 -22.96 -32.40
N GLU A 82 3.03 -24.25 -32.56
CA GLU A 82 1.68 -24.77 -32.56
C GLU A 82 0.97 -24.42 -31.25
N GLY A 83 -0.27 -23.95 -31.34
CA GLY A 83 -1.00 -23.60 -30.14
C GLY A 83 -2.03 -22.52 -30.40
N ASP A 84 -2.55 -21.94 -29.33
CA ASP A 84 -3.55 -20.87 -29.43
C ASP A 84 -2.90 -19.50 -29.32
N TYR A 85 -3.49 -18.51 -29.97
CA TYR A 85 -2.97 -17.15 -29.93
C TYR A 85 -4.08 -16.12 -29.69
N TYR A 86 -3.90 -15.29 -28.68
CA TYR A 86 -4.89 -14.27 -28.34
C TYR A 86 -4.33 -12.86 -28.44
N CYS A 87 -5.12 -11.95 -28.97
CA CYS A 87 -4.70 -10.55 -29.02
C CYS A 87 -5.53 -9.91 -27.93
N GLN A 88 -5.08 -8.76 -27.44
CA GLN A 88 -5.81 -8.07 -26.38
C GLN A 88 -5.50 -6.58 -26.40
N ALA A 89 -6.51 -5.80 -25.99
CA ALA A 89 -6.39 -4.36 -25.93
C ALA A 89 -7.24 -3.85 -24.78
N TRP A 90 -7.43 -2.54 -24.72
CA TRP A 90 -8.22 -1.94 -23.66
C TRP A 90 -9.25 -0.95 -24.19
N ASP A 91 -10.00 -0.37 -23.26
CA ASP A 91 -10.99 0.64 -23.58
C ASP A 91 -11.22 1.38 -22.27
N ALA A 92 -11.52 2.66 -22.37
CA ALA A 92 -11.75 3.47 -21.19
C ALA A 92 -13.05 4.23 -21.39
N SER A 93 -13.80 4.44 -20.31
CA SER A 93 -15.05 5.15 -20.43
C SER A 93 -15.33 6.05 -19.24
N THR A 94 -14.79 7.26 -19.29
CA THR A 94 -14.97 8.24 -18.25
C THR A 94 -16.48 8.47 -18.07
N GLY A 95 -17.02 7.95 -16.97
CA GLY A 95 -18.43 8.11 -16.71
C GLY A 95 -18.85 9.56 -16.72
N VAL A 96 -20.08 9.81 -17.16
CA VAL A 96 -20.64 11.17 -17.24
C VAL A 96 -21.03 11.66 -15.84
N SER A 97 -20.99 10.76 -14.86
CA SER A 97 -21.34 11.06 -13.48
C SER A 97 -20.31 11.95 -12.79
N GLY A 98 -19.62 12.78 -13.58
CA GLY A 98 -18.61 13.65 -13.02
C GLY A 98 -17.28 12.92 -12.93
N GLY A 99 -17.13 12.10 -11.89
CA GLY A 99 -15.91 11.35 -11.70
C GLY A 99 -16.11 9.86 -11.89
N GLY A 100 -15.00 9.13 -12.02
CA GLY A 100 -15.07 7.69 -12.20
C GLY A 100 -14.80 7.29 -13.63
N THR A 101 -13.79 6.45 -13.83
CA THR A 101 -13.44 5.96 -15.15
C THR A 101 -13.35 4.46 -15.16
N LYS A 102 -14.00 3.83 -16.13
CA LYS A 102 -13.99 2.39 -16.24
C LYS A 102 -12.94 1.93 -17.24
N LEU A 103 -12.10 1.00 -16.83
CA LEU A 103 -11.09 0.44 -17.71
C LEU A 103 -11.55 -0.96 -18.11
N THR A 104 -11.16 -1.40 -19.30
CA THR A 104 -11.58 -2.72 -19.77
C THR A 104 -10.47 -3.48 -20.47
N VAL A 105 -10.32 -4.76 -20.11
CA VAL A 105 -9.35 -5.63 -20.73
C VAL A 105 -10.17 -6.45 -21.73
N LEU A 106 -9.71 -6.48 -22.98
CA LEU A 106 -10.41 -7.21 -24.04
C LEU A 106 -9.51 -8.30 -24.62
N PHE A 107 -10.10 -9.44 -24.93
CA PHE A 107 -9.36 -10.55 -25.54
C PHE A 107 -10.05 -10.98 -26.83
N GLY A 108 -9.25 -11.41 -27.81
CA GLY A 108 -9.82 -11.92 -29.02
C GLY A 108 -10.24 -13.33 -28.64
N ASP A 109 -11.00 -14.00 -29.47
CA ASP A 109 -11.41 -15.37 -29.16
C ASP A 109 -10.25 -16.34 -29.29
N GLY A 110 -9.21 -15.92 -30.00
CA GLY A 110 -8.05 -16.79 -30.15
C GLY A 110 -7.93 -17.50 -31.50
N THR A 111 -6.69 -17.77 -31.87
CA THR A 111 -6.39 -18.45 -33.11
C THR A 111 -5.60 -19.73 -32.82
N ARG A 112 -6.07 -20.85 -33.36
CA ARG A 112 -5.40 -22.12 -33.20
C ARG A 112 -4.46 -22.29 -34.38
N LEU A 113 -3.16 -22.14 -34.15
CA LEU A 113 -2.18 -22.30 -35.22
C LEU A 113 -1.82 -23.76 -35.38
N THR A 114 -1.96 -24.28 -36.59
CA THR A 114 -1.64 -25.67 -36.86
C THR A 114 -0.44 -25.81 -37.79
N VAL A 115 0.54 -26.58 -37.35
CA VAL A 115 1.74 -26.83 -38.15
C VAL A 115 1.63 -28.23 -38.74
N LEU A 116 1.23 -28.32 -40.00
CA LEU A 116 1.09 -29.61 -40.67
C LEU A 116 2.43 -30.34 -40.67
N GLY A 117 2.56 -31.32 -39.78
CA GLY A 117 3.80 -32.07 -39.67
C GLY A 117 3.79 -33.45 -40.29
N GLN A 118 2.64 -33.88 -40.79
CA GLN A 118 2.52 -35.18 -41.41
C GLN A 118 1.34 -35.19 -42.39
N PRO A 119 1.34 -36.12 -43.35
CA PRO A 119 0.29 -36.25 -44.38
C PRO A 119 -1.14 -36.31 -43.82
N LYS A 120 -2.10 -35.93 -44.65
CA LYS A 120 -3.49 -35.99 -44.22
C LYS A 120 -3.82 -37.47 -44.04
N ALA A 121 -4.46 -37.80 -42.92
CA ALA A 121 -4.84 -39.17 -42.62
C ALA A 121 -6.32 -39.24 -42.26
N ALA A 122 -7.10 -39.98 -43.05
CA ALA A 122 -8.53 -40.11 -42.80
C ALA A 122 -8.79 -40.94 -41.54
N PRO A 123 -9.92 -40.70 -40.88
CA PRO A 123 -10.28 -41.43 -39.67
C PRO A 123 -10.78 -42.84 -39.88
N SER A 124 -10.52 -43.68 -38.87
CA SER A 124 -10.98 -45.06 -38.88
C SER A 124 -12.17 -45.00 -37.92
N VAL A 125 -13.29 -45.60 -38.30
CA VAL A 125 -14.45 -45.57 -37.44
C VAL A 125 -14.90 -46.95 -37.01
N THR A 126 -15.50 -47.03 -35.83
CA THR A 126 -16.00 -48.28 -35.29
C THR A 126 -17.24 -47.97 -34.44
N LEU A 127 -18.36 -48.55 -34.82
CA LEU A 127 -19.61 -48.32 -34.10
C LEU A 127 -20.15 -49.56 -33.41
N PHE A 128 -20.30 -49.46 -32.09
CA PHE A 128 -20.80 -50.54 -31.28
C PHE A 128 -22.25 -50.28 -30.87
N PRO A 129 -23.11 -51.29 -31.01
CA PRO A 129 -24.53 -51.17 -30.66
C PRO A 129 -24.69 -51.34 -29.16
N PRO A 130 -25.91 -51.16 -28.63
CA PRO A 130 -26.09 -51.32 -27.20
C PRO A 130 -25.94 -52.79 -26.86
N SER A 131 -25.30 -53.09 -25.74
CA SER A 131 -25.13 -54.48 -25.33
C SER A 131 -26.45 -54.94 -24.74
N SER A 132 -26.57 -56.24 -24.49
CA SER A 132 -27.79 -56.78 -23.92
C SER A 132 -27.89 -56.43 -22.44
N GLU A 133 -26.74 -56.36 -21.78
CA GLU A 133 -26.69 -56.04 -20.36
C GLU A 133 -27.21 -54.64 -20.05
N GLU A 134 -26.86 -53.67 -20.89
CA GLU A 134 -27.35 -52.32 -20.67
C GLU A 134 -28.82 -52.25 -21.05
N LEU A 135 -29.16 -52.86 -22.19
CA LEU A 135 -30.54 -52.87 -22.66
C LEU A 135 -31.44 -53.43 -21.58
N GLN A 136 -30.99 -54.47 -20.88
CA GLN A 136 -31.82 -55.04 -19.83
C GLN A 136 -31.88 -54.08 -18.65
N ALA A 137 -30.81 -53.30 -18.47
CA ALA A 137 -30.78 -52.33 -17.39
C ALA A 137 -31.70 -51.19 -17.81
N ASN A 138 -32.42 -51.44 -18.90
CA ASN A 138 -33.37 -50.50 -19.45
C ASN A 138 -32.71 -49.20 -19.93
N LYS A 139 -31.56 -49.34 -20.59
CA LYS A 139 -30.83 -48.20 -21.13
C LYS A 139 -30.17 -48.67 -22.44
N ALA A 140 -29.79 -47.73 -23.29
CA ALA A 140 -29.15 -48.09 -24.56
C ALA A 140 -28.20 -46.99 -25.03
N THR A 141 -26.99 -47.38 -25.42
CA THR A 141 -26.00 -46.42 -25.88
C THR A 141 -25.24 -46.95 -27.08
N LEU A 142 -25.08 -46.13 -28.11
CA LEU A 142 -24.34 -46.51 -29.30
C LEU A 142 -22.98 -45.83 -29.21
N VAL A 143 -21.91 -46.61 -29.30
CA VAL A 143 -20.56 -46.06 -29.19
C VAL A 143 -19.81 -45.97 -30.51
N CYS A 144 -19.37 -44.76 -30.86
CA CYS A 144 -18.64 -44.54 -32.10
C CYS A 144 -17.22 -44.03 -31.81
N LEU A 145 -16.25 -44.94 -31.85
CA LEU A 145 -14.86 -44.58 -31.60
C LEU A 145 -14.21 -44.13 -32.90
N ILE A 146 -13.32 -43.14 -32.83
CA ILE A 146 -12.67 -42.63 -34.02
C ILE A 146 -11.18 -42.37 -33.75
N SER A 147 -10.31 -42.89 -34.62
CA SER A 147 -8.88 -42.70 -34.42
C SER A 147 -8.03 -42.51 -35.68
N ASP A 148 -6.72 -42.41 -35.46
CA ASP A 148 -5.73 -42.24 -36.52
C ASP A 148 -6.10 -41.26 -37.63
N PHE A 149 -6.65 -40.10 -37.25
CA PHE A 149 -6.99 -39.10 -38.25
C PHE A 149 -6.18 -37.84 -38.04
N TYR A 150 -5.71 -37.25 -39.13
CA TYR A 150 -4.91 -36.03 -39.09
C TYR A 150 -5.32 -35.08 -40.22
N PRO A 151 -5.44 -33.78 -39.92
CA PRO A 151 -5.22 -33.16 -38.61
C PRO A 151 -6.34 -33.50 -37.61
N GLY A 152 -6.16 -33.11 -36.36
CA GLY A 152 -7.14 -33.39 -35.34
C GLY A 152 -8.37 -32.52 -35.40
N ALA A 153 -9.39 -32.98 -36.11
CA ALA A 153 -10.65 -32.24 -36.25
C ALA A 153 -11.65 -33.05 -37.06
N VAL A 154 -12.83 -33.27 -36.49
CA VAL A 154 -13.87 -34.03 -37.17
C VAL A 154 -15.25 -33.63 -36.69
N THR A 155 -16.23 -33.70 -37.60
CA THR A 155 -17.60 -33.36 -37.26
C THR A 155 -18.42 -34.65 -37.36
N VAL A 156 -19.12 -34.99 -36.28
CA VAL A 156 -19.93 -36.19 -36.24
C VAL A 156 -21.41 -35.91 -36.47
N ALA A 157 -22.09 -36.86 -37.08
CA ALA A 157 -23.51 -36.74 -37.37
C ALA A 157 -24.14 -38.12 -37.26
N TRP A 158 -25.30 -38.19 -36.64
CA TRP A 158 -25.99 -39.46 -36.48
C TRP A 158 -27.34 -39.48 -37.19
N LYS A 159 -27.49 -40.39 -38.14
CA LYS A 159 -28.74 -40.50 -38.89
C LYS A 159 -29.39 -41.86 -38.71
N ALA A 160 -30.46 -41.90 -37.93
CA ALA A 160 -31.20 -43.13 -37.67
C ALA A 160 -32.04 -43.41 -38.92
N ASP A 161 -31.65 -44.43 -39.68
CA ASP A 161 -32.37 -44.75 -40.91
C ASP A 161 -32.30 -43.55 -41.84
N SER A 162 -31.07 -43.21 -42.24
CA SER A 162 -30.79 -42.08 -43.14
C SER A 162 -31.35 -40.73 -42.72
N SER A 163 -31.95 -40.65 -41.53
CA SER A 163 -32.50 -39.38 -41.06
C SER A 163 -31.76 -38.89 -39.81
N PRO A 164 -31.27 -37.64 -39.84
CA PRO A 164 -30.53 -37.03 -38.72
C PRO A 164 -31.26 -37.00 -37.37
N VAL A 165 -30.50 -36.68 -36.34
CA VAL A 165 -31.01 -36.60 -34.97
C VAL A 165 -29.93 -36.03 -34.06
N LYS A 166 -30.14 -34.81 -33.57
CA LYS A 166 -29.18 -34.13 -32.69
C LYS A 166 -29.35 -34.49 -31.21
N ALA A 167 -30.49 -35.09 -30.87
CA ALA A 167 -30.78 -35.47 -29.48
C ALA A 167 -30.18 -36.81 -29.04
N GLY A 168 -29.50 -36.78 -27.89
CA GLY A 168 -28.88 -37.98 -27.36
C GLY A 168 -27.42 -38.11 -27.70
N VAL A 169 -26.89 -37.11 -28.42
CA VAL A 169 -25.49 -37.10 -28.84
C VAL A 169 -24.55 -36.35 -27.92
N GLU A 170 -23.39 -36.96 -27.65
CA GLU A 170 -22.36 -36.39 -26.78
C GLU A 170 -20.99 -36.73 -27.40
N THR A 171 -20.32 -35.74 -27.96
CA THR A 171 -19.03 -35.96 -28.60
C THR A 171 -17.87 -35.29 -27.88
N THR A 172 -16.70 -35.93 -27.92
CA THR A 172 -15.51 -35.40 -27.28
C THR A 172 -14.74 -34.50 -28.24
N THR A 173 -13.71 -33.86 -27.72
CA THR A 173 -12.84 -33.02 -28.54
C THR A 173 -11.76 -33.98 -29.04
N PRO A 174 -10.94 -33.53 -29.99
CA PRO A 174 -9.88 -34.39 -30.51
C PRO A 174 -8.76 -34.46 -29.49
N SER A 175 -7.97 -35.54 -29.51
CA SER A 175 -6.85 -35.69 -28.60
C SER A 175 -5.71 -36.37 -29.33
N LYS A 176 -4.50 -35.91 -29.08
CA LYS A 176 -3.32 -36.46 -29.72
C LYS A 176 -3.10 -37.90 -29.26
N GLN A 177 -2.77 -38.78 -30.19
CA GLN A 177 -2.52 -40.19 -29.87
C GLN A 177 -1.03 -40.40 -29.67
N SER A 178 -0.67 -41.58 -29.21
CA SER A 178 0.74 -41.89 -28.98
C SER A 178 1.55 -41.89 -30.27
N ASN A 179 0.85 -41.95 -31.41
CA ASN A 179 1.53 -41.95 -32.71
C ASN A 179 1.39 -40.61 -33.43
N ASN A 180 0.98 -39.58 -32.68
CA ASN A 180 0.82 -38.23 -33.21
C ASN A 180 -0.42 -37.97 -34.06
N LYS A 181 -1.32 -38.93 -34.13
CA LYS A 181 -2.57 -38.73 -34.86
C LYS A 181 -3.59 -38.42 -33.79
N TYR A 182 -4.79 -37.99 -34.19
CA TYR A 182 -5.81 -37.63 -33.19
C TYR A 182 -6.95 -38.62 -33.06
N ALA A 183 -7.65 -38.55 -31.92
CA ALA A 183 -8.78 -39.44 -31.64
C ALA A 183 -9.93 -38.72 -30.95
N ALA A 184 -11.14 -39.23 -31.14
CA ALA A 184 -12.34 -38.66 -30.55
C ALA A 184 -13.44 -39.71 -30.54
N SER A 185 -14.45 -39.49 -29.72
CA SER A 185 -15.55 -40.44 -29.63
C SER A 185 -16.88 -39.73 -29.39
N SER A 186 -17.95 -40.34 -29.89
CA SER A 186 -19.29 -39.79 -29.77
C SER A 186 -20.23 -40.87 -29.25
N TYR A 187 -21.26 -40.45 -28.52
CA TYR A 187 -22.21 -41.41 -27.97
C TYR A 187 -23.64 -40.98 -28.28
N LEU A 188 -24.50 -41.96 -28.50
CA LEU A 188 -25.90 -41.68 -28.78
C LEU A 188 -26.74 -42.48 -27.79
N SER A 189 -27.54 -41.76 -27.01
CA SER A 189 -28.39 -42.39 -26.01
C SER A 189 -29.78 -42.56 -26.61
N LEU A 190 -30.43 -43.65 -26.25
CA LEU A 190 -31.76 -43.95 -26.73
C LEU A 190 -32.37 -44.77 -25.62
N THR A 191 -33.57 -45.27 -25.86
CA THR A 191 -34.23 -46.12 -24.89
C THR A 191 -34.26 -47.48 -25.55
N PRO A 192 -34.44 -48.56 -24.77
CA PRO A 192 -34.48 -49.90 -25.36
C PRO A 192 -35.49 -49.98 -26.50
N GLU A 193 -36.65 -49.38 -26.28
CA GLU A 193 -37.71 -49.37 -27.28
C GLU A 193 -37.28 -48.52 -28.46
N GLN A 194 -36.94 -47.27 -28.18
CA GLN A 194 -36.50 -46.33 -29.19
C GLN A 194 -35.47 -46.90 -30.17
N TRP A 195 -34.76 -47.94 -29.74
CA TRP A 195 -33.73 -48.57 -30.57
C TRP A 195 -34.22 -49.84 -31.27
N LYS A 196 -34.95 -50.68 -30.55
CA LYS A 196 -35.45 -51.93 -31.13
C LYS A 196 -36.50 -51.73 -32.22
N SER A 197 -37.24 -50.62 -32.14
CA SER A 197 -38.29 -50.34 -33.13
C SER A 197 -37.85 -49.56 -34.37
N HIS A 198 -36.61 -49.80 -34.80
CA HIS A 198 -36.08 -49.15 -35.99
C HIS A 198 -35.40 -50.20 -36.86
N LYS A 199 -34.82 -49.78 -37.98
CA LYS A 199 -34.15 -50.71 -38.86
C LYS A 199 -32.64 -50.60 -38.69
N SER A 200 -32.19 -49.44 -38.21
CA SER A 200 -30.77 -49.21 -37.98
C SER A 200 -30.46 -47.76 -37.60
N TYR A 201 -29.22 -47.53 -37.18
CA TYR A 201 -28.73 -46.21 -36.83
C TYR A 201 -27.35 -46.12 -37.44
N SER A 202 -26.85 -44.90 -37.67
CA SER A 202 -25.54 -44.74 -38.24
C SER A 202 -24.74 -43.57 -37.68
N CYS A 203 -23.42 -43.78 -37.60
CA CYS A 203 -22.52 -42.76 -37.11
C CYS A 203 -21.76 -42.26 -38.33
N GLN A 204 -21.93 -40.99 -38.64
CA GLN A 204 -21.26 -40.42 -39.80
C GLN A 204 -20.14 -39.45 -39.41
N VAL A 205 -18.92 -39.81 -39.80
CA VAL A 205 -17.75 -39.00 -39.48
C VAL A 205 -17.18 -38.26 -40.69
N THR A 206 -17.25 -36.93 -40.63
CA THR A 206 -16.74 -36.08 -41.70
C THR A 206 -15.39 -35.53 -41.30
N HIS A 207 -14.38 -35.79 -42.11
CA HIS A 207 -13.03 -35.32 -41.84
C HIS A 207 -12.34 -34.80 -43.10
N GLU A 208 -11.91 -33.55 -43.06
CA GLU A 208 -11.24 -32.93 -44.19
C GLU A 208 -12.05 -33.13 -45.47
N GLY A 209 -13.21 -32.50 -45.54
CA GLY A 209 -14.05 -32.63 -46.71
C GLY A 209 -14.69 -34.00 -46.87
N SER A 210 -13.86 -35.04 -47.02
CA SER A 210 -14.37 -36.40 -47.18
C SER A 210 -14.95 -36.92 -45.86
N THR A 211 -16.00 -37.72 -45.95
CA THR A 211 -16.64 -38.27 -44.76
C THR A 211 -16.91 -39.76 -44.88
N VAL A 212 -16.79 -40.47 -43.76
CA VAL A 212 -17.03 -41.91 -43.69
C VAL A 212 -18.12 -42.20 -42.67
N GLU A 213 -18.73 -43.37 -42.72
CA GLU A 213 -19.79 -43.72 -41.78
C GLU A 213 -19.88 -45.20 -41.46
N LYS A 214 -20.62 -45.52 -40.42
CA LYS A 214 -20.83 -46.90 -40.00
C LYS A 214 -22.28 -47.08 -39.57
N THR A 215 -22.77 -48.32 -39.65
CA THR A 215 -24.16 -48.59 -39.30
C THR A 215 -24.37 -49.84 -38.46
N VAL A 216 -25.40 -49.82 -37.62
CA VAL A 216 -25.73 -50.95 -36.77
C VAL A 216 -27.24 -51.11 -36.71
N ALA A 217 -27.70 -52.33 -36.53
CA ALA A 217 -29.13 -52.60 -36.45
C ALA A 217 -29.46 -53.62 -35.36
N PRO A 218 -30.68 -53.56 -34.81
CA PRO A 218 -31.10 -54.48 -33.75
C PRO A 218 -31.19 -55.92 -34.25
N THR A 219 -31.17 -56.89 -33.34
CA THR A 219 -31.26 -58.29 -33.71
C THR A 219 -32.65 -58.65 -34.21
N GLU B 1 12.14 -18.07 -8.44
CA GLU B 1 12.15 -16.73 -9.10
C GLU B 1 10.82 -16.06 -8.81
N VAL B 2 10.43 -15.09 -9.64
CA VAL B 2 9.16 -14.41 -9.44
C VAL B 2 8.09 -15.33 -10.02
N GLN B 3 7.00 -15.51 -9.27
CA GLN B 3 5.92 -16.36 -9.72
C GLN B 3 4.62 -16.13 -8.96
N LEU B 4 3.55 -16.72 -9.49
CA LEU B 4 2.25 -16.62 -8.85
C LEU B 4 1.78 -18.04 -8.70
N VAL B 5 1.49 -18.45 -7.48
CA VAL B 5 1.02 -19.80 -7.22
C VAL B 5 -0.43 -19.76 -6.77
N GLU B 6 -1.29 -20.39 -7.55
CA GLU B 6 -2.71 -20.40 -7.26
C GLU B 6 -3.11 -21.58 -6.39
N SER B 7 -4.26 -21.45 -5.73
CA SER B 7 -4.76 -22.53 -4.88
C SER B 7 -5.14 -23.73 -5.73
N GLY B 8 -5.37 -24.85 -5.08
CA GLY B 8 -5.74 -26.06 -5.81
C GLY B 8 -7.16 -26.07 -6.34
N GLY B 9 -7.36 -26.81 -7.42
CA GLY B 9 -8.69 -26.89 -8.02
C GLY B 9 -9.73 -27.55 -7.13
N GLU B 10 -11.00 -27.28 -7.42
CA GLU B 10 -12.05 -27.86 -6.63
C GLU B 10 -13.29 -28.16 -7.43
N VAL B 11 -14.20 -28.89 -6.81
CA VAL B 11 -15.48 -29.25 -7.39
C VAL B 11 -16.50 -28.85 -6.34
N LYS B 12 -17.41 -27.97 -6.72
CA LYS B 12 -18.46 -27.48 -5.83
C LYS B 12 -19.81 -27.77 -6.48
N GLN B 13 -20.89 -27.55 -5.74
CA GLN B 13 -22.21 -27.75 -6.32
C GLN B 13 -22.90 -26.40 -6.42
N PRO B 14 -23.87 -26.28 -7.33
CA PRO B 14 -24.58 -25.01 -7.49
C PRO B 14 -25.05 -24.48 -6.15
N GLY B 15 -24.95 -23.17 -5.99
CA GLY B 15 -25.39 -22.53 -4.77
C GLY B 15 -24.33 -22.33 -3.70
N GLN B 16 -23.28 -23.14 -3.72
CA GLN B 16 -22.23 -23.00 -2.72
C GLN B 16 -21.39 -21.75 -2.92
N SER B 17 -20.68 -21.35 -1.87
CA SER B 17 -19.79 -20.18 -1.93
C SER B 17 -18.38 -20.70 -2.22
N LEU B 18 -17.51 -19.81 -2.69
CA LEU B 18 -16.14 -20.20 -3.01
C LEU B 18 -15.13 -19.05 -2.97
N LYS B 19 -13.92 -19.36 -2.53
CA LYS B 19 -12.85 -18.39 -2.46
C LYS B 19 -11.52 -19.04 -2.87
N ILE B 20 -11.01 -18.66 -4.03
CA ILE B 20 -9.75 -19.19 -4.53
C ILE B 20 -8.64 -18.17 -4.33
N SER B 21 -7.40 -18.62 -4.25
CA SER B 21 -6.32 -17.66 -4.00
C SER B 21 -5.12 -17.68 -4.94
N CYS B 22 -4.28 -16.66 -4.79
CA CYS B 22 -3.09 -16.48 -5.59
C CYS B 22 -1.96 -15.78 -4.81
N LYS B 23 -0.90 -16.50 -4.52
CA LYS B 23 0.24 -15.94 -3.78
C LYS B 23 1.39 -15.62 -4.71
N SER B 24 1.83 -14.36 -4.68
CA SER B 24 2.94 -13.93 -5.51
C SER B 24 4.20 -13.99 -4.67
N SER B 25 5.35 -13.92 -5.33
CA SER B 25 6.62 -13.93 -4.64
C SER B 25 7.75 -13.54 -5.58
N GLY B 26 8.67 -12.74 -5.07
CA GLY B 26 9.81 -12.32 -5.89
C GLY B 26 9.76 -10.91 -6.44
N TYR B 27 8.67 -10.19 -6.17
CA TYR B 27 8.53 -8.83 -6.67
C TYR B 27 7.64 -8.09 -5.67
N ASN B 28 7.56 -6.76 -5.75
CA ASN B 28 6.71 -6.06 -4.80
C ASN B 28 5.26 -6.28 -5.18
N PHE B 29 4.57 -7.10 -4.40
CA PHE B 29 3.18 -7.42 -4.64
C PHE B 29 2.26 -6.22 -4.80
N LEU B 30 2.43 -5.24 -3.92
CA LEU B 30 1.60 -4.04 -3.92
C LEU B 30 1.76 -3.09 -5.12
N ASP B 31 2.82 -3.26 -5.89
CA ASP B 31 3.10 -2.35 -7.01
C ASP B 31 2.63 -2.70 -8.42
N SER B 32 1.97 -3.85 -8.59
CA SER B 32 1.51 -4.24 -9.91
C SER B 32 0.08 -4.78 -9.86
N TRP B 33 -0.76 -4.33 -10.79
CA TRP B 33 -2.13 -4.82 -10.83
C TRP B 33 -2.14 -6.33 -11.02
N ILE B 34 -3.18 -6.95 -10.46
CA ILE B 34 -3.40 -8.38 -10.58
C ILE B 34 -4.71 -8.51 -11.34
N GLY B 35 -4.67 -9.24 -12.44
CA GLY B 35 -5.87 -9.44 -13.22
C GLY B 35 -6.33 -10.87 -13.04
N TRP B 36 -7.58 -11.14 -13.39
CA TRP B 36 -8.14 -12.47 -13.30
C TRP B 36 -8.80 -12.80 -14.63
N VAL B 37 -8.47 -13.97 -15.19
CA VAL B 37 -8.98 -14.43 -16.46
C VAL B 37 -9.60 -15.82 -16.32
N ARG B 38 -10.76 -16.01 -16.96
CA ARG B 38 -11.43 -17.31 -16.92
C ARG B 38 -11.29 -17.99 -18.27
N GLN B 39 -11.31 -19.32 -18.26
CA GLN B 39 -11.23 -20.07 -19.49
C GLN B 39 -12.01 -21.37 -19.38
N ILE B 40 -13.25 -21.33 -19.85
CA ILE B 40 -14.12 -22.49 -19.82
C ILE B 40 -13.54 -23.48 -20.82
N PRO B 41 -13.64 -24.79 -20.53
CA PRO B 41 -13.11 -25.81 -21.43
C PRO B 41 -13.42 -25.57 -22.91
N GLY B 42 -12.36 -25.58 -23.73
CA GLY B 42 -12.52 -25.37 -25.15
C GLY B 42 -12.55 -23.91 -25.57
N LYS B 43 -13.17 -23.07 -24.75
CA LYS B 43 -13.29 -21.64 -25.02
C LYS B 43 -12.03 -20.78 -24.88
N GLY B 44 -12.18 -19.49 -25.18
CA GLY B 44 -11.06 -18.56 -25.09
C GLY B 44 -10.90 -17.90 -23.74
N LEU B 45 -9.94 -17.00 -23.66
CA LEU B 45 -9.67 -16.28 -22.41
C LEU B 45 -10.69 -15.18 -22.17
N GLU B 46 -11.35 -15.20 -21.01
CA GLU B 46 -12.34 -14.17 -20.67
C GLU B 46 -11.76 -13.34 -19.54
N TRP B 47 -11.96 -12.04 -19.60
CA TRP B 47 -11.46 -11.15 -18.57
C TRP B 47 -12.47 -10.98 -17.44
N ILE B 48 -12.02 -11.13 -16.21
CA ILE B 48 -12.91 -10.98 -15.06
C ILE B 48 -12.73 -9.60 -14.42
N GLY B 49 -11.48 -9.15 -14.34
CA GLY B 49 -11.21 -7.85 -13.74
C GLY B 49 -9.77 -7.68 -13.29
N ILE B 50 -9.47 -6.51 -12.75
CA ILE B 50 -8.13 -6.22 -12.25
C ILE B 50 -8.22 -5.47 -10.94
N ILE B 51 -7.25 -5.72 -10.07
CA ILE B 51 -7.22 -5.06 -8.78
C ILE B 51 -5.77 -4.67 -8.46
N TYR B 52 -5.61 -3.49 -7.87
CA TYR B 52 -4.29 -2.99 -7.48
C TYR B 52 -4.19 -3.27 -5.98
N PRO B 53 -3.29 -4.19 -5.58
CA PRO B 53 -3.06 -4.60 -4.18
C PRO B 53 -2.74 -3.53 -3.12
N ASP B 54 -2.13 -2.42 -3.53
CA ASP B 54 -1.79 -1.39 -2.55
C ASP B 54 -3.02 -0.72 -1.95
N ASP B 55 -4.02 -0.42 -2.77
CA ASP B 55 -5.24 0.20 -2.27
C ASP B 55 -6.51 -0.53 -2.67
N SER B 56 -6.35 -1.71 -3.26
CA SER B 56 -7.48 -2.54 -3.71
C SER B 56 -8.44 -1.89 -4.69
N ASP B 57 -7.95 -0.94 -5.48
CA ASP B 57 -8.79 -0.31 -6.50
C ASP B 57 -9.06 -1.43 -7.47
N ALA B 58 -10.29 -1.50 -7.98
CA ALA B 58 -10.63 -2.59 -8.89
C ALA B 58 -11.49 -2.20 -10.09
N HIS B 59 -11.35 -3.00 -11.14
CA HIS B 59 -12.10 -2.81 -12.37
C HIS B 59 -12.62 -4.20 -12.73
N TYR B 60 -13.94 -4.33 -12.80
CA TYR B 60 -14.54 -5.61 -13.13
C TYR B 60 -15.18 -5.60 -14.52
N SER B 61 -15.20 -6.77 -15.13
CA SER B 61 -15.84 -6.92 -16.44
C SER B 61 -17.33 -6.80 -16.14
N PRO B 62 -18.08 -6.00 -16.93
CA PRO B 62 -19.52 -5.85 -16.70
C PRO B 62 -20.25 -7.16 -16.44
N SER B 63 -19.71 -8.25 -16.98
CA SER B 63 -20.29 -9.59 -16.83
C SER B 63 -20.18 -10.15 -15.42
N PHE B 64 -19.10 -9.80 -14.73
CA PHE B 64 -18.85 -10.32 -13.39
C PHE B 64 -19.10 -9.39 -12.23
N GLU B 65 -19.19 -8.09 -12.50
CA GLU B 65 -19.40 -7.12 -11.44
C GLU B 65 -20.65 -7.45 -10.62
N GLY B 66 -20.45 -7.74 -9.33
CA GLY B 66 -21.56 -8.09 -8.47
C GLY B 66 -21.72 -9.60 -8.33
N GLN B 67 -21.09 -10.36 -9.22
CA GLN B 67 -21.18 -11.82 -9.18
C GLN B 67 -19.96 -12.42 -8.50
N VAL B 68 -18.84 -11.73 -8.60
CA VAL B 68 -17.61 -12.20 -7.97
C VAL B 68 -16.95 -11.00 -7.30
N THR B 69 -16.10 -11.25 -6.33
CA THR B 69 -15.42 -10.18 -5.61
C THR B 69 -13.90 -10.38 -5.56
N MET B 70 -13.16 -9.37 -5.99
CA MET B 70 -11.69 -9.42 -5.97
C MET B 70 -11.19 -8.77 -4.68
N SER B 71 -10.07 -9.26 -4.18
CA SER B 71 -9.49 -8.73 -2.95
C SER B 71 -8.11 -9.32 -2.73
N VAL B 72 -7.31 -8.64 -1.92
CA VAL B 72 -5.96 -9.11 -1.61
C VAL B 72 -5.69 -8.96 -0.12
N ASP B 73 -4.73 -9.73 0.37
CA ASP B 73 -4.31 -9.66 1.76
C ASP B 73 -2.85 -9.23 1.71
N LYS B 74 -2.61 -7.95 1.89
CA LYS B 74 -1.26 -7.40 1.84
C LYS B 74 -0.29 -8.18 2.71
N SER B 75 -0.69 -8.49 3.95
CA SER B 75 0.20 -9.18 4.88
C SER B 75 0.78 -10.49 4.36
N ILE B 76 0.20 -11.05 3.29
CA ILE B 76 0.74 -12.30 2.77
C ILE B 76 0.86 -12.35 1.24
N SER B 77 0.83 -11.19 0.60
CA SER B 77 0.96 -11.12 -0.86
C SER B 77 0.04 -12.12 -1.57
N THR B 78 -1.25 -12.01 -1.30
CA THR B 78 -2.18 -12.94 -1.92
C THR B 78 -3.46 -12.26 -2.44
N ALA B 79 -3.79 -12.56 -3.70
CA ALA B 79 -4.99 -12.02 -4.31
C ALA B 79 -6.03 -13.12 -4.21
N TYR B 80 -7.28 -12.75 -4.02
CA TYR B 80 -8.34 -13.75 -3.95
C TYR B 80 -9.45 -13.39 -4.92
N LEU B 81 -10.33 -14.35 -5.13
CA LEU B 81 -11.48 -14.17 -6.01
C LEU B 81 -12.57 -15.01 -5.37
N GLN B 82 -13.69 -14.39 -5.02
CA GLN B 82 -14.76 -15.14 -4.38
C GLN B 82 -16.17 -14.99 -4.93
N TRP B 83 -16.98 -16.00 -4.64
CA TRP B 83 -18.38 -16.07 -5.05
C TRP B 83 -19.11 -16.37 -3.76
N THR B 84 -20.33 -15.89 -3.62
CA THR B 84 -21.11 -16.27 -2.44
C THR B 84 -21.98 -17.41 -2.94
N THR B 85 -22.41 -17.31 -4.21
CA THR B 85 -23.26 -18.34 -4.83
C THR B 85 -22.76 -18.78 -6.21
N LEU B 86 -22.24 -20.01 -6.27
CA LEU B 86 -21.73 -20.56 -7.51
C LEU B 86 -22.83 -21.07 -8.44
N GLN B 87 -22.54 -21.06 -9.74
CA GLN B 87 -23.47 -21.52 -10.77
C GLN B 87 -22.70 -22.45 -11.69
N ALA B 88 -23.43 -23.25 -12.46
CA ALA B 88 -22.82 -24.19 -13.38
C ALA B 88 -22.02 -23.42 -14.43
N SER B 89 -22.47 -22.22 -14.78
CA SER B 89 -21.79 -21.40 -15.77
C SER B 89 -20.45 -20.83 -15.26
N ASP B 90 -20.13 -21.09 -14.00
CA ASP B 90 -18.87 -20.62 -13.42
C ASP B 90 -17.76 -21.66 -13.62
N THR B 91 -18.12 -22.82 -14.15
CA THR B 91 -17.15 -23.89 -14.38
C THR B 91 -16.02 -23.35 -15.28
N GLY B 92 -14.79 -23.77 -15.02
CA GLY B 92 -13.66 -23.31 -15.83
C GLY B 92 -12.34 -23.17 -15.09
N LYS B 93 -11.29 -22.82 -15.82
CA LYS B 93 -9.95 -22.66 -15.24
C LYS B 93 -9.71 -21.17 -15.03
N TYR B 94 -9.38 -20.80 -13.80
CA TYR B 94 -9.14 -19.41 -13.47
C TYR B 94 -7.67 -19.08 -13.32
N PHE B 95 -7.23 -18.09 -14.09
CA PHE B 95 -5.86 -17.67 -14.04
C PHE B 95 -5.69 -16.35 -13.29
N CYS B 96 -4.56 -16.27 -12.63
CA CYS B 96 -4.20 -15.10 -11.86
C CYS B 96 -2.98 -14.58 -12.59
N THR B 97 -2.98 -13.29 -12.92
CA THR B 97 -1.85 -12.73 -13.67
C THR B 97 -1.48 -11.31 -13.24
N ARG B 98 -0.20 -10.97 -13.38
CA ARG B 98 0.25 -9.65 -13.01
C ARG B 98 0.48 -8.79 -14.24
N LEU B 99 -0.06 -7.57 -14.19
CA LEU B 99 0.05 -6.60 -15.28
C LEU B 99 1.37 -5.86 -15.10
N TYR B 100 2.27 -6.01 -16.05
CA TYR B 100 3.55 -5.33 -15.96
C TYR B 100 3.58 -3.98 -16.65
N LEU B 101 4.24 -3.02 -16.00
CA LEU B 101 4.37 -1.68 -16.54
C LEU B 101 5.70 -1.56 -17.27
N PHE B 102 5.67 -1.40 -18.58
CA PHE B 102 6.90 -1.25 -19.35
C PHE B 102 7.17 0.24 -19.52
N GLU B 103 8.13 0.76 -18.77
CA GLU B 103 8.47 2.17 -18.86
C GLU B 103 9.54 2.41 -19.91
N GLY B 104 9.34 3.44 -20.73
CA GLY B 104 10.29 3.77 -21.78
C GLY B 104 9.85 5.06 -22.47
N ALA B 105 10.19 5.21 -23.75
CA ALA B 105 9.80 6.39 -24.52
C ALA B 105 8.32 6.65 -24.22
N GLN B 106 7.49 5.65 -24.53
CA GLN B 106 6.07 5.71 -24.25
C GLN B 106 5.79 4.40 -23.52
N SER B 107 5.33 4.51 -22.28
CA SER B 107 5.04 3.34 -21.47
C SER B 107 3.81 2.57 -21.92
N SER B 108 3.75 1.30 -21.54
CA SER B 108 2.63 0.44 -21.86
C SER B 108 2.50 -0.63 -20.81
N ASN B 109 1.47 -1.46 -20.91
CA ASN B 109 1.24 -2.54 -19.96
C ASN B 109 0.80 -3.81 -20.65
N ALA B 110 1.18 -4.95 -20.10
CA ALA B 110 0.80 -6.24 -20.63
C ALA B 110 0.95 -7.25 -19.50
N PHE B 111 0.25 -8.36 -19.59
CA PHE B 111 0.29 -9.41 -18.56
C PHE B 111 1.45 -10.36 -18.82
N ASP B 112 2.57 -10.10 -18.15
CA ASP B 112 3.76 -10.92 -18.31
C ASP B 112 3.84 -12.16 -17.42
N LEU B 113 3.31 -12.06 -16.20
CA LEU B 113 3.38 -13.17 -15.27
C LEU B 113 1.99 -13.78 -15.03
N TRP B 114 1.91 -15.12 -15.10
CA TRP B 114 0.65 -15.84 -14.92
C TRP B 114 0.77 -16.99 -13.94
N GLY B 115 -0.32 -17.28 -13.24
CA GLY B 115 -0.33 -18.40 -12.31
C GLY B 115 -0.56 -19.66 -13.13
N GLN B 116 -0.55 -20.83 -12.49
CA GLN B 116 -0.77 -22.08 -13.21
C GLN B 116 -2.26 -22.33 -13.45
N GLY B 117 -3.11 -21.55 -12.78
CA GLY B 117 -4.55 -21.71 -12.94
C GLY B 117 -5.20 -22.66 -11.94
N THR B 118 -6.43 -22.35 -11.58
CA THR B 118 -7.20 -23.15 -10.64
C THR B 118 -8.46 -23.67 -11.32
N MET B 119 -8.50 -24.97 -11.57
CA MET B 119 -9.68 -25.56 -12.22
C MET B 119 -10.85 -25.59 -11.25
N ILE B 120 -12.00 -25.08 -11.68
CA ILE B 120 -13.19 -25.11 -10.84
C ILE B 120 -14.36 -25.76 -11.57
N LEU B 121 -14.86 -26.85 -11.01
CA LEU B 121 -15.98 -27.57 -11.59
C LEU B 121 -17.22 -27.39 -10.72
N VAL B 122 -18.24 -26.73 -11.26
CA VAL B 122 -19.47 -26.55 -10.51
C VAL B 122 -20.43 -27.58 -11.08
N SER B 123 -20.76 -28.58 -10.26
CA SER B 123 -21.64 -29.66 -10.71
C SER B 123 -22.43 -30.31 -9.59
N SER B 124 -23.52 -30.96 -10.00
CA SER B 124 -24.41 -31.67 -9.08
C SER B 124 -23.90 -33.10 -8.85
N GLY B 125 -23.02 -33.55 -9.75
CA GLY B 125 -22.48 -34.88 -9.65
C GLY B 125 -21.83 -35.21 -8.34
N THR B 126 -21.83 -36.50 -8.00
CA THR B 126 -21.21 -36.98 -6.78
C THR B 126 -20.41 -38.23 -7.12
N THR B 127 -19.29 -38.39 -6.42
CA THR B 127 -18.39 -39.52 -6.61
C THR B 127 -19.10 -40.86 -6.70
N LYS B 128 -18.95 -41.55 -7.83
CA LYS B 128 -19.58 -42.84 -8.07
C LYS B 128 -18.68 -43.74 -8.89
N GLY B 129 -18.80 -45.05 -8.67
CA GLY B 129 -18.03 -45.99 -9.46
C GLY B 129 -18.80 -46.14 -10.78
N PRO B 130 -18.17 -46.68 -11.84
CA PRO B 130 -18.90 -46.83 -13.10
C PRO B 130 -19.52 -48.21 -13.34
N SER B 131 -20.50 -48.27 -14.23
CA SER B 131 -21.10 -49.53 -14.62
C SER B 131 -20.29 -49.85 -15.87
N VAL B 132 -19.86 -51.10 -16.01
CA VAL B 132 -19.06 -51.47 -17.18
C VAL B 132 -19.83 -52.44 -18.09
N PHE B 133 -19.95 -52.07 -19.36
CA PHE B 133 -20.66 -52.91 -20.32
C PHE B 133 -19.73 -53.39 -21.43
N PRO B 134 -19.86 -54.67 -21.80
CA PRO B 134 -19.01 -55.23 -22.85
C PRO B 134 -19.42 -54.77 -24.24
N LEU B 135 -18.44 -54.53 -25.10
CA LEU B 135 -18.70 -54.11 -26.47
C LEU B 135 -18.25 -55.27 -27.37
N ALA B 136 -19.05 -56.34 -27.34
CA ALA B 136 -18.77 -57.56 -28.08
C ALA B 136 -18.36 -57.39 -29.54
N PRO B 137 -17.40 -58.21 -29.99
CA PRO B 137 -16.91 -58.17 -31.37
C PRO B 137 -17.94 -58.85 -32.28
N SER B 138 -17.95 -58.50 -33.56
CA SER B 138 -18.91 -59.06 -34.49
C SER B 138 -18.43 -58.98 -35.93
N SER B 139 -19.26 -59.47 -36.84
CA SER B 139 -18.97 -59.42 -38.25
C SER B 139 -19.02 -57.95 -38.65
N LYS B 140 -19.49 -57.12 -37.72
CA LYS B 140 -19.57 -55.68 -37.92
C LYS B 140 -18.28 -55.06 -37.41
N SER B 141 -17.60 -55.79 -36.52
CA SER B 141 -16.34 -55.35 -35.93
C SER B 141 -15.14 -56.12 -36.48
N THR B 142 -15.38 -56.98 -37.47
CA THR B 142 -14.31 -57.75 -38.10
C THR B 142 -13.91 -57.16 -39.45
N SER B 143 -12.63 -56.76 -39.56
CA SER B 143 -12.12 -56.16 -40.78
C SER B 143 -11.31 -57.16 -41.61
N GLY B 144 -9.99 -56.95 -41.66
CA GLY B 144 -9.13 -57.84 -42.42
C GLY B 144 -8.43 -58.79 -41.46
N GLY B 145 -9.18 -59.74 -40.93
CA GLY B 145 -8.59 -60.69 -40.00
C GLY B 145 -8.49 -60.10 -38.61
N THR B 146 -8.95 -58.86 -38.44
CA THR B 146 -8.91 -58.22 -37.13
C THR B 146 -10.32 -57.90 -36.67
N ALA B 147 -10.56 -58.15 -35.39
CA ALA B 147 -11.87 -57.88 -34.81
C ALA B 147 -11.69 -56.85 -33.70
N ALA B 148 -12.67 -55.98 -33.56
CA ALA B 148 -12.62 -54.94 -32.54
C ALA B 148 -13.66 -55.23 -31.47
N LEU B 149 -13.21 -55.29 -30.23
CA LEU B 149 -14.09 -55.54 -29.10
C LEU B 149 -13.71 -54.53 -28.02
N GLY B 150 -14.63 -54.25 -27.11
CA GLY B 150 -14.31 -53.30 -26.08
C GLY B 150 -15.16 -53.30 -24.82
N CYS B 151 -15.00 -52.24 -24.04
CA CYS B 151 -15.73 -52.06 -22.80
C CYS B 151 -16.26 -50.64 -22.69
N LEU B 152 -17.46 -50.51 -22.16
CA LEU B 152 -18.05 -49.20 -21.97
C LEU B 152 -18.05 -48.91 -20.47
N VAL B 153 -17.27 -47.93 -20.04
CA VAL B 153 -17.20 -47.57 -18.63
C VAL B 153 -18.13 -46.37 -18.47
N LYS B 154 -19.34 -46.61 -17.99
CA LYS B 154 -20.30 -45.52 -17.87
C LYS B 154 -20.64 -44.91 -16.52
N ASP B 155 -21.02 -43.63 -16.59
CA ASP B 155 -21.44 -42.83 -15.45
C ASP B 155 -20.59 -42.84 -14.19
N TYR B 156 -19.38 -42.31 -14.30
CA TYR B 156 -18.51 -42.25 -13.14
C TYR B 156 -18.15 -40.79 -12.89
N PHE B 157 -17.62 -40.52 -11.70
CA PHE B 157 -17.24 -39.18 -11.33
C PHE B 157 -16.56 -39.24 -9.98
N PRO B 158 -15.41 -38.59 -9.84
CA PRO B 158 -14.79 -37.82 -10.93
C PRO B 158 -13.71 -38.66 -11.63
N GLU B 159 -12.74 -37.97 -12.23
CA GLU B 159 -11.64 -38.64 -12.89
C GLU B 159 -10.70 -39.11 -11.80
N PRO B 160 -9.85 -40.10 -12.10
CA PRO B 160 -9.75 -40.77 -13.39
C PRO B 160 -10.06 -42.25 -13.23
N VAL B 161 -10.14 -42.97 -14.34
CA VAL B 161 -10.35 -44.42 -14.29
C VAL B 161 -9.31 -45.03 -15.21
N THR B 162 -8.76 -46.17 -14.81
CA THR B 162 -7.78 -46.84 -15.65
C THR B 162 -8.38 -48.13 -16.17
N VAL B 163 -7.90 -48.58 -17.32
CA VAL B 163 -8.41 -49.80 -17.91
C VAL B 163 -7.27 -50.58 -18.51
N SER B 164 -7.27 -51.87 -18.25
CA SER B 164 -6.24 -52.75 -18.81
C SER B 164 -7.02 -53.95 -19.29
N TRP B 165 -6.35 -54.83 -20.02
CA TRP B 165 -6.99 -56.03 -20.54
C TRP B 165 -6.26 -57.31 -20.12
N ASN B 166 -7.03 -58.31 -19.71
CA ASN B 166 -6.47 -59.59 -19.28
C ASN B 166 -5.34 -59.41 -18.27
N SER B 167 -5.64 -58.63 -17.23
CA SER B 167 -4.69 -58.37 -16.17
C SER B 167 -3.33 -57.84 -16.63
N GLY B 168 -3.33 -57.08 -17.72
CA GLY B 168 -2.08 -56.53 -18.22
C GLY B 168 -1.34 -57.41 -19.22
N ALA B 169 -1.92 -58.55 -19.60
CA ALA B 169 -1.29 -59.45 -20.56
C ALA B 169 -1.55 -58.98 -21.98
N LEU B 170 -2.65 -58.25 -22.17
CA LEU B 170 -2.99 -57.75 -23.47
C LEU B 170 -2.78 -56.24 -23.54
N THR B 171 -1.83 -55.82 -24.37
CA THR B 171 -1.53 -54.40 -24.53
C THR B 171 -1.55 -53.94 -26.00
N SER B 172 -1.00 -54.74 -26.89
CA SER B 172 -0.99 -54.39 -28.31
C SER B 172 -2.41 -54.17 -28.81
N GLY B 173 -2.58 -53.16 -29.67
CA GLY B 173 -3.89 -52.87 -30.23
C GLY B 173 -4.93 -52.36 -29.25
N VAL B 174 -4.51 -51.98 -28.05
CA VAL B 174 -5.42 -51.45 -27.05
C VAL B 174 -5.53 -49.94 -27.17
N HIS B 175 -6.75 -49.42 -27.24
CA HIS B 175 -6.92 -47.99 -27.34
C HIS B 175 -8.02 -47.48 -26.41
N THR B 176 -7.61 -46.90 -25.28
CA THR B 176 -8.54 -46.36 -24.32
C THR B 176 -8.73 -44.88 -24.65
N PHE B 177 -9.97 -44.53 -25.01
CA PHE B 177 -10.30 -43.17 -25.39
C PHE B 177 -10.62 -42.27 -24.23
N PRO B 178 -10.23 -40.98 -24.33
CA PRO B 178 -10.52 -40.04 -23.25
C PRO B 178 -12.04 -39.97 -23.07
N ALA B 179 -12.49 -39.79 -21.84
CA ALA B 179 -13.93 -39.75 -21.53
C ALA B 179 -14.73 -38.53 -21.99
N VAL B 180 -16.06 -38.66 -21.87
CA VAL B 180 -16.97 -37.58 -22.21
C VAL B 180 -17.66 -37.17 -20.91
N LEU B 181 -17.77 -35.86 -20.69
CA LEU B 181 -18.48 -35.37 -19.52
C LEU B 181 -19.89 -35.15 -20.04
N GLN B 182 -20.82 -36.00 -19.62
CA GLN B 182 -22.20 -35.92 -20.06
C GLN B 182 -22.90 -34.67 -19.53
N SER B 183 -23.99 -34.31 -20.19
CA SER B 183 -24.78 -33.16 -19.79
C SER B 183 -25.29 -33.39 -18.37
N SER B 184 -25.26 -34.66 -17.95
CA SER B 184 -25.71 -35.05 -16.62
C SER B 184 -24.64 -34.79 -15.58
N GLY B 185 -23.42 -34.48 -16.04
CA GLY B 185 -22.34 -34.22 -15.11
C GLY B 185 -21.46 -35.44 -14.84
N LEU B 186 -21.94 -36.62 -15.22
CA LEU B 186 -21.15 -37.83 -15.01
C LEU B 186 -20.29 -38.11 -16.23
N TYR B 187 -19.18 -38.80 -16.02
CA TYR B 187 -18.30 -39.15 -17.12
C TYR B 187 -18.60 -40.56 -17.64
N SER B 188 -18.24 -40.78 -18.90
CA SER B 188 -18.38 -42.07 -19.56
C SER B 188 -17.15 -42.26 -20.43
N LEU B 189 -16.61 -43.46 -20.43
CA LEU B 189 -15.40 -43.75 -21.19
C LEU B 189 -15.48 -45.07 -21.97
N SER B 190 -14.63 -45.23 -22.97
CA SER B 190 -14.61 -46.46 -23.77
C SER B 190 -13.20 -46.90 -24.10
N SER B 191 -12.97 -48.21 -24.01
CA SER B 191 -11.68 -48.76 -24.34
C SER B 191 -11.90 -49.89 -25.31
N VAL B 192 -11.22 -49.86 -26.45
CA VAL B 192 -11.39 -50.90 -27.44
C VAL B 192 -10.05 -51.54 -27.79
N VAL B 193 -10.09 -52.82 -28.13
CA VAL B 193 -8.89 -53.55 -28.52
C VAL B 193 -9.15 -54.38 -29.77
N THR B 194 -8.30 -54.21 -30.78
CA THR B 194 -8.45 -54.99 -31.99
C THR B 194 -7.60 -56.26 -31.87
N VAL B 195 -8.24 -57.41 -32.04
CA VAL B 195 -7.55 -58.68 -31.93
C VAL B 195 -7.86 -59.56 -33.15
N PRO B 196 -7.07 -60.63 -33.36
CA PRO B 196 -7.31 -61.52 -34.51
C PRO B 196 -8.72 -62.12 -34.43
N SER B 197 -9.44 -62.09 -35.54
CA SER B 197 -10.80 -62.64 -35.59
C SER B 197 -10.80 -64.14 -35.38
N SER B 198 -9.77 -64.82 -35.89
CA SER B 198 -9.65 -66.26 -35.75
C SER B 198 -9.72 -66.71 -34.30
N SER B 199 -9.16 -65.89 -33.42
CA SER B 199 -9.11 -66.20 -31.99
C SER B 199 -10.42 -66.04 -31.21
N LEU B 200 -11.39 -65.36 -31.78
CA LEU B 200 -12.64 -65.12 -31.08
C LEU B 200 -13.26 -66.29 -30.33
N GLY B 201 -13.15 -67.50 -30.88
CA GLY B 201 -13.77 -68.63 -30.20
C GLY B 201 -12.96 -69.31 -29.11
N THR B 202 -11.69 -68.98 -28.99
CA THR B 202 -10.84 -69.63 -27.99
C THR B 202 -10.14 -68.73 -26.97
N GLN B 203 -9.98 -67.45 -27.30
CA GLN B 203 -9.29 -66.55 -26.38
C GLN B 203 -10.30 -65.78 -25.56
N THR B 204 -10.01 -65.64 -24.27
CA THR B 204 -10.87 -64.92 -23.35
C THR B 204 -10.42 -63.46 -23.21
N TYR B 205 -11.38 -62.53 -23.29
CA TYR B 205 -11.09 -61.10 -23.17
C TYR B 205 -11.83 -60.49 -22.00
N ILE B 206 -11.05 -59.86 -21.10
CA ILE B 206 -11.54 -59.22 -19.90
C ILE B 206 -10.95 -57.84 -19.74
N CYS B 207 -11.79 -56.83 -19.51
CA CYS B 207 -11.24 -55.50 -19.29
C CYS B 207 -11.25 -55.22 -17.80
N ASN B 208 -10.11 -54.77 -17.28
CA ASN B 208 -9.98 -54.48 -15.87
C ASN B 208 -10.10 -52.96 -15.67
N VAL B 209 -11.21 -52.56 -15.05
CA VAL B 209 -11.50 -51.15 -14.81
C VAL B 209 -11.26 -50.78 -13.35
N ASN B 210 -10.56 -49.67 -13.12
CA ASN B 210 -10.29 -49.25 -11.77
C ASN B 210 -10.60 -47.77 -11.56
N HIS B 211 -11.50 -47.49 -10.61
CA HIS B 211 -11.89 -46.13 -10.29
C HIS B 211 -11.51 -45.87 -8.83
N LYS B 212 -10.26 -45.48 -8.63
CA LYS B 212 -9.73 -45.17 -7.30
C LYS B 212 -10.65 -44.26 -6.46
N PRO B 213 -11.14 -43.14 -7.05
CA PRO B 213 -12.00 -42.21 -6.32
C PRO B 213 -13.13 -42.81 -5.51
N SER B 214 -13.70 -43.92 -5.98
CA SER B 214 -14.79 -44.56 -5.26
C SER B 214 -14.49 -45.99 -4.81
N ASN B 215 -13.22 -46.40 -4.96
CA ASN B 215 -12.84 -47.76 -4.57
C ASN B 215 -13.65 -48.78 -5.34
N THR B 216 -13.74 -48.59 -6.65
CA THR B 216 -14.51 -49.48 -7.49
C THR B 216 -13.60 -50.19 -8.48
N LYS B 217 -13.49 -51.49 -8.34
CA LYS B 217 -12.70 -52.30 -9.27
C LYS B 217 -13.67 -53.28 -9.91
N VAL B 218 -13.64 -53.40 -11.24
CA VAL B 218 -14.51 -54.36 -11.91
C VAL B 218 -13.92 -54.99 -13.17
N ASP B 219 -14.01 -56.31 -13.25
CA ASP B 219 -13.50 -57.06 -14.40
C ASP B 219 -14.67 -57.51 -15.25
N LYS B 220 -14.58 -57.28 -16.56
CA LYS B 220 -15.66 -57.63 -17.47
C LYS B 220 -15.24 -58.50 -18.66
N LYS B 221 -15.78 -59.72 -18.68
CA LYS B 221 -15.52 -60.68 -19.74
C LYS B 221 -16.34 -60.26 -20.95
N VAL B 222 -15.68 -60.10 -22.09
CA VAL B 222 -16.35 -59.69 -23.32
C VAL B 222 -16.39 -60.89 -24.27
N GLU B 223 -17.57 -61.49 -24.43
CA GLU B 223 -17.73 -62.65 -25.28
C GLU B 223 -18.29 -62.32 -26.66
N PRO B 224 -17.98 -63.15 -27.66
CA PRO B 224 -18.44 -62.96 -29.05
C PRO B 224 -19.95 -62.78 -29.14
N LYS B 225 -20.36 -61.79 -29.93
CA LYS B 225 -21.77 -61.44 -30.15
C LYS B 225 -22.80 -62.58 -30.09
N SER B 226 -24.06 -62.19 -29.90
CA SER B 226 -25.21 -63.09 -29.82
C SER B 226 -24.83 -64.58 -29.77
N ALA C 1 -3.99 15.41 -24.92
CA ALA C 1 -4.84 14.31 -24.40
C ALA C 1 -4.21 12.94 -24.67
N CYS C 2 -3.65 12.33 -23.64
CA CYS C 2 -3.02 11.01 -23.75
C CYS C 2 -4.01 9.94 -23.34
N GLN C 3 -3.51 8.70 -23.28
CA GLN C 3 -4.34 7.58 -22.89
C GLN C 3 -3.67 6.89 -21.73
N ALA C 4 -3.29 7.70 -20.74
CA ALA C 4 -2.64 7.20 -19.52
C ALA C 4 -3.66 7.28 -18.40
N PHE C 5 -3.54 6.38 -17.44
CA PHE C 5 -4.46 6.35 -16.31
C PHE C 5 -3.66 6.11 -15.05
N TYR C 6 -3.96 6.91 -14.00
CA TYR C 6 -3.25 6.81 -12.72
C TYR C 6 -1.84 7.30 -12.96
N ALA C 7 -1.69 8.27 -13.86
CA ALA C 7 -0.39 8.83 -14.17
C ALA C 7 0.29 9.39 -12.94
N SER C 8 -0.50 10.05 -12.09
CA SER C 8 0.03 10.64 -10.86
C SER C 8 0.66 9.60 -9.93
N SER C 9 0.61 8.33 -10.32
CA SER C 9 1.19 7.23 -9.56
C SER C 9 2.07 6.44 -10.55
N PRO C 10 3.35 6.83 -10.67
CA PRO C 10 4.32 6.21 -11.57
C PRO C 10 4.39 4.68 -11.52
N ARG C 11 3.72 4.07 -10.55
CA ARG C 11 3.78 2.62 -10.45
C ARG C 11 2.42 1.96 -10.67
N LYS C 12 1.37 2.77 -10.60
CA LYS C 12 0.00 2.29 -10.79
C LYS C 12 -0.55 2.71 -12.13
N SER C 13 0.32 3.25 -12.99
CA SER C 13 -0.12 3.73 -14.29
C SER C 13 -0.34 2.65 -15.35
N ILE C 14 -1.42 2.82 -16.10
CA ILE C 14 -1.80 1.91 -17.16
C ILE C 14 -1.91 2.74 -18.44
N HIS C 15 -1.10 2.41 -19.45
CA HIS C 15 -1.13 3.15 -20.70
C HIS C 15 -1.86 2.37 -21.80
N ILE C 16 -2.99 2.93 -22.22
CA ILE C 16 -3.87 2.32 -23.21
C ILE C 16 -3.46 2.45 -24.68
N GLY C 17 -2.80 3.55 -25.03
CA GLY C 17 -2.39 3.74 -26.40
C GLY C 17 -1.56 5.00 -26.60
N ALA C 18 -1.28 5.32 -27.86
CA ALA C 18 -0.49 6.50 -28.18
C ALA C 18 -1.22 7.78 -27.77
N CYS C 19 -0.46 8.75 -27.32
CA CYS C 19 -1.06 10.02 -26.91
C CYS C 19 -1.62 10.74 -28.12
N ALA C 20 -2.69 11.50 -27.90
CA ALA C 20 -3.34 12.25 -28.97
C ALA C 20 -3.41 11.40 -30.23
N SER D 1 9.30 3.38 28.60
CA SER D 1 9.19 4.67 29.32
C SER D 1 10.48 5.02 30.06
N TYR D 2 11.40 4.06 30.10
CA TYR D 2 12.69 4.25 30.76
C TYR D 2 13.50 5.34 30.08
N ASP D 3 14.33 6.02 30.85
CA ASP D 3 15.15 7.12 30.32
C ASP D 3 16.37 6.60 29.57
N LEU D 4 16.82 7.41 28.62
CA LEU D 4 18.01 7.12 27.86
C LEU D 4 18.95 8.27 28.27
N THR D 5 20.12 7.92 28.79
CA THR D 5 21.05 8.94 29.25
C THR D 5 22.34 9.04 28.46
N GLN D 6 22.62 10.23 27.94
CA GLN D 6 23.85 10.44 27.18
C GLN D 6 24.50 11.77 27.56
N PRO D 7 25.84 11.83 27.51
CA PRO D 7 26.57 13.04 27.85
C PRO D 7 26.13 14.21 26.99
N PRO D 8 25.65 15.29 27.61
CA PRO D 8 25.24 16.41 26.77
C PRO D 8 26.43 16.96 25.97
N SER D 9 27.63 16.87 26.55
CA SER D 9 28.83 17.35 25.87
C SER D 9 29.95 16.32 25.79
N VAL D 10 30.66 16.34 24.66
CA VAL D 10 31.79 15.47 24.41
C VAL D 10 32.71 16.27 23.48
N SER D 11 33.96 16.47 23.89
CA SER D 11 34.93 17.22 23.10
C SER D 11 36.12 16.37 22.69
N VAL D 12 36.61 16.62 21.48
CA VAL D 12 37.75 15.88 20.98
C VAL D 12 38.49 16.74 19.94
N SER D 13 39.75 16.39 19.68
CA SER D 13 40.53 17.13 18.71
C SER D 13 40.47 16.40 17.37
N PRO D 14 40.58 17.14 16.26
CA PRO D 14 40.54 16.52 14.93
C PRO D 14 41.44 15.29 14.86
N GLY D 15 40.93 14.23 14.24
CA GLY D 15 41.71 13.01 14.13
C GLY D 15 41.58 12.05 15.29
N GLN D 16 41.20 12.56 16.46
CA GLN D 16 41.05 11.70 17.63
C GLN D 16 39.72 10.94 17.60
N THR D 17 39.62 9.91 18.42
CA THR D 17 38.43 9.09 18.52
C THR D 17 37.41 9.67 19.49
N ALA D 18 36.15 9.69 19.07
CA ALA D 18 35.09 10.23 19.92
C ALA D 18 34.13 9.12 20.36
N SER D 19 33.88 9.05 21.66
CA SER D 19 32.98 8.03 22.22
C SER D 19 31.74 8.67 22.83
N ILE D 20 30.58 8.20 22.38
CA ILE D 20 29.33 8.74 22.90
C ILE D 20 28.45 7.61 23.44
N SER D 21 28.26 7.61 24.75
CA SER D 21 27.46 6.60 25.43
C SER D 21 25.97 6.97 25.55
N CYS D 22 25.18 5.96 25.89
CA CYS D 22 23.74 6.08 26.03
C CYS D 22 23.32 4.85 26.80
N SER D 23 22.68 5.04 27.94
CA SER D 23 22.25 3.91 28.75
C SER D 23 20.84 4.02 29.30
N GLY D 24 20.18 2.87 29.42
CA GLY D 24 18.82 2.80 29.92
C GLY D 24 18.60 1.45 30.59
N ASP D 25 17.60 1.35 31.45
CA ASP D 25 17.37 0.08 32.15
C ASP D 25 16.95 -1.08 31.27
N LYS D 26 16.42 -0.79 30.09
CA LYS D 26 15.98 -1.85 29.21
C LYS D 26 16.87 -2.06 28.00
N LEU D 27 17.92 -1.26 27.87
CA LEU D 27 18.82 -1.40 26.72
C LEU D 27 19.47 -2.77 26.55
N ASP D 28 19.49 -3.59 27.58
CA ASP D 28 20.10 -4.91 27.45
C ASP D 28 19.33 -5.82 26.50
N ASP D 29 18.05 -5.51 26.26
CA ASP D 29 17.22 -6.30 25.35
C ASP D 29 16.38 -5.40 24.42
N LYS D 30 16.95 -4.28 24.03
CA LYS D 30 16.29 -3.34 23.14
C LYS D 30 17.33 -2.79 22.16
N TYR D 31 17.03 -2.83 20.86
CA TYR D 31 17.95 -2.28 19.87
C TYR D 31 17.95 -0.77 20.02
N VAL D 32 19.07 -0.13 19.71
CA VAL D 32 19.10 1.34 19.76
C VAL D 32 19.60 1.82 18.40
N SER D 33 19.12 2.98 18.00
CA SER D 33 19.52 3.56 16.73
C SER D 33 20.15 4.89 17.12
N TRP D 34 21.00 5.40 16.25
CA TRP D 34 21.66 6.69 16.48
C TRP D 34 21.33 7.63 15.33
N TYR D 35 21.17 8.91 15.65
CA TYR D 35 20.86 9.92 14.65
C TYR D 35 21.79 11.11 14.84
N TYR D 36 22.20 11.71 13.73
CA TYR D 36 23.05 12.89 13.74
C TYR D 36 22.26 14.09 13.22
N GLN D 37 22.54 15.28 13.72
CA GLN D 37 21.83 16.47 13.27
C GLN D 37 22.62 17.76 13.46
N ARG D 38 22.97 18.42 12.36
CA ARG D 38 23.67 19.69 12.49
C ARG D 38 22.56 20.70 12.75
N PRO D 39 22.81 21.66 13.65
CA PRO D 39 21.84 22.71 14.01
C PRO D 39 21.11 23.33 12.83
N GLY D 40 19.78 23.31 12.89
CA GLY D 40 18.96 23.89 11.84
C GLY D 40 18.50 22.90 10.77
N GLN D 41 19.19 21.77 10.64
CA GLN D 41 18.86 20.78 9.63
C GLN D 41 18.02 19.62 10.16
N SER D 42 17.75 18.67 9.28
CA SER D 42 16.96 17.48 9.62
C SER D 42 17.88 16.35 10.10
N PRO D 43 17.40 15.55 11.05
CA PRO D 43 18.17 14.42 11.58
C PRO D 43 18.59 13.43 10.49
N VAL D 44 19.76 12.83 10.65
CA VAL D 44 20.24 11.85 9.70
C VAL D 44 20.40 10.57 10.47
N LEU D 45 19.89 9.47 9.90
CA LEU D 45 20.00 8.16 10.52
C LEU D 45 21.39 7.67 10.22
N LEU D 46 22.09 7.18 11.24
CA LEU D 46 23.45 6.70 11.02
C LEU D 46 23.76 5.34 11.64
N MET D 47 22.79 4.76 12.34
CA MET D 47 22.99 3.47 12.97
C MET D 47 21.66 2.94 13.48
N TYR D 48 21.42 1.65 13.22
CA TYR D 48 20.18 1.00 13.63
C TYR D 48 20.49 -0.43 14.04
N GLN D 49 19.61 -1.03 14.82
CA GLN D 49 19.79 -2.38 15.34
C GLN D 49 21.16 -2.48 16.01
N ASP D 50 21.50 -1.45 16.78
CA ASP D 50 22.76 -1.37 17.51
C ASP D 50 24.04 -1.09 16.72
N PHE D 51 24.38 -1.98 15.79
CA PHE D 51 25.61 -1.84 15.02
C PHE D 51 25.47 -1.79 13.50
N LYS D 52 24.25 -1.62 13.00
CA LYS D 52 23.98 -1.58 11.56
C LYS D 52 24.10 -0.20 10.92
N ARG D 53 24.95 -0.07 9.90
CA ARG D 53 25.12 1.21 9.22
C ARG D 53 24.29 1.32 7.95
N PRO D 54 23.33 2.25 7.90
CA PRO D 54 22.58 2.32 6.64
C PRO D 54 23.60 2.64 5.55
N SER D 55 23.27 2.36 4.29
CA SER D 55 24.21 2.62 3.21
C SER D 55 24.57 4.09 3.14
N GLY D 56 25.85 4.39 2.91
CA GLY D 56 26.28 5.77 2.81
C GLY D 56 26.95 6.36 4.04
N ILE D 57 26.79 5.70 5.19
CA ILE D 57 27.41 6.19 6.41
C ILE D 57 28.83 5.62 6.51
N PRO D 58 29.83 6.49 6.69
CA PRO D 58 31.22 6.06 6.79
C PRO D 58 31.52 5.04 7.89
N GLU D 59 32.48 4.16 7.59
CA GLU D 59 32.88 3.12 8.52
C GLU D 59 33.54 3.67 9.78
N ARG D 60 33.99 4.92 9.75
CA ARG D 60 34.62 5.53 10.91
C ARG D 60 33.68 5.39 12.11
N LEU D 61 32.39 5.62 11.85
CA LEU D 61 31.38 5.52 12.89
C LEU D 61 31.04 4.07 13.14
N SER D 62 31.18 3.65 14.40
CA SER D 62 30.89 2.28 14.76
C SER D 62 29.94 2.19 15.94
N GLY D 63 28.90 1.38 15.78
CA GLY D 63 27.92 1.21 16.85
C GLY D 63 28.17 -0.07 17.62
N SER D 64 27.99 -0.03 18.93
CA SER D 64 28.20 -1.20 19.77
C SER D 64 27.23 -1.24 20.97
N LYS D 65 27.16 -2.40 21.60
CA LYS D 65 26.29 -2.60 22.76
C LYS D 65 26.99 -3.44 23.81
N SER D 66 26.72 -3.12 25.08
CA SER D 66 27.28 -3.85 26.19
C SER D 66 26.41 -3.62 27.40
N GLY D 67 25.67 -4.66 27.78
CA GLY D 67 24.77 -4.54 28.92
C GLY D 67 23.71 -3.50 28.63
N LYS D 68 23.50 -2.61 29.59
CA LYS D 68 22.51 -1.56 29.43
C LYS D 68 23.13 -0.32 28.80
N THR D 69 24.23 -0.50 28.06
CA THR D 69 24.88 0.65 27.45
C THR D 69 25.16 0.51 25.94
N ALA D 70 24.78 1.52 25.18
CA ALA D 70 25.01 1.52 23.75
C ALA D 70 26.09 2.58 23.56
N THR D 71 26.98 2.34 22.61
CA THR D 71 28.05 3.29 22.36
C THR D 71 28.25 3.54 20.88
N LEU D 72 28.49 4.79 20.54
CA LEU D 72 28.76 5.16 19.15
C LEU D 72 30.20 5.71 19.16
N THR D 73 31.11 5.00 18.50
CA THR D 73 32.49 5.44 18.46
C THR D 73 32.86 5.99 17.10
N ILE D 74 33.39 7.21 17.10
CA ILE D 74 33.80 7.88 15.89
C ILE D 74 35.32 7.87 15.77
N SER D 75 35.84 7.17 14.75
CA SER D 75 37.28 7.13 14.53
C SER D 75 37.67 8.33 13.68
N GLY D 76 38.86 8.88 13.94
CA GLY D 76 39.34 10.02 13.19
C GLY D 76 38.28 11.09 12.97
N THR D 77 37.81 11.69 14.06
CA THR D 77 36.79 12.73 14.00
C THR D 77 37.24 13.95 13.20
N GLN D 78 36.28 14.62 12.58
CA GLN D 78 36.54 15.82 11.79
C GLN D 78 35.51 16.87 12.18
N SER D 79 35.69 18.10 11.70
CA SER D 79 34.77 19.18 12.02
C SER D 79 33.35 18.95 11.52
N LEU D 80 33.19 18.39 10.33
CA LEU D 80 31.86 18.14 9.80
C LEU D 80 31.17 17.03 10.58
N ASP D 81 31.82 16.58 11.65
CA ASP D 81 31.26 15.55 12.51
C ASP D 81 30.60 16.24 13.70
N GLU D 82 31.02 17.45 14.02
CA GLU D 82 30.42 18.14 15.14
C GLU D 82 28.96 18.47 14.85
N GLY D 83 28.13 18.33 15.86
CA GLY D 83 26.70 18.57 15.76
C GLY D 83 26.07 17.76 16.87
N ASP D 84 24.77 17.51 16.81
CA ASP D 84 24.13 16.73 17.85
C ASP D 84 23.94 15.26 17.48
N TYR D 85 24.04 14.40 18.49
CA TYR D 85 23.86 12.98 18.28
C TYR D 85 22.83 12.51 19.28
N TYR D 86 21.83 11.79 18.79
CA TYR D 86 20.78 11.28 19.65
C TYR D 86 20.67 9.78 19.53
N CYS D 87 20.36 9.13 20.64
CA CYS D 87 20.17 7.69 20.59
C CYS D 87 18.68 7.51 20.82
N GLN D 88 18.16 6.38 20.37
CA GLN D 88 16.74 6.10 20.55
C GLN D 88 16.51 4.60 20.67
N ALA D 89 15.47 4.25 21.39
CA ALA D 89 15.10 2.87 21.61
C ALA D 89 13.59 2.84 21.65
N TRP D 90 13.03 1.67 21.91
CA TRP D 90 11.58 1.51 21.99
C TRP D 90 11.22 0.88 23.33
N ASP D 91 9.93 0.77 23.57
CA ASP D 91 9.43 0.13 24.77
C ASP D 91 8.03 -0.33 24.45
N ALA D 92 7.53 -1.28 25.22
CA ALA D 92 6.21 -1.83 24.98
C ALA D 92 5.55 -2.21 26.29
N SER D 93 4.27 -1.82 26.43
CA SER D 93 3.50 -2.11 27.63
C SER D 93 2.48 -3.17 27.26
N THR D 94 2.29 -4.15 28.13
CA THR D 94 1.34 -5.22 27.87
C THR D 94 -0.09 -4.77 28.14
N GLY D 95 -1.02 -5.22 27.31
CA GLY D 95 -2.42 -4.84 27.47
C GLY D 95 -2.92 -5.00 28.89
N VAL D 96 -2.63 -6.15 29.51
CA VAL D 96 -3.06 -6.46 30.88
C VAL D 96 -4.56 -6.67 31.00
N SER D 97 -5.30 -5.57 31.07
CA SER D 97 -6.76 -5.60 31.21
C SER D 97 -7.47 -5.70 29.86
N GLY D 98 -7.37 -4.63 29.07
CA GLY D 98 -8.01 -4.62 27.76
C GLY D 98 -7.13 -4.03 26.67
N GLY D 99 -7.37 -4.45 25.43
CA GLY D 99 -6.59 -3.94 24.31
C GLY D 99 -5.30 -4.70 24.02
N GLY D 100 -4.42 -4.07 23.25
CA GLY D 100 -3.17 -4.71 22.91
C GLY D 100 -1.97 -4.05 23.54
N THR D 101 -0.83 -4.11 22.85
CA THR D 101 0.41 -3.55 23.33
C THR D 101 0.61 -2.07 23.00
N LYS D 102 1.20 -1.34 23.94
CA LYS D 102 1.48 0.08 23.75
C LYS D 102 2.94 0.22 23.36
N LEU D 103 3.21 0.97 22.29
CA LEU D 103 4.58 1.14 21.85
C LEU D 103 5.04 2.56 22.10
N THR D 104 6.31 2.70 22.46
CA THR D 104 6.87 4.02 22.73
C THR D 104 8.25 4.19 22.09
N VAL D 105 8.48 5.37 21.54
CA VAL D 105 9.76 5.72 20.94
C VAL D 105 10.49 6.58 21.95
N LEU D 106 11.68 6.16 22.34
CA LEU D 106 12.47 6.91 23.30
C LEU D 106 13.68 7.57 22.66
N PHE D 107 13.99 8.78 23.13
CA PHE D 107 15.12 9.55 22.66
C PHE D 107 15.98 9.99 23.84
N GLY D 108 17.28 10.02 23.63
CA GLY D 108 18.17 10.49 24.68
C GLY D 108 18.17 12.00 24.49
N ASP D 109 18.65 12.76 25.48
CA ASP D 109 18.66 14.22 25.34
C ASP D 109 19.59 14.75 24.27
N GLY D 110 20.47 13.88 23.77
CA GLY D 110 21.40 14.31 22.75
C GLY D 110 22.77 14.69 23.28
N THR D 111 23.77 14.48 22.44
CA THR D 111 25.15 14.77 22.76
C THR D 111 25.68 15.70 21.67
N ARG D 112 26.09 16.89 22.09
CA ARG D 112 26.67 17.87 21.17
C ARG D 112 28.15 17.54 21.07
N LEU D 113 28.60 17.20 19.88
CA LEU D 113 30.01 16.87 19.69
C LEU D 113 30.81 18.09 19.29
N THR D 114 31.74 18.49 20.15
CA THR D 114 32.59 19.62 19.86
C THR D 114 33.94 19.14 19.38
N VAL D 115 34.35 19.62 18.22
CA VAL D 115 35.65 19.25 17.66
C VAL D 115 36.53 20.50 17.79
N LEU D 116 37.50 20.42 18.70
CA LEU D 116 38.41 21.54 18.94
C LEU D 116 39.25 21.86 17.70
N GLY D 117 38.78 22.79 16.88
CA GLY D 117 39.49 23.15 15.67
C GLY D 117 40.42 24.34 15.75
N GLN D 118 40.53 24.96 16.93
CA GLN D 118 41.41 26.10 17.14
C GLN D 118 41.66 26.30 18.63
N PRO D 119 42.67 27.12 19.00
CA PRO D 119 43.03 27.39 20.40
C PRO D 119 41.97 28.09 21.26
N LYS D 120 42.02 27.82 22.56
CA LYS D 120 41.08 28.45 23.48
C LYS D 120 41.22 29.95 23.31
N ALA D 121 40.09 30.66 23.29
CA ALA D 121 40.06 32.10 23.12
C ALA D 121 39.03 32.70 24.07
N ALA D 122 39.51 33.57 24.98
CA ALA D 122 38.66 34.21 25.97
C ALA D 122 37.68 35.23 25.39
N PRO D 123 36.49 35.32 25.99
CA PRO D 123 35.47 36.28 25.54
C PRO D 123 35.87 37.72 25.78
N SER D 124 35.48 38.59 24.85
CA SER D 124 35.77 40.01 24.96
C SER D 124 34.43 40.68 25.22
N VAL D 125 34.10 40.80 26.50
CA VAL D 125 32.85 41.41 26.94
C VAL D 125 32.81 42.94 26.88
N THR D 126 31.62 43.46 26.58
CA THR D 126 31.37 44.89 26.52
C THR D 126 30.00 45.11 27.14
N LEU D 127 29.94 45.96 28.16
CA LEU D 127 28.68 46.24 28.84
C LEU D 127 28.23 47.68 28.60
N PHE D 128 26.95 47.84 28.31
CA PHE D 128 26.39 49.15 28.05
C PHE D 128 25.28 49.47 29.06
N PRO D 129 25.35 50.66 29.67
CA PRO D 129 24.34 51.07 30.65
C PRO D 129 23.07 51.51 29.94
N PRO D 130 21.98 51.73 30.68
CA PRO D 130 20.76 52.16 30.00
C PRO D 130 20.95 53.54 29.41
N SER D 131 20.36 53.78 28.24
CA SER D 131 20.45 55.07 27.58
C SER D 131 19.51 56.07 28.24
N SER D 132 19.83 57.35 28.13
CA SER D 132 19.01 58.39 28.73
C SER D 132 17.67 58.51 28.03
N GLU D 133 17.61 58.09 26.77
CA GLU D 133 16.38 58.15 26.02
C GLU D 133 15.39 57.10 26.50
N GLU D 134 15.93 55.94 26.87
CA GLU D 134 15.09 54.84 27.35
C GLU D 134 14.57 55.14 28.75
N LEU D 135 15.43 55.71 29.59
CA LEU D 135 15.05 56.05 30.95
C LEU D 135 13.85 56.97 30.91
N GLN D 136 13.83 57.85 29.91
CA GLN D 136 12.72 58.77 29.72
C GLN D 136 11.45 57.99 29.43
N ALA D 137 11.62 56.85 28.77
CA ALA D 137 10.49 55.99 28.43
C ALA D 137 10.18 55.17 29.68
N ASN D 138 10.78 55.58 30.79
CA ASN D 138 10.59 54.94 32.08
C ASN D 138 11.00 53.47 32.02
N LYS D 139 12.02 53.18 31.22
CA LYS D 139 12.52 51.81 31.08
C LYS D 139 14.03 51.85 31.30
N ALA D 140 14.64 50.68 31.45
CA ALA D 140 16.07 50.60 31.65
C ALA D 140 16.56 49.20 31.28
N THR D 141 17.60 49.14 30.46
CA THR D 141 18.16 47.88 30.01
C THR D 141 19.69 47.95 29.97
N LEU D 142 20.34 47.01 30.63
CA LEU D 142 21.81 46.95 30.62
C LEU D 142 22.12 45.91 29.55
N VAL D 143 22.98 46.30 28.60
CA VAL D 143 23.33 45.41 27.51
C VAL D 143 24.75 44.87 27.61
N CYS D 144 24.85 43.55 27.75
CA CYS D 144 26.14 42.88 27.84
C CYS D 144 26.37 42.06 26.57
N LEU D 145 27.29 42.52 25.72
CA LEU D 145 27.64 41.85 24.47
C LEU D 145 28.91 41.04 24.67
N ILE D 146 28.92 39.81 24.15
CA ILE D 146 30.07 38.92 24.29
C ILE D 146 30.53 38.38 22.94
N SER D 147 31.82 38.49 22.66
CA SER D 147 32.35 38.04 21.38
C SER D 147 33.78 37.46 21.32
N ASP D 148 34.10 36.83 20.19
CA ASP D 148 35.42 36.27 19.96
C ASP D 148 35.90 35.25 20.98
N PHE D 149 35.07 34.28 21.33
CA PHE D 149 35.50 33.27 22.27
C PHE D 149 35.41 31.87 21.66
N TYR D 150 36.23 30.95 22.17
CA TYR D 150 36.25 29.58 21.69
C TYR D 150 36.80 28.66 22.78
N PRO D 151 36.15 27.51 22.99
CA PRO D 151 34.96 27.01 22.29
C PRO D 151 33.68 27.82 22.57
N GLY D 152 32.68 27.64 21.70
CA GLY D 152 31.44 28.37 21.83
C GLY D 152 30.47 28.07 22.96
N ALA D 153 30.80 28.48 24.17
CA ALA D 153 29.91 28.26 25.29
C ALA D 153 30.33 29.04 26.52
N VAL D 154 29.43 29.86 27.05
CA VAL D 154 29.73 30.65 28.24
C VAL D 154 28.53 30.71 29.16
N THR D 155 28.71 31.39 30.28
CA THR D 155 27.64 31.55 31.25
C THR D 155 27.69 33.00 31.73
N VAL D 156 26.52 33.61 31.87
CA VAL D 156 26.44 35.00 32.29
C VAL D 156 25.86 35.14 33.70
N ALA D 157 26.40 36.08 34.47
CA ALA D 157 25.94 36.33 35.82
C ALA D 157 25.87 37.84 36.03
N TRP D 158 24.97 38.28 36.90
CA TRP D 158 24.83 39.70 37.17
C TRP D 158 24.82 40.03 38.66
N LYS D 159 25.20 41.25 39.00
CA LYS D 159 25.24 41.69 40.38
C LYS D 159 24.66 43.11 40.52
N ALA D 160 24.05 43.38 41.67
CA ALA D 160 23.48 44.69 41.94
C ALA D 160 24.53 45.51 42.72
N ASP D 161 25.44 44.78 43.36
CA ASP D 161 26.53 45.34 44.16
C ASP D 161 27.22 44.16 44.86
N SER D 162 27.87 43.33 44.05
CA SER D 162 28.57 42.14 44.54
C SER D 162 27.57 41.07 44.99
N SER D 163 26.28 41.37 44.78
CA SER D 163 25.20 40.45 45.13
C SER D 163 24.49 39.93 43.89
N PRO D 164 24.35 38.60 43.77
CA PRO D 164 23.68 37.94 42.64
C PRO D 164 22.33 38.54 42.27
N VAL D 165 21.92 38.34 41.02
CA VAL D 165 20.64 38.81 40.51
C VAL D 165 20.17 37.77 39.51
N LYS D 166 18.97 37.25 39.70
CA LYS D 166 18.43 36.23 38.81
C LYS D 166 17.14 36.67 38.13
N ALA D 167 16.70 37.88 38.41
CA ALA D 167 15.47 38.43 37.83
C ALA D 167 15.72 39.48 36.74
N GLY D 168 14.94 39.41 35.67
CA GLY D 168 15.06 40.36 34.58
C GLY D 168 16.25 40.14 33.65
N VAL D 169 16.72 38.90 33.59
CA VAL D 169 17.86 38.53 32.75
C VAL D 169 17.47 37.64 31.57
N GLU D 170 17.97 37.99 30.38
CA GLU D 170 17.69 37.24 29.16
C GLU D 170 19.02 37.05 28.42
N THR D 171 19.38 35.80 28.14
CA THR D 171 20.64 35.54 27.46
C THR D 171 20.48 34.64 26.24
N THR D 172 21.11 35.04 25.14
CA THR D 172 21.03 34.26 23.91
C THR D 172 21.91 33.02 23.93
N THR D 173 21.79 32.26 22.85
CA THR D 173 22.55 31.05 22.61
C THR D 173 23.85 31.51 21.99
N PRO D 174 24.89 30.67 22.03
CA PRO D 174 26.13 31.15 21.41
C PRO D 174 25.96 30.99 19.90
N SER D 175 26.58 31.87 19.13
CA SER D 175 26.48 31.80 17.67
C SER D 175 27.84 31.98 17.03
N LYS D 176 28.08 31.26 15.94
CA LYS D 176 29.35 31.34 15.23
C LYS D 176 29.47 32.65 14.46
N GLN D 177 30.64 33.28 14.59
CA GLN D 177 30.93 34.55 13.92
C GLN D 177 31.62 34.25 12.60
N SER D 178 31.88 35.29 11.82
CA SER D 178 32.54 35.12 10.53
C SER D 178 33.92 34.52 10.70
N ASN D 179 34.59 34.86 11.80
CA ASN D 179 35.93 34.35 12.07
C ASN D 179 35.92 32.99 12.75
N ASN D 180 34.75 32.36 12.80
CA ASN D 180 34.58 31.06 13.41
C ASN D 180 34.67 31.01 14.93
N LYS D 181 34.62 32.16 15.57
CA LYS D 181 34.62 32.22 17.02
C LYS D 181 33.15 32.46 17.32
N TYR D 182 32.73 32.37 18.58
CA TYR D 182 31.31 32.56 18.88
C TYR D 182 30.97 33.85 19.60
N ALA D 183 29.70 34.24 19.52
CA ALA D 183 29.20 35.45 20.16
C ALA D 183 27.89 35.19 20.90
N ALA D 184 27.56 36.08 21.84
CA ALA D 184 26.34 35.93 22.61
C ALA D 184 26.06 37.23 23.34
N SER D 185 24.84 37.36 23.87
CA SER D 185 24.46 38.57 24.59
C SER D 185 23.49 38.28 25.73
N SER D 186 23.53 39.16 26.73
CA SER D 186 22.68 39.04 27.92
C SER D 186 22.09 40.41 28.19
N TYR D 187 20.85 40.42 28.67
CA TYR D 187 20.16 41.66 28.97
C TYR D 187 19.60 41.68 30.38
N LEU D 188 19.74 42.81 31.05
CA LEU D 188 19.21 42.97 32.38
C LEU D 188 18.18 44.06 32.23
N SER D 189 16.95 43.79 32.64
CA SER D 189 15.88 44.76 32.51
C SER D 189 15.34 45.16 33.87
N LEU D 190 15.70 46.37 34.31
CA LEU D 190 15.23 46.86 35.59
C LEU D 190 14.51 48.18 35.42
N THR D 191 13.94 48.71 36.49
CA THR D 191 13.22 49.97 36.42
C THR D 191 14.19 51.14 36.53
N PRO D 192 13.77 52.32 36.04
CA PRO D 192 14.62 53.52 36.10
C PRO D 192 15.03 53.82 37.54
N GLU D 193 14.20 53.40 38.48
CA GLU D 193 14.46 53.61 39.90
C GLU D 193 15.57 52.70 40.41
N GLN D 194 15.47 51.42 40.10
CA GLN D 194 16.49 50.44 40.51
C GLN D 194 17.84 50.88 39.99
N TRP D 195 17.87 51.35 38.74
CA TRP D 195 19.09 51.80 38.13
C TRP D 195 19.71 52.91 38.97
N LYS D 196 18.97 54.01 39.14
CA LYS D 196 19.44 55.15 39.91
C LYS D 196 19.59 54.89 41.42
N SER D 197 19.16 53.74 41.90
CA SER D 197 19.23 53.43 43.32
C SER D 197 20.48 52.69 43.81
N HIS D 198 21.20 52.03 42.92
CA HIS D 198 22.40 51.29 43.32
C HIS D 198 23.72 52.00 43.10
N LYS D 199 24.79 51.34 43.49
CA LYS D 199 26.13 51.88 43.32
C LYS D 199 26.62 51.46 41.94
N SER D 200 26.56 50.16 41.65
CA SER D 200 27.00 49.64 40.37
C SER D 200 26.55 48.23 40.04
N TYR D 201 26.07 48.05 38.81
CA TYR D 201 25.65 46.73 38.34
C TYR D 201 26.81 46.17 37.53
N SER D 202 26.93 44.85 37.50
CA SER D 202 28.02 44.22 36.78
C SER D 202 27.58 42.97 36.05
N CYS D 203 28.23 42.73 34.91
CA CYS D 203 27.96 41.57 34.08
C CYS D 203 29.21 40.71 34.12
N GLN D 204 29.04 39.44 34.47
CA GLN D 204 30.18 38.54 34.57
C GLN D 204 30.02 37.33 33.65
N VAL D 205 30.93 37.19 32.70
CA VAL D 205 30.89 36.09 31.77
C VAL D 205 31.94 35.05 32.11
N THR D 206 31.49 33.82 32.33
CA THR D 206 32.37 32.72 32.68
C THR D 206 32.58 31.86 31.45
N HIS D 207 33.84 31.56 31.15
CA HIS D 207 34.18 30.77 29.98
C HIS D 207 35.39 29.89 30.22
N GLU D 208 35.22 28.58 30.04
CA GLU D 208 36.30 27.62 30.25
C GLU D 208 36.89 27.79 31.64
N GLY D 209 36.03 28.00 32.63
CA GLY D 209 36.50 28.17 34.00
C GLY D 209 36.92 29.59 34.31
N SER D 210 37.52 30.27 33.34
CA SER D 210 37.95 31.65 33.54
C SER D 210 36.75 32.59 33.46
N THR D 211 36.80 33.67 34.23
CA THR D 211 35.71 34.63 34.25
C THR D 211 36.17 36.05 34.00
N VAL D 212 35.43 36.77 33.16
CA VAL D 212 35.72 38.15 32.83
C VAL D 212 34.55 38.98 33.31
N GLU D 213 34.83 40.13 33.92
CA GLU D 213 33.78 40.99 34.44
C GLU D 213 33.82 42.42 33.92
N LYS D 214 32.64 43.03 33.87
CA LYS D 214 32.51 44.41 33.43
C LYS D 214 31.49 45.09 34.34
N THR D 215 31.66 46.39 34.55
CA THR D 215 30.77 47.10 35.46
C THR D 215 30.36 48.49 34.97
N VAL D 216 29.14 48.88 35.35
CA VAL D 216 28.59 50.18 34.98
C VAL D 216 27.92 50.82 36.19
N ALA D 217 27.88 52.16 36.20
CA ALA D 217 27.27 52.90 37.31
C ALA D 217 26.36 54.01 36.81
N PRO D 218 25.43 54.47 37.66
CA PRO D 218 24.48 55.54 37.33
C PRO D 218 25.10 56.92 37.18
N THR D 219 26.43 56.99 37.11
CA THR D 219 27.10 58.29 36.97
C THR D 219 26.94 58.85 35.56
N GLU E 1 11.57 10.42 -6.70
CA GLU E 1 12.58 10.50 -5.60
C GLU E 1 11.94 10.44 -4.23
N VAL E 2 12.52 9.60 -3.37
CA VAL E 2 12.02 9.43 -2.02
C VAL E 2 12.23 10.68 -1.18
N GLN E 3 11.14 11.26 -0.71
CA GLN E 3 11.22 12.46 0.13
C GLN E 3 9.93 12.77 0.86
N LEU E 4 10.02 13.65 1.84
CA LEU E 4 8.87 14.08 2.62
C LEU E 4 8.89 15.60 2.66
N VAL E 5 7.84 16.23 2.15
CA VAL E 5 7.77 17.68 2.12
C VAL E 5 6.71 18.21 3.08
N GLU E 6 7.16 18.93 4.11
CA GLU E 6 6.24 19.48 5.11
C GLU E 6 5.78 20.89 4.78
N SER E 7 4.67 21.29 5.39
CA SER E 7 4.09 22.62 5.17
C SER E 7 4.89 23.76 5.77
N GLY E 8 4.63 24.97 5.27
CA GLY E 8 5.34 26.14 5.74
C GLY E 8 5.16 26.48 7.20
N GLY E 9 6.13 27.19 7.77
CA GLY E 9 6.04 27.57 9.17
C GLY E 9 4.91 28.57 9.45
N GLU E 10 4.46 28.61 10.69
CA GLU E 10 3.39 29.53 11.05
C GLU E 10 3.55 30.04 12.47
N VAL E 11 2.88 31.16 12.73
CA VAL E 11 2.87 31.77 14.05
C VAL E 11 1.40 31.87 14.41
N LYS E 12 1.01 31.28 15.54
CA LYS E 12 -0.39 31.32 15.97
C LYS E 12 -0.48 31.83 17.39
N GLN E 13 -1.66 32.32 17.77
CA GLN E 13 -1.86 32.79 19.13
C GLN E 13 -2.47 31.68 19.96
N PRO E 14 -2.22 31.68 21.27
CA PRO E 14 -2.76 30.63 22.12
C PRO E 14 -4.28 30.51 21.99
N GLY E 15 -4.76 29.27 21.94
CA GLY E 15 -6.19 29.06 21.83
C GLY E 15 -6.67 28.82 20.42
N GLN E 16 -5.80 29.04 19.45
CA GLN E 16 -6.18 28.81 18.07
C GLN E 16 -5.95 27.36 17.67
N SER E 17 -6.62 26.95 16.59
CA SER E 17 -6.50 25.60 16.07
C SER E 17 -5.39 25.56 15.01
N LEU E 18 -4.87 24.38 14.74
CA LEU E 18 -3.81 24.23 13.75
C LEU E 18 -3.70 22.81 13.18
N LYS E 19 -3.31 22.74 11.91
CA LYS E 19 -3.16 21.47 11.22
C LYS E 19 -2.00 21.63 10.23
N ILE E 20 -0.93 20.86 10.44
CA ILE E 20 0.23 20.94 9.55
C ILE E 20 0.28 19.67 8.70
N SER E 21 0.92 19.75 7.53
CA SER E 21 0.97 18.59 6.65
C SER E 21 2.37 18.10 6.27
N CYS E 22 2.39 16.89 5.73
CA CYS E 22 3.61 16.20 5.30
C CYS E 22 3.25 15.33 4.09
N LYS E 23 3.73 15.74 2.93
CA LYS E 23 3.49 15.04 1.67
C LYS E 23 4.64 14.08 1.37
N SER E 24 4.31 12.81 1.20
CA SER E 24 5.34 11.81 0.88
C SER E 24 5.36 11.55 -0.61
N SER E 25 6.52 11.16 -1.12
CA SER E 25 6.65 10.88 -2.55
C SER E 25 7.78 9.91 -2.85
N GLY E 26 7.60 9.11 -3.90
CA GLY E 26 8.63 8.16 -4.31
C GLY E 26 8.65 6.81 -3.64
N TYR E 27 7.64 6.52 -2.80
CA TYR E 27 7.58 5.24 -2.10
C TYR E 27 6.13 4.95 -1.70
N ASN E 28 5.85 3.71 -1.30
CA ASN E 28 4.50 3.36 -0.90
C ASN E 28 4.11 3.96 0.45
N PHE E 29 3.40 5.07 0.39
CA PHE E 29 2.96 5.80 1.57
C PHE E 29 2.19 4.98 2.62
N LEU E 30 1.29 4.11 2.15
CA LEU E 30 0.45 3.30 3.05
C LEU E 30 1.12 2.18 3.82
N ASP E 31 2.32 1.78 3.43
CA ASP E 31 2.96 0.66 4.11
C ASP E 31 4.14 0.88 5.05
N SER E 32 4.39 2.13 5.41
CA SER E 32 5.46 2.42 6.34
C SER E 32 4.89 3.35 7.38
N TRP E 33 5.26 3.13 8.64
CA TRP E 33 4.75 3.99 9.70
C TRP E 33 5.34 5.37 9.58
N ILE E 34 4.55 6.37 9.93
CA ILE E 34 5.04 7.73 9.92
C ILE E 34 5.03 8.23 11.36
N GLY E 35 6.18 8.70 11.80
CA GLY E 35 6.26 9.20 13.14
C GLY E 35 6.40 10.71 13.13
N TRP E 36 6.05 11.33 14.25
CA TRP E 36 6.16 12.77 14.40
C TRP E 36 7.07 13.08 15.60
N VAL E 37 8.10 13.88 15.34
CA VAL E 37 9.07 14.28 16.37
C VAL E 37 9.15 15.80 16.48
N ARG E 38 9.05 16.30 17.72
CA ARG E 38 9.12 17.73 17.97
C ARG E 38 10.49 18.12 18.49
N GLN E 39 10.84 19.40 18.31
CA GLN E 39 12.11 19.91 18.81
C GLN E 39 12.02 21.37 19.23
N ILE E 40 11.78 21.59 20.51
CA ILE E 40 11.71 22.93 21.07
C ILE E 40 13.06 23.58 20.74
N PRO E 41 13.06 24.89 20.46
CA PRO E 41 14.34 25.55 20.15
C PRO E 41 15.44 25.29 21.18
N GLY E 42 16.62 24.93 20.68
CA GLY E 42 17.76 24.66 21.55
C GLY E 42 17.77 23.27 22.16
N LYS E 43 16.59 22.69 22.35
CA LYS E 43 16.49 21.35 22.94
C LYS E 43 16.66 20.18 21.97
N GLY E 44 16.44 18.97 22.48
CA GLY E 44 16.60 17.77 21.68
C GLY E 44 15.34 17.30 20.98
N LEU E 45 15.39 16.07 20.46
CA LEU E 45 14.25 15.48 19.76
C LEU E 45 13.24 14.90 20.75
N GLU E 46 11.96 15.22 20.53
CA GLU E 46 10.90 14.73 21.41
C GLU E 46 9.84 14.01 20.58
N TRP E 47 9.67 12.71 20.82
CA TRP E 47 8.72 11.89 20.08
C TRP E 47 7.25 12.23 20.37
N ILE E 48 6.46 12.36 19.32
CA ILE E 48 5.04 12.66 19.47
C ILE E 48 4.16 11.40 19.29
N GLY E 49 4.43 10.64 18.23
CA GLY E 49 3.66 9.43 17.98
C GLY E 49 3.91 8.86 16.60
N ILE E 50 3.34 7.70 16.31
CA ILE E 50 3.49 7.13 14.98
C ILE E 50 2.12 6.67 14.51
N ILE E 51 1.92 6.75 13.20
CA ILE E 51 0.63 6.40 12.62
C ILE E 51 0.90 5.58 11.37
N TYR E 52 0.14 4.50 11.18
CA TYR E 52 0.30 3.64 10.02
C TYR E 52 -0.80 4.05 9.03
N PRO E 53 -0.40 4.74 7.95
CA PRO E 53 -1.31 5.23 6.90
C PRO E 53 -2.37 4.28 6.38
N ASP E 54 -1.97 3.05 6.06
CA ASP E 54 -2.91 2.08 5.51
C ASP E 54 -4.20 1.91 6.29
N ASP E 55 -4.10 1.83 7.62
CA ASP E 55 -5.28 1.66 8.45
C ASP E 55 -5.39 2.67 9.59
N SER E 56 -4.49 3.65 9.58
CA SER E 56 -4.46 4.70 10.59
C SER E 56 -4.26 4.23 12.04
N ASP E 57 -3.62 3.10 12.19
CA ASP E 57 -3.33 2.60 13.53
C ASP E 57 -2.33 3.62 14.10
N ALA E 58 -2.46 3.92 15.38
CA ALA E 58 -1.57 4.90 15.99
C ALA E 58 -1.14 4.64 17.43
N HIS E 59 -0.01 5.24 17.79
CA HIS E 59 0.57 5.13 19.12
C HIS E 59 1.09 6.53 19.44
N TYR E 60 0.53 7.14 20.48
CA TYR E 60 0.92 8.48 20.87
C TYR E 60 1.81 8.46 22.09
N SER E 61 2.56 9.54 22.25
CA SER E 61 3.39 9.69 23.43
C SER E 61 2.37 10.10 24.50
N PRO E 62 2.48 9.56 25.72
CA PRO E 62 1.51 9.94 26.77
C PRO E 62 1.43 11.46 27.01
N SER E 63 2.44 12.18 26.55
CA SER E 63 2.47 13.63 26.70
C SER E 63 1.51 14.32 25.75
N PHE E 64 1.40 13.78 24.54
CA PHE E 64 0.55 14.36 23.51
C PHE E 64 -0.84 13.75 23.37
N GLU E 65 -0.96 12.46 23.65
CA GLU E 65 -2.24 11.78 23.55
C GLU E 65 -3.39 12.64 24.10
N GLY E 66 -4.26 13.11 23.22
CA GLY E 66 -5.38 13.91 23.66
C GLY E 66 -5.33 15.39 23.33
N GLN E 67 -4.14 15.91 23.06
CA GLN E 67 -3.99 17.32 22.70
C GLN E 67 -3.50 17.49 21.26
N VAL E 68 -3.18 16.39 20.63
CA VAL E 68 -2.74 16.40 19.25
C VAL E 68 -3.34 15.18 18.57
N THR E 69 -3.61 15.29 17.28
CA THR E 69 -4.20 14.17 16.53
C THR E 69 -3.48 13.92 15.21
N MET E 70 -2.96 12.71 15.05
CA MET E 70 -2.30 12.33 13.82
C MET E 70 -3.37 11.75 12.89
N SER E 71 -3.20 11.98 11.59
CA SER E 71 -4.15 11.47 10.63
C SER E 71 -3.51 11.52 9.26
N VAL E 72 -4.03 10.73 8.34
CA VAL E 72 -3.49 10.71 6.98
C VAL E 72 -4.63 10.78 6.00
N ASP E 73 -4.30 11.16 4.77
CA ASP E 73 -5.26 11.22 3.68
C ASP E 73 -4.65 10.36 2.57
N LYS E 74 -5.09 9.10 2.52
CA LYS E 74 -4.59 8.14 1.54
C LYS E 74 -4.55 8.72 0.13
N SER E 75 -5.71 9.12 -0.37
CA SER E 75 -5.84 9.67 -1.72
C SER E 75 -4.67 10.55 -2.13
N ILE E 76 -4.18 11.38 -1.21
CA ILE E 76 -3.07 12.27 -1.53
C ILE E 76 -1.79 11.96 -0.78
N SER E 77 -1.68 10.74 -0.25
CA SER E 77 -0.49 10.31 0.48
C SER E 77 0.10 11.41 1.38
N THR E 78 -0.76 12.00 2.21
CA THR E 78 -0.34 13.06 3.10
C THR E 78 -0.67 12.75 4.55
N ALA E 79 0.28 13.07 5.43
CA ALA E 79 0.13 12.86 6.86
C ALA E 79 -0.07 14.22 7.50
N TYR E 80 -0.95 14.29 8.49
CA TYR E 80 -1.24 15.54 9.17
C TYR E 80 -1.08 15.39 10.68
N LEU E 81 -1.11 16.54 11.36
CA LEU E 81 -1.03 16.62 12.81
C LEU E 81 -1.84 17.86 13.17
N GLN E 82 -2.82 17.74 14.06
CA GLN E 82 -3.60 18.92 14.40
C GLN E 82 -3.91 19.13 15.88
N TRP E 83 -4.12 20.40 16.22
CA TRP E 83 -4.44 20.80 17.58
C TRP E 83 -5.76 21.56 17.49
N THR E 84 -6.66 21.33 18.43
CA THR E 84 -7.90 22.10 18.38
C THR E 84 -7.59 23.39 19.14
N THR E 85 -6.75 23.30 20.16
CA THR E 85 -6.35 24.45 20.98
C THR E 85 -4.85 24.52 21.25
N LEU E 86 -4.16 25.41 20.55
CA LEU E 86 -2.71 25.57 20.71
C LEU E 86 -2.32 26.23 22.03
N GLN E 87 -1.13 25.90 22.51
CA GLN E 87 -0.58 26.47 23.75
C GLN E 87 0.81 26.99 23.42
N ALA E 88 1.35 27.83 24.31
CA ALA E 88 2.68 28.39 24.09
C ALA E 88 3.72 27.28 24.17
N SER E 89 3.41 26.25 24.94
CA SER E 89 4.32 25.13 25.11
C SER E 89 4.37 24.25 23.86
N ASP E 90 3.48 24.50 22.91
CA ASP E 90 3.42 23.74 21.68
C ASP E 90 4.41 24.32 20.68
N THR E 91 5.09 25.39 21.07
CA THR E 91 6.07 26.04 20.19
C THR E 91 7.21 25.06 19.88
N GLY E 92 7.74 25.13 18.66
CA GLY E 92 8.84 24.26 18.26
C GLY E 92 8.83 23.86 16.80
N LYS E 93 9.84 23.10 16.38
CA LYS E 93 9.93 22.64 14.99
C LYS E 93 9.49 21.18 14.94
N TYR E 94 8.49 20.91 14.10
CA TYR E 94 7.94 19.56 13.98
C TYR E 94 8.37 18.82 12.74
N PHE E 95 8.76 17.56 12.92
CA PHE E 95 9.20 16.72 11.83
C PHE E 95 8.33 15.48 11.67
N CYS E 96 8.13 15.09 10.42
CA CYS E 96 7.43 13.85 10.14
C CYS E 96 8.59 13.04 9.60
N THR E 97 8.59 11.75 9.87
CA THR E 97 9.68 10.88 9.44
C THR E 97 9.14 9.48 9.16
N ARG E 98 9.86 8.73 8.34
CA ARG E 98 9.44 7.38 7.96
C ARG E 98 10.18 6.26 8.70
N LEU E 99 9.42 5.35 9.30
CA LEU E 99 10.02 4.24 10.02
C LEU E 99 10.31 3.14 9.00
N TYR E 100 11.56 3.04 8.60
CA TYR E 100 11.95 2.03 7.63
C TYR E 100 12.08 0.66 8.29
N LEU E 101 11.66 -0.38 7.57
CA LEU E 101 11.75 -1.74 8.08
C LEU E 101 12.94 -2.44 7.45
N PHE E 102 14.00 -2.66 8.22
CA PHE E 102 15.19 -3.35 7.71
C PHE E 102 15.05 -4.85 7.93
N GLU E 103 14.83 -5.57 6.84
CA GLU E 103 14.65 -7.01 6.88
C GLU E 103 15.96 -7.76 6.64
N GLY E 104 16.22 -8.77 7.47
CA GLY E 104 17.44 -9.55 7.34
C GLY E 104 17.54 -10.60 8.42
N ALA E 105 18.77 -10.91 8.85
CA ALA E 105 18.98 -11.90 9.90
C ALA E 105 17.90 -11.65 10.95
N GLN E 106 17.94 -10.44 11.51
CA GLN E 106 16.96 -10.01 12.50
C GLN E 106 16.38 -8.73 11.93
N SER E 107 15.07 -8.68 11.78
CA SER E 107 14.44 -7.48 11.24
C SER E 107 14.44 -6.37 12.27
N SER E 108 14.71 -5.16 11.81
CA SER E 108 14.75 -3.99 12.68
C SER E 108 14.08 -2.76 12.04
N ASN E 109 13.92 -1.70 12.82
CA ASN E 109 13.27 -0.49 12.35
C ASN E 109 14.05 0.78 12.74
N ALA E 110 13.99 1.79 11.88
CA ALA E 110 14.65 3.06 12.17
C ALA E 110 14.11 4.13 11.25
N PHE E 111 14.24 5.38 11.67
CA PHE E 111 13.75 6.50 10.88
C PHE E 111 14.83 6.96 9.91
N ASP E 112 14.74 6.49 8.67
CA ASP E 112 15.71 6.83 7.65
C ASP E 112 15.37 8.07 6.85
N LEU E 113 14.08 8.41 6.76
CA LEU E 113 13.66 9.56 5.99
C LEU E 113 13.05 10.63 6.87
N TRP E 114 13.41 11.89 6.61
CA TRP E 114 12.89 13.00 7.40
C TRP E 114 12.44 14.20 6.57
N GLY E 115 11.41 14.90 7.05
CA GLY E 115 10.92 16.09 6.38
C GLY E 115 11.81 17.26 6.77
N GLN E 116 11.76 18.36 6.03
CA GLN E 116 12.60 19.52 6.33
C GLN E 116 12.19 20.09 7.67
N GLY E 117 11.02 19.66 8.15
CA GLY E 117 10.53 20.14 9.42
C GLY E 117 9.69 21.39 9.21
N THR E 118 8.74 21.62 10.11
CA THR E 118 7.86 22.77 10.05
C THR E 118 7.99 23.50 11.38
N MET E 119 8.23 24.81 11.32
CA MET E 119 8.39 25.59 12.53
C MET E 119 7.06 26.22 12.94
N ILE E 120 6.68 26.05 14.21
CA ILE E 120 5.44 26.62 14.71
C ILE E 120 5.69 27.47 15.95
N LEU E 121 5.53 28.78 15.78
CA LEU E 121 5.73 29.72 16.87
C LEU E 121 4.38 30.11 17.45
N VAL E 122 4.13 29.74 18.70
CA VAL E 122 2.87 30.07 19.34
C VAL E 122 3.10 31.15 20.39
N SER E 123 2.49 32.31 20.20
CA SER E 123 2.65 33.40 21.16
C SER E 123 1.61 34.49 20.92
N SER E 124 1.54 35.43 21.86
CA SER E 124 0.61 36.53 21.76
C SER E 124 1.24 37.72 21.02
N GLY E 125 2.56 37.69 20.88
CA GLY E 125 3.26 38.76 20.19
C GLY E 125 2.53 39.24 18.95
N THR E 126 2.56 40.54 18.72
CA THR E 126 1.92 41.11 17.54
C THR E 126 2.92 41.94 16.72
N THR E 127 2.94 41.66 15.41
CA THR E 127 3.83 42.34 14.46
C THR E 127 3.98 43.85 14.62
N LYS E 128 5.18 44.29 15.02
CA LYS E 128 5.45 45.70 15.22
C LYS E 128 6.95 46.04 15.12
N GLY E 129 7.24 47.25 14.64
CA GLY E 129 8.61 47.68 14.51
C GLY E 129 9.23 47.97 15.87
N PRO E 130 10.57 48.03 15.96
CA PRO E 130 11.26 48.29 17.23
C PRO E 130 11.52 49.75 17.59
N SER E 131 11.92 49.95 18.84
CA SER E 131 12.28 51.25 19.34
C SER E 131 13.79 51.15 19.29
N VAL E 132 14.47 52.14 18.73
CA VAL E 132 15.91 52.09 18.66
C VAL E 132 16.58 53.09 19.60
N PHE E 133 17.33 52.58 20.57
CA PHE E 133 18.04 53.41 21.55
C PHE E 133 19.54 53.39 21.30
N PRO E 134 20.19 54.56 21.37
CA PRO E 134 21.63 54.63 21.15
C PRO E 134 22.47 54.20 22.33
N LEU E 135 23.49 53.38 22.07
CA LEU E 135 24.40 52.91 23.11
C LEU E 135 25.69 53.73 22.99
N ALA E 136 25.68 54.92 23.62
CA ALA E 136 26.81 55.84 23.56
C ALA E 136 28.17 55.34 24.01
N PRO E 137 29.24 55.85 23.37
CA PRO E 137 30.62 55.47 23.68
C PRO E 137 31.09 56.21 24.93
N SER E 138 31.76 55.48 25.81
CA SER E 138 32.26 56.03 27.06
C SER E 138 33.64 55.51 27.39
N SER E 139 34.33 56.16 28.32
CA SER E 139 35.66 55.71 28.71
C SER E 139 35.51 54.29 29.24
N LYS E 140 34.27 53.90 29.56
CA LYS E 140 33.99 52.57 30.05
C LYS E 140 34.02 51.56 28.91
N SER E 141 33.60 51.98 27.71
CA SER E 141 33.61 51.10 26.55
C SER E 141 34.76 51.40 25.58
N THR E 142 35.78 52.12 26.07
CA THR E 142 36.95 52.44 25.26
C THR E 142 38.18 51.75 25.84
N SER E 143 39.06 51.26 24.95
CA SER E 143 40.27 50.57 25.39
C SER E 143 41.37 50.70 24.34
N GLY E 144 42.54 51.16 24.76
CA GLY E 144 43.66 51.30 23.84
C GLY E 144 43.34 51.97 22.52
N GLY E 145 42.83 53.20 22.61
CA GLY E 145 42.50 53.94 21.40
C GLY E 145 41.21 53.55 20.69
N THR E 146 40.59 52.46 21.09
CA THR E 146 39.35 52.04 20.43
C THR E 146 38.15 52.13 21.36
N ALA E 147 37.10 52.77 20.86
CA ALA E 147 35.86 52.95 21.61
C ALA E 147 34.75 52.17 20.94
N ALA E 148 33.77 51.73 21.74
CA ALA E 148 32.66 50.98 21.19
C ALA E 148 31.33 51.68 21.45
N LEU E 149 30.56 51.83 20.38
CA LEU E 149 29.26 52.46 20.46
C LEU E 149 28.26 51.58 19.71
N GLY E 150 26.99 51.65 20.08
CA GLY E 150 26.01 50.82 19.40
C GLY E 150 24.57 51.30 19.37
N CYS E 151 23.70 50.35 19.05
CA CYS E 151 22.28 50.61 18.96
C CYS E 151 21.50 49.44 19.54
N LEU E 152 20.49 49.75 20.32
CA LEU E 152 19.65 48.74 20.92
C LEU E 152 18.32 48.74 20.15
N VAL E 153 18.05 47.64 19.47
CA VAL E 153 16.82 47.49 18.70
C VAL E 153 15.88 46.66 19.57
N LYS E 154 14.98 47.35 20.27
CA LYS E 154 14.06 46.70 21.20
C LYS E 154 12.64 46.41 20.76
N ASP E 155 12.11 45.35 21.35
CA ASP E 155 10.75 44.89 21.16
C ASP E 155 10.14 44.98 19.76
N TYR E 156 10.60 44.12 18.87
CA TYR E 156 10.07 44.08 17.52
C TYR E 156 9.58 42.66 17.29
N PHE E 157 8.75 42.48 16.27
CA PHE E 157 8.21 41.16 15.96
C PHE E 157 7.55 41.18 14.61
N PRO E 158 7.84 40.17 13.77
CA PRO E 158 8.75 39.07 14.09
C PRO E 158 10.11 39.38 13.47
N GLU E 159 10.91 38.34 13.31
CA GLU E 159 12.22 38.46 12.69
C GLU E 159 11.85 38.71 11.22
N PRO E 160 12.77 39.30 10.43
CA PRO E 160 14.12 39.76 10.74
C PRO E 160 14.28 41.28 10.67
N VAL E 161 15.41 41.77 11.20
CA VAL E 161 15.71 43.19 11.14
C VAL E 161 17.12 43.31 10.60
N THR E 162 17.38 44.33 9.81
CA THR E 162 18.73 44.54 9.30
C THR E 162 19.28 45.82 9.90
N VAL E 163 20.60 45.86 10.08
CA VAL E 163 21.23 47.03 10.65
C VAL E 163 22.51 47.36 9.91
N SER E 164 22.65 48.61 9.49
CA SER E 164 23.89 49.02 8.85
C SER E 164 24.30 50.31 9.54
N TRP E 165 25.50 50.79 9.26
CA TRP E 165 25.98 52.03 9.87
C TRP E 165 26.35 53.07 8.83
N ASN E 166 26.05 54.34 9.14
CA ASN E 166 26.33 55.46 8.25
C ASN E 166 26.00 55.11 6.80
N SER E 167 24.80 54.58 6.60
CA SER E 167 24.34 54.22 5.26
C SER E 167 25.34 53.39 4.45
N GLY E 168 25.84 52.32 5.06
CA GLY E 168 26.79 51.47 4.35
C GLY E 168 28.23 51.97 4.37
N ALA E 169 28.43 53.22 4.75
CA ALA E 169 29.77 53.79 4.79
C ALA E 169 30.63 53.12 5.85
N LEU E 170 30.12 53.00 7.06
CA LEU E 170 30.85 52.35 8.14
C LEU E 170 30.61 50.85 7.99
N THR E 171 31.68 50.10 7.81
CA THR E 171 31.58 48.66 7.59
C THR E 171 32.52 47.80 8.43
N SER E 172 33.66 48.36 8.83
CA SER E 172 34.63 47.62 9.64
C SER E 172 34.34 47.76 11.12
N GLY E 173 34.57 46.68 11.87
CA GLY E 173 34.34 46.70 13.30
C GLY E 173 32.88 46.57 13.68
N VAL E 174 32.03 46.33 12.69
CA VAL E 174 30.61 46.21 12.91
C VAL E 174 30.22 44.79 13.29
N HIS E 175 29.68 44.63 14.49
CA HIS E 175 29.26 43.30 14.93
C HIS E 175 27.83 43.35 15.40
N THR E 176 26.91 42.87 14.57
CA THR E 176 25.51 42.86 14.94
C THR E 176 25.16 41.49 15.52
N PHE E 177 24.73 41.49 16.77
CA PHE E 177 24.40 40.26 17.49
C PHE E 177 23.01 39.70 17.23
N PRO E 178 22.90 38.36 17.20
CA PRO E 178 21.63 37.68 17.00
C PRO E 178 20.71 38.08 18.14
N ALA E 179 19.43 38.24 17.83
CA ALA E 179 18.41 38.67 18.80
C ALA E 179 18.02 37.72 19.93
N VAL E 180 17.31 38.26 20.91
CA VAL E 180 16.81 37.49 22.03
C VAL E 180 15.30 37.52 21.98
N LEU E 181 14.68 36.36 22.04
CA LEU E 181 13.23 36.31 22.06
C LEU E 181 12.98 36.35 23.55
N GLN E 182 12.43 37.45 24.04
CA GLN E 182 12.19 37.57 25.48
C GLN E 182 10.89 36.95 25.97
N SER E 183 10.73 36.95 27.28
CA SER E 183 9.55 36.39 27.92
C SER E 183 8.25 36.96 27.34
N SER E 184 8.27 38.25 27.01
CA SER E 184 7.09 38.91 26.45
C SER E 184 6.77 38.44 25.03
N GLY E 185 7.64 37.61 24.46
CA GLY E 185 7.42 37.14 23.11
C GLY E 185 7.98 38.06 22.05
N LEU E 186 8.47 39.23 22.45
CA LEU E 186 9.04 40.18 21.51
C LEU E 186 10.54 39.98 21.37
N TYR E 187 11.08 40.44 20.24
CA TYR E 187 12.51 40.33 19.97
C TYR E 187 13.23 41.63 20.28
N SER E 188 14.53 41.50 20.56
CA SER E 188 15.42 42.63 20.84
C SER E 188 16.82 42.21 20.48
N LEU E 189 17.59 43.10 19.88
CA LEU E 189 18.95 42.78 19.50
C LEU E 189 19.83 44.02 19.56
N SER E 190 21.14 43.82 19.40
CA SER E 190 22.08 44.94 19.43
C SER E 190 23.09 44.87 18.31
N SER E 191 23.58 46.04 17.92
CA SER E 191 24.60 46.16 16.89
C SER E 191 25.63 47.11 17.44
N VAL E 192 26.84 46.59 17.68
CA VAL E 192 27.92 47.39 18.23
C VAL E 192 28.99 47.64 17.18
N VAL E 193 29.72 48.74 17.32
CA VAL E 193 30.80 49.09 16.39
C VAL E 193 31.98 49.71 17.15
N THR E 194 33.16 49.12 16.96
CA THR E 194 34.37 49.61 17.59
C THR E 194 34.97 50.63 16.63
N VAL E 195 35.35 51.79 17.15
CA VAL E 195 35.92 52.83 16.31
C VAL E 195 37.03 53.58 17.02
N PRO E 196 37.81 54.38 16.26
CA PRO E 196 38.90 55.18 16.82
C PRO E 196 38.33 56.08 17.91
N SER E 197 38.85 55.95 19.13
CA SER E 197 38.33 56.76 20.21
C SER E 197 38.59 58.25 19.98
N SER E 198 39.72 58.57 19.39
CA SER E 198 40.07 59.97 19.13
C SER E 198 39.12 60.64 18.14
N SER E 199 38.32 59.85 17.43
CA SER E 199 37.39 60.37 16.44
C SER E 199 36.03 60.81 16.99
N LEU E 200 35.67 60.29 18.16
CA LEU E 200 34.38 60.60 18.78
C LEU E 200 33.92 62.05 18.67
N GLY E 201 34.86 62.98 18.74
CA GLY E 201 34.46 64.38 18.66
C GLY E 201 34.11 64.91 17.28
N THR E 202 34.74 64.36 16.24
CA THR E 202 34.49 64.86 14.90
C THR E 202 33.69 63.93 13.99
N GLN E 203 33.55 62.68 14.39
CA GLN E 203 32.81 61.74 13.55
C GLN E 203 31.38 61.47 13.99
N THR E 204 30.47 61.46 13.04
CA THR E 204 29.06 61.19 13.28
C THR E 204 28.82 59.70 13.06
N TYR E 205 28.07 59.08 13.98
CA TYR E 205 27.76 57.66 13.90
C TYR E 205 26.26 57.42 13.96
N ILE E 206 25.72 56.84 12.90
CA ILE E 206 24.29 56.58 12.79
C ILE E 206 23.97 55.14 12.40
N CYS E 207 23.16 54.46 13.19
CA CYS E 207 22.81 53.10 12.81
C CYS E 207 21.46 53.18 12.08
N ASN E 208 21.36 52.45 10.98
CA ASN E 208 20.16 52.41 10.16
C ASN E 208 19.47 51.08 10.35
N VAL E 209 18.33 51.10 11.03
CA VAL E 209 17.58 49.88 11.30
C VAL E 209 16.38 49.72 10.37
N ASN E 210 16.22 48.53 9.81
CA ASN E 210 15.09 48.28 8.95
C ASN E 210 14.38 47.00 9.38
N HIS E 211 13.06 47.10 9.56
CA HIS E 211 12.23 45.98 9.96
C HIS E 211 11.04 45.94 9.01
N LYS E 212 11.28 45.29 7.87
CA LYS E 212 10.29 45.16 6.81
C LYS E 212 8.93 44.60 7.23
N PRO E 213 8.91 43.56 8.08
CA PRO E 213 7.62 42.99 8.51
C PRO E 213 6.58 44.03 8.92
N SER E 214 7.03 45.14 9.49
CA SER E 214 6.12 46.21 9.89
C SER E 214 6.39 47.51 9.14
N ASN E 215 7.16 47.44 8.06
CA ASN E 215 7.52 48.63 7.30
C ASN E 215 8.10 49.73 8.20
N THR E 216 9.06 49.36 9.03
CA THR E 216 9.68 50.34 9.92
C THR E 216 11.15 50.57 9.64
N LYS E 217 11.48 51.78 9.19
CA LYS E 217 12.86 52.17 8.94
C LYS E 217 13.15 53.27 9.95
N VAL E 218 14.32 53.22 10.57
CA VAL E 218 14.66 54.25 11.52
C VAL E 218 16.17 54.43 11.62
N ASP E 219 16.61 55.67 11.68
CA ASP E 219 18.02 56.00 11.82
C ASP E 219 18.23 56.68 13.16
N LYS E 220 19.22 56.21 13.92
CA LYS E 220 19.50 56.79 15.21
C LYS E 220 20.95 57.25 15.28
N LYS E 221 21.13 58.55 15.51
CA LYS E 221 22.46 59.13 15.61
C LYS E 221 23.01 58.83 17.01
N VAL E 222 24.20 58.24 17.07
CA VAL E 222 24.82 57.88 18.34
C VAL E 222 25.84 58.90 18.83
N GLU E 223 25.39 59.78 19.74
CA GLU E 223 26.22 60.83 20.32
C GLU E 223 27.10 60.27 21.44
N PRO E 224 28.36 60.71 21.50
CA PRO E 224 29.22 60.20 22.57
C PRO E 224 28.77 60.74 23.93
N LYS E 225 28.78 59.88 24.95
CA LYS E 225 28.36 60.24 26.31
C LYS E 225 28.42 61.74 26.62
N SER E 226 27.27 62.29 26.99
CA SER E 226 27.17 63.71 27.32
C SER E 226 27.62 63.98 28.75
N ALA F 1 11.42 -15.65 23.67
CA ALA F 1 10.93 -14.31 24.08
C ALA F 1 11.11 -13.28 22.95
N CYS F 2 10.36 -13.47 21.86
CA CYS F 2 10.43 -12.59 20.71
C CYS F 2 9.82 -11.22 20.97
N GLN F 3 10.41 -10.18 20.38
CA GLN F 3 9.93 -8.82 20.55
C GLN F 3 9.51 -8.18 19.23
N ALA F 4 8.59 -8.85 18.53
CA ALA F 4 8.08 -8.36 17.26
C ALA F 4 6.61 -7.92 17.47
N PHE F 5 6.23 -6.82 16.82
CA PHE F 5 4.89 -6.31 16.96
C PHE F 5 4.28 -6.13 15.59
N TYR F 6 2.99 -6.48 15.48
CA TYR F 6 2.29 -6.42 14.20
C TYR F 6 2.99 -7.42 13.30
N ALA F 7 3.63 -8.41 13.92
CA ALA F 7 4.38 -9.45 13.22
C ALA F 7 3.59 -10.12 12.10
N SER F 8 2.32 -10.40 12.36
CA SER F 8 1.44 -11.02 11.37
C SER F 8 1.66 -10.38 10.00
N SER F 9 1.51 -9.06 9.94
CA SER F 9 1.70 -8.28 8.72
C SER F 9 3.12 -7.71 8.69
N PRO F 10 4.04 -8.37 7.98
CA PRO F 10 5.45 -7.99 7.83
C PRO F 10 5.76 -6.52 7.56
N ARG F 11 5.21 -5.97 6.48
CA ARG F 11 5.47 -4.57 6.15
C ARG F 11 5.15 -3.61 7.30
N LYS F 12 4.28 -4.03 8.20
CA LYS F 12 3.86 -3.21 9.32
C LYS F 12 4.53 -3.57 10.65
N SER F 13 5.23 -4.70 10.69
CA SER F 13 5.89 -5.16 11.90
C SER F 13 6.95 -4.20 12.43
N ILE F 14 7.13 -4.19 13.74
CA ILE F 14 8.10 -3.33 14.41
C ILE F 14 8.88 -4.21 15.39
N HIS F 15 10.17 -4.39 15.11
CA HIS F 15 11.02 -5.22 15.95
C HIS F 15 11.86 -4.36 16.87
N ILE F 16 11.59 -4.49 18.17
CA ILE F 16 12.24 -3.71 19.21
C ILE F 16 13.52 -4.31 19.79
N GLY F 17 13.64 -5.63 19.75
CA GLY F 17 14.83 -6.24 20.31
C GLY F 17 14.99 -7.69 19.88
N ALA F 18 16.10 -8.29 20.29
CA ALA F 18 16.39 -9.68 19.96
C ALA F 18 15.38 -10.64 20.59
N CYS F 19 15.01 -11.66 19.82
CA CYS F 19 14.06 -12.65 20.29
C CYS F 19 14.77 -13.47 21.37
N ALA F 20 14.00 -14.10 22.24
CA ALA F 20 14.54 -14.93 23.32
C ALA F 20 15.30 -14.06 24.32
N SER G 1 -27.97 -64.63 20.19
CA SER G 1 -27.23 -63.36 19.96
C SER G 1 -25.94 -63.30 20.82
N TYR G 2 -25.75 -64.31 21.67
CA TYR G 2 -24.58 -64.41 22.53
C TYR G 2 -23.31 -64.00 21.78
N ASP G 3 -22.25 -63.68 22.50
CA ASP G 3 -21.00 -63.28 21.86
C ASP G 3 -20.09 -64.44 21.45
N LEU G 4 -19.25 -64.17 20.45
CA LEU G 4 -18.28 -65.14 19.97
C LEU G 4 -16.93 -64.48 20.25
N THR G 5 -16.09 -65.13 21.05
CA THR G 5 -14.81 -64.54 21.40
C THR G 5 -13.59 -65.27 20.86
N GLN G 6 -12.82 -64.55 20.05
CA GLN G 6 -11.59 -65.08 19.47
C GLN G 6 -10.49 -64.03 19.68
N PRO G 7 -9.26 -64.49 19.89
CA PRO G 7 -8.19 -63.51 20.09
C PRO G 7 -8.00 -62.60 18.88
N PRO G 8 -7.81 -61.31 19.13
CA PRO G 8 -7.61 -60.39 18.01
C PRO G 8 -6.27 -60.62 17.32
N SER G 9 -5.36 -61.28 18.03
CA SER G 9 -4.04 -61.54 17.46
C SER G 9 -3.39 -62.85 17.89
N VAL G 10 -2.82 -63.55 16.92
CA VAL G 10 -2.11 -64.79 17.15
C VAL G 10 -0.85 -64.71 16.31
N SER G 11 0.28 -65.09 16.91
CA SER G 11 1.56 -65.07 16.19
C SER G 11 2.21 -66.44 16.17
N VAL G 12 2.83 -66.74 15.04
CA VAL G 12 3.48 -68.02 14.82
C VAL G 12 4.66 -67.81 13.88
N SER G 13 5.55 -68.79 13.80
CA SER G 13 6.69 -68.70 12.91
C SER G 13 6.47 -69.71 11.80
N PRO G 14 6.91 -69.38 10.58
CA PRO G 14 6.74 -70.29 9.44
C PRO G 14 7.07 -71.72 9.80
N GLY G 15 6.16 -72.63 9.45
CA GLY G 15 6.36 -74.03 9.74
C GLY G 15 5.68 -74.49 11.02
N GLN G 16 5.45 -73.55 11.94
CA GLN G 16 4.81 -73.87 13.21
C GLN G 16 3.32 -74.06 13.01
N THR G 17 2.67 -74.58 14.05
CA THR G 17 1.24 -74.81 14.02
C THR G 17 0.55 -73.66 14.73
N ALA G 18 -0.40 -73.03 14.05
CA ALA G 18 -1.13 -71.92 14.65
C ALA G 18 -2.51 -72.42 15.11
N SER G 19 -2.95 -71.89 16.24
CA SER G 19 -4.24 -72.27 16.80
C SER G 19 -5.08 -71.02 17.08
N ILE G 20 -6.28 -70.98 16.49
CA ILE G 20 -7.20 -69.87 16.66
C ILE G 20 -8.49 -70.41 17.25
N SER G 21 -8.78 -69.96 18.48
CA SER G 21 -9.98 -70.41 19.19
C SER G 21 -11.11 -69.40 19.07
N CYS G 22 -12.30 -69.88 19.38
CA CYS G 22 -13.52 -69.08 19.32
C CYS G 22 -14.44 -69.71 20.36
N SER G 23 -14.85 -68.92 21.34
CA SER G 23 -15.74 -69.40 22.40
C SER G 23 -17.04 -68.63 22.39
N GLY G 24 -18.09 -69.26 22.86
CA GLY G 24 -19.38 -68.63 22.89
C GLY G 24 -20.30 -69.42 23.78
N ASP G 25 -21.18 -68.69 24.47
CA ASP G 25 -22.13 -69.28 25.40
C ASP G 25 -22.93 -70.47 24.88
N LYS G 26 -23.23 -70.50 23.58
CA LYS G 26 -24.00 -71.60 23.05
C LYS G 26 -23.34 -72.44 21.96
N LEU G 27 -22.02 -72.34 21.83
CA LEU G 27 -21.31 -73.10 20.81
C LEU G 27 -21.32 -74.60 21.06
N ASP G 28 -21.78 -75.03 22.23
CA ASP G 28 -21.79 -76.45 22.53
C ASP G 28 -22.92 -77.20 21.85
N ASP G 29 -23.80 -76.47 21.16
CA ASP G 29 -24.87 -77.10 20.41
C ASP G 29 -25.12 -76.35 19.09
N LYS G 30 -24.14 -75.55 18.69
CA LYS G 30 -24.22 -74.77 17.45
C LYS G 30 -22.99 -74.98 16.57
N TYR G 31 -23.23 -75.24 15.29
CA TYR G 31 -22.16 -75.45 14.31
C TYR G 31 -21.43 -74.14 14.12
N VAL G 32 -20.11 -74.20 13.99
CA VAL G 32 -19.33 -72.99 13.74
C VAL G 32 -18.68 -73.14 12.36
N SER G 33 -18.44 -72.01 11.70
CA SER G 33 -17.82 -72.01 10.38
C SER G 33 -16.71 -70.99 10.41
N TRP G 34 -15.71 -71.17 9.55
CA TRP G 34 -14.60 -70.21 9.53
C TRP G 34 -14.37 -69.57 8.18
N TYR G 35 -14.06 -68.28 8.23
CA TYR G 35 -13.81 -67.50 7.04
C TYR G 35 -12.46 -66.81 7.12
N TYR G 36 -11.83 -66.68 5.96
CA TYR G 36 -10.54 -66.03 5.83
C TYR G 36 -10.71 -64.82 4.94
N GLN G 37 -9.95 -63.78 5.21
CA GLN G 37 -10.03 -62.59 4.37
C GLN G 37 -8.69 -61.89 4.36
N ARG G 38 -8.20 -61.62 3.15
CA ARG G 38 -6.96 -60.92 2.95
C ARG G 38 -7.41 -59.49 2.85
N PRO G 39 -6.67 -58.55 3.44
CA PRO G 39 -7.06 -57.14 3.38
C PRO G 39 -7.29 -56.71 1.94
N GLY G 40 -8.45 -56.11 1.68
CA GLY G 40 -8.75 -55.67 0.32
C GLY G 40 -9.47 -56.73 -0.47
N GLN G 41 -9.53 -57.95 0.08
CA GLN G 41 -10.20 -59.06 -0.59
C GLN G 41 -11.49 -59.48 0.11
N SER G 42 -12.28 -60.33 -0.54
CA SER G 42 -13.54 -60.81 0.03
C SER G 42 -13.31 -62.03 0.91
N PRO G 43 -14.21 -62.27 1.86
CA PRO G 43 -14.09 -63.42 2.77
C PRO G 43 -14.15 -64.73 1.98
N VAL G 44 -13.52 -65.77 2.52
CA VAL G 44 -13.52 -67.06 1.86
C VAL G 44 -13.85 -68.14 2.89
N LEU G 45 -14.77 -69.02 2.54
CA LEU G 45 -15.20 -70.10 3.41
C LEU G 45 -14.08 -71.14 3.60
N LEU G 46 -13.66 -71.32 4.85
CA LEU G 46 -12.59 -72.26 5.18
C LEU G 46 -13.08 -73.57 5.76
N MET G 47 -14.07 -73.46 6.64
CA MET G 47 -14.59 -74.61 7.35
C MET G 47 -16.05 -74.39 7.72
N TYR G 48 -16.83 -75.45 7.65
CA TYR G 48 -18.25 -75.38 7.99
C TYR G 48 -18.66 -76.66 8.74
N GLN G 49 -19.63 -76.53 9.63
CA GLN G 49 -20.08 -77.65 10.44
C GLN G 49 -18.94 -78.07 11.37
N ASP G 50 -18.23 -77.09 11.90
CA ASP G 50 -17.13 -77.34 12.83
C ASP G 50 -15.83 -77.89 12.24
N PHE G 51 -15.92 -78.95 11.45
CA PHE G 51 -14.71 -79.58 10.92
C PHE G 51 -14.78 -79.98 9.45
N LYS G 52 -15.77 -79.50 8.71
CA LYS G 52 -15.87 -79.87 7.31
C LYS G 52 -15.19 -78.82 6.46
N ARG G 53 -14.36 -79.27 5.51
CA ARG G 53 -13.64 -78.37 4.62
C ARG G 53 -14.33 -78.26 3.27
N PRO G 54 -14.49 -77.03 2.74
CA PRO G 54 -15.13 -76.88 1.43
C PRO G 54 -14.11 -77.40 0.40
N SER G 55 -14.61 -77.91 -0.73
CA SER G 55 -13.70 -78.42 -1.75
C SER G 55 -12.60 -77.41 -2.08
N GLY G 56 -11.36 -77.88 -2.12
CA GLY G 56 -10.25 -76.99 -2.44
C GLY G 56 -9.44 -76.45 -1.27
N ILE G 57 -10.00 -76.49 -0.06
CA ILE G 57 -9.27 -76.02 1.12
C ILE G 57 -8.32 -77.13 1.54
N PRO G 58 -7.03 -76.80 1.76
CA PRO G 58 -5.99 -77.75 2.15
C PRO G 58 -6.15 -78.57 3.43
N GLU G 59 -5.67 -79.81 3.35
CA GLU G 59 -5.71 -80.74 4.46
C GLU G 59 -4.96 -80.23 5.69
N ARG G 60 -3.96 -79.39 5.47
CA ARG G 60 -3.16 -78.87 6.57
C ARG G 60 -3.96 -77.94 7.47
N LEU G 61 -5.18 -77.64 7.05
CA LEU G 61 -6.07 -76.80 7.83
C LEU G 61 -7.16 -77.69 8.42
N SER G 62 -7.43 -77.56 9.71
CA SER G 62 -8.45 -78.41 10.33
C SER G 62 -9.22 -77.71 11.45
N GLY G 63 -10.49 -78.07 11.57
CA GLY G 63 -11.34 -77.49 12.59
C GLY G 63 -11.77 -78.50 13.63
N SER G 64 -11.93 -78.06 14.87
CA SER G 64 -12.34 -78.94 15.93
C SER G 64 -13.22 -78.22 16.93
N LYS G 65 -13.94 -79.01 17.73
CA LYS G 65 -14.87 -78.49 18.71
C LYS G 65 -14.67 -79.19 20.04
N SER G 66 -14.78 -78.43 21.13
CA SER G 66 -14.67 -79.01 22.47
C SER G 66 -15.44 -78.15 23.44
N GLY G 67 -16.64 -78.59 23.79
CA GLY G 67 -17.45 -77.83 24.72
C GLY G 67 -18.01 -76.60 24.04
N LYS G 68 -17.72 -75.42 24.59
CA LYS G 68 -18.22 -74.17 24.03
C LYS G 68 -17.12 -73.44 23.29
N THR G 69 -16.15 -74.19 22.79
CA THR G 69 -15.06 -73.58 22.08
C THR G 69 -14.80 -74.23 20.73
N ALA G 70 -14.65 -73.39 19.71
CA ALA G 70 -14.37 -73.86 18.36
C ALA G 70 -12.91 -73.50 18.07
N THR G 71 -12.19 -74.40 17.41
CA THR G 71 -10.80 -74.13 17.12
C THR G 71 -10.39 -74.46 15.70
N LEU G 72 -9.72 -73.49 15.08
CA LEU G 72 -9.20 -73.66 13.72
C LEU G 72 -7.70 -73.85 13.89
N THR G 73 -7.16 -74.92 13.33
CA THR G 73 -5.74 -75.21 13.44
C THR G 73 -5.03 -75.15 12.09
N ILE G 74 -3.95 -74.38 12.04
CA ILE G 74 -3.18 -74.26 10.80
C ILE G 74 -1.81 -74.89 10.99
N SER G 75 -1.57 -76.05 10.40
CA SER G 75 -0.27 -76.70 10.54
C SER G 75 0.65 -76.32 9.37
N GLY G 76 1.95 -76.19 9.66
CA GLY G 76 2.89 -75.83 8.62
C GLY G 76 2.48 -74.49 8.03
N THR G 77 2.16 -73.54 8.91
CA THR G 77 1.72 -72.23 8.49
C THR G 77 2.78 -71.56 7.65
N GLN G 78 2.37 -70.70 6.74
CA GLN G 78 3.29 -70.00 5.88
C GLN G 78 2.89 -68.55 5.79
N SER G 79 3.80 -67.71 5.30
CA SER G 79 3.51 -66.29 5.16
C SER G 79 2.16 -66.03 4.51
N LEU G 80 1.89 -66.71 3.39
CA LEU G 80 0.63 -66.52 2.70
C LEU G 80 -0.61 -66.78 3.55
N ASP G 81 -0.42 -67.33 4.74
CA ASP G 81 -1.53 -67.59 5.64
C ASP G 81 -1.86 -66.36 6.48
N GLU G 82 -1.05 -65.31 6.37
CA GLU G 82 -1.31 -64.09 7.13
C GLU G 82 -2.60 -63.46 6.61
N GLY G 83 -3.36 -62.87 7.52
CA GLY G 83 -4.62 -62.24 7.15
C GLY G 83 -5.56 -62.31 8.33
N ASP G 84 -6.86 -62.21 8.09
CA ASP G 84 -7.83 -62.26 9.18
C ASP G 84 -8.73 -63.49 9.10
N TYR G 85 -9.04 -64.03 10.27
CA TYR G 85 -9.88 -65.21 10.38
C TYR G 85 -11.06 -64.92 11.29
N TYR G 86 -12.27 -65.23 10.83
CA TYR G 86 -13.47 -64.99 11.61
C TYR G 86 -14.29 -66.27 11.78
N CYS G 87 -14.78 -66.50 13.01
CA CYS G 87 -15.64 -67.66 13.22
C CYS G 87 -17.06 -67.13 13.17
N GLN G 88 -18.00 -67.99 12.82
CA GLN G 88 -19.40 -67.58 12.80
C GLN G 88 -20.28 -68.75 13.17
N ALA G 89 -21.42 -68.42 13.75
CA ALA G 89 -22.39 -69.43 14.17
C ALA G 89 -23.76 -68.78 14.05
N TRP G 90 -24.76 -69.44 14.60
CA TRP G 90 -26.10 -68.90 14.53
C TRP G 90 -26.80 -69.00 15.88
N ASP G 91 -27.99 -68.44 15.92
CA ASP G 91 -28.85 -68.50 17.09
C ASP G 91 -30.26 -68.45 16.53
N ALA G 92 -31.15 -69.19 17.16
CA ALA G 92 -32.54 -69.21 16.74
C ALA G 92 -33.35 -68.95 17.99
N SER G 93 -34.40 -68.17 17.87
CA SER G 93 -35.25 -67.85 19.02
C SER G 93 -36.59 -67.25 18.62
N THR G 94 -37.64 -67.68 19.31
CA THR G 94 -38.96 -67.16 19.02
C THR G 94 -39.26 -66.10 20.07
N GLY G 95 -39.88 -65.00 19.62
CA GLY G 95 -40.22 -63.92 20.52
C GLY G 95 -41.25 -64.37 21.52
N VAL G 96 -41.28 -63.71 22.68
CA VAL G 96 -42.22 -64.04 23.73
C VAL G 96 -43.67 -63.90 23.25
N SER G 97 -43.94 -62.93 22.38
CA SER G 97 -45.30 -62.75 21.87
C SER G 97 -45.46 -63.46 20.52
N GLY G 98 -44.51 -64.34 20.22
CA GLY G 98 -44.57 -65.12 18.99
C GLY G 98 -43.93 -64.48 17.76
N GLY G 99 -44.53 -64.72 16.60
CA GLY G 99 -44.03 -64.17 15.36
C GLY G 99 -43.10 -65.08 14.59
N GLY G 100 -42.91 -66.30 15.09
CA GLY G 100 -42.04 -67.24 14.40
C GLY G 100 -40.59 -67.14 14.86
N THR G 101 -39.79 -68.11 14.45
CA THR G 101 -38.39 -68.15 14.82
C THR G 101 -37.58 -67.00 14.20
N LYS G 102 -36.75 -66.36 15.02
CA LYS G 102 -35.91 -65.26 14.57
C LYS G 102 -34.49 -65.82 14.47
N LEU G 103 -33.91 -65.81 13.28
CA LEU G 103 -32.56 -66.33 13.13
C LEU G 103 -31.52 -65.24 13.20
N THR G 104 -30.37 -65.58 13.77
CA THR G 104 -29.26 -64.64 13.89
C THR G 104 -27.94 -65.26 13.45
N VAL G 105 -27.19 -64.49 12.64
CA VAL G 105 -25.87 -64.91 12.18
C VAL G 105 -24.88 -64.15 13.05
N LEU G 106 -23.93 -64.87 13.64
CA LEU G 106 -22.95 -64.26 14.51
C LEU G 106 -21.52 -64.44 14.02
N PHE G 107 -20.72 -63.38 14.17
CA PHE G 107 -19.30 -63.39 13.79
C PHE G 107 -18.45 -63.00 15.00
N GLY G 108 -17.26 -63.60 15.12
CA GLY G 108 -16.37 -63.23 16.20
C GLY G 108 -15.72 -61.91 15.77
N ASP G 109 -14.90 -61.29 16.60
CA ASP G 109 -14.30 -60.03 16.20
C ASP G 109 -13.15 -60.16 15.22
N GLY G 110 -12.72 -61.38 14.95
CA GLY G 110 -11.63 -61.59 14.02
C GLY G 110 -10.30 -61.79 14.70
N THR G 111 -9.45 -62.59 14.08
CA THR G 111 -8.13 -62.87 14.61
C THR G 111 -7.10 -62.53 13.54
N ARG G 112 -6.16 -61.66 13.89
CA ARG G 112 -5.11 -61.29 12.98
C ARG G 112 -3.99 -62.31 13.14
N LEU G 113 -3.70 -63.04 12.07
CA LEU G 113 -2.63 -64.02 12.11
C LEU G 113 -1.33 -63.40 11.60
N THR G 114 -0.30 -63.47 12.43
CA THR G 114 0.99 -62.95 12.04
C THR G 114 1.97 -64.12 11.98
N VAL G 115 2.72 -64.19 10.89
CA VAL G 115 3.70 -65.23 10.69
C VAL G 115 5.05 -64.51 10.66
N LEU G 116 5.76 -64.52 11.78
CA LEU G 116 7.06 -63.86 11.87
C LEU G 116 8.01 -64.48 10.86
N GLY G 117 8.19 -63.80 9.74
CA GLY G 117 9.05 -64.31 8.69
C GLY G 117 10.43 -63.70 8.59
N GLN G 118 10.79 -62.82 9.51
CA GLN G 118 12.09 -62.21 9.46
C GLN G 118 12.52 -61.63 10.79
N PRO G 119 13.83 -61.37 10.94
CA PRO G 119 14.36 -60.82 12.20
C PRO G 119 13.67 -59.50 12.57
N LYS G 120 13.46 -59.30 13.86
CA LYS G 120 12.85 -58.08 14.34
C LYS G 120 13.68 -56.90 13.85
N ALA G 121 13.05 -55.73 13.73
CA ALA G 121 13.75 -54.56 13.28
C ALA G 121 13.09 -53.32 13.87
N ALA G 122 13.89 -52.51 14.55
CA ALA G 122 13.41 -51.28 15.16
C ALA G 122 13.09 -50.30 14.02
N PRO G 123 12.18 -49.35 14.28
CA PRO G 123 11.79 -48.37 13.27
C PRO G 123 12.77 -47.21 13.05
N SER G 124 12.77 -46.70 11.83
CA SER G 124 13.60 -45.56 11.44
C SER G 124 12.66 -44.37 11.39
N VAL G 125 12.83 -43.43 12.31
CA VAL G 125 11.96 -42.26 12.38
C VAL G 125 12.64 -40.97 11.96
N THR G 126 11.84 -40.07 11.38
CA THR G 126 12.30 -38.77 10.94
C THR G 126 11.17 -37.82 11.27
N LEU G 127 11.48 -36.73 11.97
CA LEU G 127 10.45 -35.77 12.35
C LEU G 127 10.65 -34.42 11.70
N PHE G 128 9.63 -33.96 11.00
CA PHE G 128 9.68 -32.67 10.32
C PHE G 128 8.85 -31.63 11.05
N PRO G 129 9.44 -30.45 11.31
CA PRO G 129 8.73 -29.38 12.00
C PRO G 129 7.84 -28.67 10.99
N PRO G 130 6.89 -27.87 11.48
CA PRO G 130 6.01 -27.14 10.57
C PRO G 130 6.87 -26.34 9.60
N SER G 131 6.44 -26.25 8.34
CA SER G 131 7.20 -25.51 7.32
C SER G 131 6.97 -24.02 7.45
N SER G 132 7.88 -23.24 6.86
CA SER G 132 7.75 -21.79 6.89
C SER G 132 6.47 -21.39 6.17
N GLU G 133 6.26 -22.00 5.01
CA GLU G 133 5.09 -21.74 4.19
C GLU G 133 3.76 -22.01 4.91
N GLU G 134 3.69 -23.10 5.66
CA GLU G 134 2.47 -23.44 6.37
C GLU G 134 2.15 -22.45 7.47
N LEU G 135 3.21 -21.95 8.13
CA LEU G 135 3.01 -20.99 9.19
C LEU G 135 2.33 -19.73 8.65
N GLN G 136 2.75 -19.29 7.48
CA GLN G 136 2.17 -18.09 6.88
C GLN G 136 0.66 -18.23 6.72
N ALA G 137 0.21 -19.44 6.42
CA ALA G 137 -1.22 -19.70 6.26
C ALA G 137 -1.83 -19.90 7.64
N ASN G 138 -1.07 -19.48 8.66
CA ASN G 138 -1.51 -19.61 10.05
C ASN G 138 -1.91 -21.06 10.28
N LYS G 139 -0.91 -21.93 10.19
CA LYS G 139 -1.09 -23.37 10.37
C LYS G 139 0.26 -23.96 10.78
N ALA G 140 0.21 -25.14 11.39
CA ALA G 140 1.42 -25.82 11.83
C ALA G 140 1.20 -27.31 11.99
N THR G 141 1.92 -28.09 11.19
CA THR G 141 1.80 -29.54 11.22
C THR G 141 3.15 -30.20 11.52
N LEU G 142 3.11 -31.27 12.32
CA LEU G 142 4.32 -32.00 12.64
C LEU G 142 4.18 -33.37 11.97
N VAL G 143 5.16 -33.70 11.12
CA VAL G 143 5.14 -34.94 10.38
C VAL G 143 6.12 -35.98 10.91
N CYS G 144 5.57 -37.06 11.48
CA CYS G 144 6.38 -38.13 12.02
C CYS G 144 6.31 -39.34 11.08
N LEU G 145 7.44 -39.67 10.47
CA LEU G 145 7.51 -40.79 9.54
C LEU G 145 8.25 -42.01 10.08
N ILE G 146 7.53 -43.13 10.16
CA ILE G 146 8.08 -44.38 10.69
C ILE G 146 8.20 -45.40 9.56
N SER G 147 9.31 -46.13 9.51
CA SER G 147 9.49 -47.13 8.47
C SER G 147 10.52 -48.21 8.80
N ASP G 148 10.61 -49.20 7.91
CA ASP G 148 11.54 -50.32 8.04
C ASP G 148 11.49 -51.10 9.35
N PHE G 149 10.30 -51.21 9.94
CA PHE G 149 10.16 -51.94 11.19
C PHE G 149 9.41 -53.26 11.00
N TYR G 150 9.81 -54.26 11.77
CA TYR G 150 9.19 -55.59 11.72
C TYR G 150 9.24 -56.20 13.11
N PRO G 151 8.12 -56.77 13.58
CA PRO G 151 6.81 -56.91 12.94
C PRO G 151 6.14 -55.56 12.69
N GLY G 152 5.04 -55.59 11.94
CA GLY G 152 4.31 -54.38 11.60
C GLY G 152 3.20 -53.95 12.55
N ALA G 153 3.59 -53.28 13.62
CA ALA G 153 2.66 -52.79 14.62
C ALA G 153 3.48 -51.91 15.53
N VAL G 154 3.12 -50.64 15.59
CA VAL G 154 3.86 -49.70 16.41
C VAL G 154 2.86 -48.75 17.04
N THR G 155 3.23 -48.14 18.15
CA THR G 155 2.36 -47.19 18.82
C THR G 155 3.05 -45.84 18.86
N VAL G 156 2.27 -44.78 18.72
CA VAL G 156 2.84 -43.44 18.71
C VAL G 156 2.19 -42.50 19.71
N ALA G 157 3.02 -41.85 20.51
CA ALA G 157 2.54 -40.89 21.49
C ALA G 157 3.27 -39.59 21.26
N TRP G 158 2.57 -38.47 21.45
CA TRP G 158 3.19 -37.17 21.25
C TRP G 158 3.43 -36.47 22.58
N LYS G 159 4.48 -35.66 22.62
CA LYS G 159 4.84 -34.93 23.82
C LYS G 159 5.09 -33.45 23.54
N ALA G 160 4.26 -32.60 24.14
CA ALA G 160 4.39 -31.16 23.99
C ALA G 160 5.34 -30.71 25.09
N ASP G 161 6.53 -30.26 24.70
CA ASP G 161 7.54 -29.83 25.67
C ASP G 161 8.06 -31.11 26.35
N SER G 162 7.62 -31.35 27.58
CA SER G 162 8.03 -32.53 28.34
C SER G 162 6.79 -33.35 28.69
N SER G 163 5.63 -32.71 28.62
CA SER G 163 4.36 -33.35 28.95
C SER G 163 3.65 -33.97 27.75
N PRO G 164 2.69 -34.87 28.03
CA PRO G 164 1.91 -35.54 26.98
C PRO G 164 0.95 -34.61 26.24
N VAL G 165 0.54 -35.06 25.07
CA VAL G 165 -0.38 -34.31 24.22
C VAL G 165 -1.04 -35.30 23.27
N LYS G 166 -2.36 -35.41 23.35
CA LYS G 166 -3.10 -36.34 22.50
C LYS G 166 -3.92 -35.65 21.42
N ALA G 167 -4.29 -34.40 21.67
CA ALA G 167 -5.09 -33.64 20.72
C ALA G 167 -4.46 -33.46 19.34
N GLY G 168 -5.31 -33.49 18.32
CA GLY G 168 -4.88 -33.32 16.94
C GLY G 168 -3.88 -34.34 16.42
N VAL G 169 -4.03 -35.60 16.83
CA VAL G 169 -3.10 -36.63 16.39
C VAL G 169 -3.71 -37.66 15.44
N GLU G 170 -3.21 -37.66 14.22
CA GLU G 170 -3.63 -38.59 13.19
C GLU G 170 -2.50 -39.60 12.98
N THR G 171 -2.82 -40.88 13.12
CA THR G 171 -1.82 -41.91 12.91
C THR G 171 -2.35 -42.98 11.97
N THR G 172 -1.61 -43.23 10.90
CA THR G 172 -2.02 -44.22 9.91
C THR G 172 -1.80 -45.61 10.49
N THR G 173 -2.32 -46.60 9.82
CA THR G 173 -2.12 -47.96 10.27
C THR G 173 -0.84 -48.44 9.61
N PRO G 174 -0.16 -49.43 10.21
CA PRO G 174 1.08 -49.91 9.59
C PRO G 174 0.84 -50.33 8.14
N SER G 175 1.86 -50.16 7.30
CA SER G 175 1.75 -50.52 5.90
C SER G 175 2.95 -51.36 5.45
N LYS G 176 2.69 -52.43 4.72
CA LYS G 176 3.77 -53.30 4.27
C LYS G 176 4.55 -52.68 3.13
N GLN G 177 5.85 -52.50 3.33
CA GLN G 177 6.73 -51.93 2.32
C GLN G 177 7.13 -53.03 1.34
N SER G 178 7.78 -52.62 0.24
CA SER G 178 8.22 -53.57 -0.78
C SER G 178 9.22 -54.54 -0.17
N ASN G 179 10.09 -54.03 0.70
CA ASN G 179 11.10 -54.83 1.37
C ASN G 179 10.47 -55.64 2.51
N ASN G 180 9.14 -55.76 2.46
CA ASN G 180 8.38 -56.49 3.45
C ASN G 180 8.43 -56.01 4.89
N LYS G 181 9.04 -54.85 5.12
CA LYS G 181 9.07 -54.29 6.47
C LYS G 181 7.86 -53.36 6.50
N TYR G 182 7.63 -52.65 7.59
CA TYR G 182 6.47 -51.80 7.64
C TYR G 182 6.70 -50.31 7.78
N ALA G 183 5.68 -49.54 7.44
CA ALA G 183 5.76 -48.10 7.53
C ALA G 183 4.48 -47.51 8.11
N ALA G 184 4.63 -46.41 8.82
CA ALA G 184 3.50 -45.72 9.43
C ALA G 184 3.85 -44.25 9.47
N SER G 185 2.86 -43.41 9.73
CA SER G 185 3.11 -41.98 9.84
C SER G 185 2.04 -41.35 10.73
N SER G 186 2.47 -40.37 11.53
CA SER G 186 1.59 -39.66 12.45
C SER G 186 1.71 -38.17 12.25
N TYR G 187 0.60 -37.45 12.45
CA TYR G 187 0.59 -36.01 12.26
C TYR G 187 0.01 -35.24 13.45
N LEU G 188 0.79 -34.30 13.96
CA LEU G 188 0.33 -33.49 15.08
C LEU G 188 0.00 -32.08 14.61
N SER G 189 -1.29 -31.76 14.56
CA SER G 189 -1.72 -30.43 14.15
C SER G 189 -1.57 -29.49 15.34
N LEU G 190 -0.95 -28.35 15.07
CA LEU G 190 -0.71 -27.33 16.09
C LEU G 190 -1.01 -25.96 15.54
N THR G 191 -1.50 -25.05 16.38
CA THR G 191 -1.74 -23.69 15.93
C THR G 191 -0.35 -23.08 15.97
N PRO G 192 -0.11 -22.04 15.16
CA PRO G 192 1.20 -21.38 15.13
C PRO G 192 1.72 -21.00 16.53
N GLU G 193 0.81 -20.57 17.40
CA GLU G 193 1.15 -20.17 18.75
C GLU G 193 1.71 -21.31 19.59
N GLN G 194 0.94 -22.38 19.72
CA GLN G 194 1.36 -23.56 20.48
C GLN G 194 2.77 -23.97 20.05
N TRP G 195 3.01 -23.90 18.76
CA TRP G 195 4.30 -24.25 18.20
C TRP G 195 5.37 -23.27 18.67
N LYS G 196 5.19 -21.98 18.40
CA LYS G 196 6.15 -20.96 18.79
C LYS G 196 6.44 -20.99 20.30
N SER G 197 5.46 -21.45 21.07
CA SER G 197 5.59 -21.53 22.52
C SER G 197 6.65 -22.53 22.95
N HIS G 198 6.19 -23.67 23.45
CA HIS G 198 7.02 -24.76 23.92
C HIS G 198 8.43 -24.80 23.37
N LYS G 199 9.38 -25.15 24.23
CA LYS G 199 10.79 -25.23 23.84
C LYS G 199 10.96 -26.31 22.78
N SER G 200 10.12 -27.34 22.85
CA SER G 200 10.21 -28.42 21.89
C SER G 200 8.98 -29.31 21.81
N TYR G 201 9.01 -30.20 20.83
CA TYR G 201 7.95 -31.17 20.58
C TYR G 201 8.64 -32.47 20.17
N SER G 202 8.17 -33.59 20.70
CA SER G 202 8.78 -34.87 20.39
C SER G 202 7.79 -35.95 19.94
N CYS G 203 8.24 -36.78 19.01
CA CYS G 203 7.43 -37.88 18.51
C CYS G 203 8.03 -39.17 19.06
N GLN G 204 7.24 -39.89 19.87
CA GLN G 204 7.70 -41.14 20.45
C GLN G 204 6.99 -42.32 19.80
N VAL G 205 7.78 -43.19 19.18
CA VAL G 205 7.26 -44.37 18.52
C VAL G 205 7.77 -45.60 19.26
N THR G 206 6.86 -46.45 19.70
CA THR G 206 7.24 -47.65 20.44
C THR G 206 6.92 -48.91 19.64
N HIS G 207 7.91 -49.78 19.53
CA HIS G 207 7.79 -51.03 18.79
C HIS G 207 8.50 -52.16 19.53
N GLU G 208 7.71 -53.14 19.97
CA GLU G 208 8.24 -54.31 20.69
C GLU G 208 8.95 -53.96 21.99
N GLY G 209 8.34 -53.09 22.79
CA GLY G 209 8.93 -52.70 24.06
C GLY G 209 10.04 -51.69 23.98
N SER G 210 10.73 -51.63 22.85
CA SER G 210 11.81 -50.67 22.67
C SER G 210 11.22 -49.46 21.98
N THR G 211 11.36 -48.30 22.63
CA THR G 211 10.81 -47.06 22.09
C THR G 211 11.87 -46.16 21.44
N VAL G 212 11.44 -45.39 20.45
CA VAL G 212 12.30 -44.47 19.72
C VAL G 212 11.61 -43.12 19.54
N GLU G 213 12.26 -42.05 19.98
CA GLU G 213 11.67 -40.73 19.83
C GLU G 213 12.57 -39.78 19.04
N LYS G 214 11.95 -38.74 18.51
CA LYS G 214 12.62 -37.70 17.75
C LYS G 214 11.99 -36.40 18.19
N THR G 215 12.75 -35.31 18.14
CA THR G 215 12.21 -34.03 18.57
C THR G 215 12.65 -32.87 17.68
N VAL G 216 11.87 -31.80 17.69
CA VAL G 216 12.16 -30.61 16.90
C VAL G 216 11.82 -29.36 17.70
N ALA G 217 12.57 -28.28 17.45
CA ALA G 217 12.35 -27.03 18.16
C ALA G 217 12.05 -25.87 17.22
N PRO G 218 11.23 -24.90 17.67
CA PRO G 218 10.86 -23.72 16.87
C PRO G 218 12.08 -22.85 16.53
N THR G 219 11.89 -21.87 15.67
CA THR G 219 12.96 -20.98 15.27
C THR G 219 12.84 -19.63 15.99
N GLU H 1 -19.92 -68.19 -14.87
CA GLU H 1 -20.10 -69.28 -13.85
C GLU H 1 -20.78 -68.68 -12.62
N VAL H 2 -20.63 -69.36 -11.48
CA VAL H 2 -21.25 -68.91 -10.24
C VAL H 2 -20.59 -67.66 -9.67
N GLN H 3 -21.35 -66.58 -9.55
CA GLN H 3 -20.77 -65.36 -9.00
C GLN H 3 -21.78 -64.30 -8.61
N LEU H 4 -21.36 -63.43 -7.70
CA LEU H 4 -22.19 -62.32 -7.23
C LEU H 4 -21.43 -61.04 -7.58
N VAL H 5 -21.99 -60.26 -8.49
CA VAL H 5 -21.38 -59.00 -8.91
C VAL H 5 -22.17 -57.88 -8.26
N GLU H 6 -21.47 -56.99 -7.57
CA GLU H 6 -22.11 -55.88 -6.86
C GLU H 6 -21.90 -54.52 -7.51
N SER H 7 -22.82 -53.60 -7.23
CA SER H 7 -22.77 -52.24 -7.76
C SER H 7 -21.52 -51.50 -7.28
N GLY H 8 -21.19 -50.40 -7.93
CA GLY H 8 -19.99 -49.65 -7.58
C GLY H 8 -20.04 -48.73 -6.36
N GLY H 9 -18.88 -48.50 -5.76
CA GLY H 9 -18.79 -47.65 -4.59
C GLY H 9 -19.35 -46.25 -4.83
N GLU H 10 -19.80 -45.60 -3.76
CA GLU H 10 -20.35 -44.26 -3.85
C GLU H 10 -20.00 -43.48 -2.59
N VAL H 11 -20.02 -42.15 -2.70
CA VAL H 11 -19.77 -41.28 -1.57
C VAL H 11 -21.07 -40.53 -1.36
N LYS H 12 -21.70 -40.75 -0.22
CA LYS H 12 -22.96 -40.10 0.05
C LYS H 12 -22.81 -39.14 1.21
N GLN H 13 -23.72 -38.18 1.27
CA GLN H 13 -23.73 -37.21 2.35
C GLN H 13 -24.73 -37.71 3.37
N PRO H 14 -24.59 -37.26 4.62
CA PRO H 14 -25.53 -37.71 5.66
C PRO H 14 -26.96 -37.32 5.28
N GLY H 15 -27.88 -38.26 5.42
CA GLY H 15 -29.28 -37.97 5.11
C GLY H 15 -29.76 -38.37 3.73
N GLN H 16 -28.85 -38.69 2.82
CA GLN H 16 -29.27 -39.10 1.48
C GLN H 16 -29.71 -40.55 1.50
N SER H 17 -30.60 -40.90 0.59
CA SER H 17 -31.08 -42.27 0.50
C SER H 17 -30.07 -43.04 -0.34
N LEU H 18 -30.05 -44.36 -0.16
CA LEU H 18 -29.11 -45.18 -0.89
C LEU H 18 -29.67 -46.55 -1.25
N LYS H 19 -29.27 -47.04 -2.41
CA LYS H 19 -29.66 -48.36 -2.88
C LYS H 19 -28.45 -48.98 -3.53
N ILE H 20 -28.03 -50.15 -3.04
CA ILE H 20 -26.91 -50.85 -3.65
C ILE H 20 -27.48 -52.17 -4.11
N SER H 21 -26.86 -52.76 -5.13
CA SER H 21 -27.35 -54.00 -5.71
C SER H 21 -26.35 -55.14 -5.83
N CYS H 22 -26.88 -56.34 -5.99
CA CYS H 22 -26.06 -57.55 -6.13
C CYS H 22 -26.66 -58.45 -7.21
N LYS H 23 -25.94 -58.60 -8.32
CA LYS H 23 -26.41 -59.44 -9.43
C LYS H 23 -25.91 -60.86 -9.29
N SER H 24 -26.85 -61.81 -9.26
CA SER H 24 -26.50 -63.22 -9.14
C SER H 24 -26.28 -63.79 -10.53
N SER H 25 -25.42 -64.80 -10.63
CA SER H 25 -25.15 -65.40 -11.91
C SER H 25 -24.62 -66.83 -11.80
N GLY H 26 -25.13 -67.71 -12.65
CA GLY H 26 -24.66 -69.09 -12.67
C GLY H 26 -25.38 -70.14 -11.84
N TYR H 27 -26.52 -69.81 -11.26
CA TYR H 27 -27.27 -70.78 -10.44
C TYR H 27 -28.65 -70.24 -10.17
N ASN H 28 -29.51 -71.04 -9.56
CA ASN H 28 -30.86 -70.56 -9.27
C ASN H 28 -30.85 -69.58 -8.11
N PHE H 29 -30.97 -68.30 -8.46
CA PHE H 29 -30.99 -67.20 -7.51
C PHE H 29 -32.04 -67.42 -6.42
N LEU H 30 -33.23 -67.82 -6.83
CA LEU H 30 -34.34 -68.03 -5.91
C LEU H 30 -34.17 -69.00 -4.74
N ASP H 31 -33.47 -70.10 -4.96
CA ASP H 31 -33.34 -71.13 -3.92
C ASP H 31 -32.27 -71.02 -2.85
N SER H 32 -31.46 -69.97 -2.88
CA SER H 32 -30.44 -69.82 -1.85
C SER H 32 -30.54 -68.48 -1.15
N TRP H 33 -30.43 -68.50 0.18
CA TRP H 33 -30.50 -67.26 0.95
C TRP H 33 -29.36 -66.32 0.57
N ILE H 34 -29.69 -65.04 0.53
CA ILE H 34 -28.71 -64.00 0.24
C ILE H 34 -28.50 -63.22 1.52
N GLY H 35 -27.28 -63.26 2.05
CA GLY H 35 -27.01 -62.54 3.28
C GLY H 35 -26.14 -61.32 3.01
N TRP H 36 -26.23 -60.34 3.91
CA TRP H 36 -25.43 -59.12 3.79
C TRP H 36 -24.56 -58.94 5.03
N VAL H 37 -23.34 -58.49 4.82
CA VAL H 37 -22.37 -58.29 5.87
C VAL H 37 -21.61 -57.00 5.66
N ARG H 38 -21.48 -56.19 6.71
CA ARG H 38 -20.76 -54.93 6.59
C ARG H 38 -19.40 -54.98 7.26
N GLN H 39 -18.48 -54.18 6.74
CA GLN H 39 -17.16 -54.13 7.31
C GLN H 39 -16.71 -52.67 7.32
N ILE H 40 -16.47 -52.14 8.50
CA ILE H 40 -16.00 -50.78 8.64
C ILE H 40 -14.47 -50.90 8.50
N PRO H 41 -13.86 -50.03 7.68
CA PRO H 41 -12.40 -50.06 7.47
C PRO H 41 -11.60 -50.38 8.72
N GLY H 42 -10.77 -51.42 8.63
CA GLY H 42 -9.95 -51.81 9.76
C GLY H 42 -10.69 -52.60 10.81
N LYS H 43 -12.01 -52.75 10.65
CA LYS H 43 -12.82 -53.51 11.61
C LYS H 43 -13.22 -54.88 11.04
N GLY H 44 -13.87 -55.70 11.87
CA GLY H 44 -14.29 -57.02 11.43
C GLY H 44 -15.67 -57.09 10.80
N LEU H 45 -16.06 -58.31 10.43
CA LEU H 45 -17.36 -58.56 9.82
C LEU H 45 -18.51 -58.41 10.81
N GLU H 46 -19.58 -57.78 10.36
CA GLU H 46 -20.77 -57.64 11.19
C GLU H 46 -21.95 -57.86 10.28
N TRP H 47 -22.83 -58.77 10.70
CA TRP H 47 -24.01 -59.15 9.95
C TRP H 47 -25.13 -58.12 9.98
N ILE H 48 -25.81 -57.97 8.85
CA ILE H 48 -26.93 -57.05 8.78
C ILE H 48 -28.24 -57.80 8.51
N GLY H 49 -28.16 -58.90 7.77
CA GLY H 49 -29.38 -59.65 7.50
C GLY H 49 -29.27 -60.73 6.45
N ILE H 50 -30.39 -61.36 6.15
CA ILE H 50 -30.48 -62.39 5.11
C ILE H 50 -31.88 -62.34 4.52
N ILE H 51 -32.00 -62.65 3.24
CA ILE H 51 -33.30 -62.64 2.60
C ILE H 51 -33.37 -63.83 1.65
N TYR H 52 -34.54 -64.47 1.61
CA TYR H 52 -34.73 -65.62 0.72
C TYR H 52 -35.46 -65.13 -0.54
N PRO H 53 -34.72 -65.04 -1.66
CA PRO H 53 -35.22 -64.59 -2.96
C PRO H 53 -36.62 -65.07 -3.36
N ASP H 54 -36.84 -66.37 -3.32
CA ASP H 54 -38.13 -66.92 -3.70
C ASP H 54 -39.38 -66.30 -3.11
N ASP H 55 -39.30 -65.85 -1.85
CA ASP H 55 -40.47 -65.28 -1.19
C ASP H 55 -40.20 -64.03 -0.36
N SER H 56 -38.96 -63.56 -0.41
CA SER H 56 -38.54 -62.38 0.33
C SER H 56 -38.55 -62.53 1.84
N ASP H 57 -38.60 -63.77 2.33
CA ASP H 57 -38.55 -63.99 3.77
C ASP H 57 -37.21 -63.39 4.19
N ALA H 58 -37.22 -62.59 5.25
CA ALA H 58 -35.99 -61.97 5.68
C ALA H 58 -35.78 -62.03 7.19
N HIS H 59 -34.53 -61.82 7.58
CA HIS H 59 -34.11 -61.81 8.99
C HIS H 59 -33.10 -60.69 9.09
N TYR H 60 -33.33 -59.78 10.03
CA TYR H 60 -32.43 -58.63 10.24
C TYR H 60 -31.65 -58.72 11.55
N SER H 61 -30.51 -58.04 11.58
CA SER H 61 -29.72 -57.99 12.81
C SER H 61 -30.29 -56.79 13.57
N PRO H 62 -30.38 -56.89 14.90
CA PRO H 62 -30.93 -55.80 15.72
C PRO H 62 -30.34 -54.44 15.39
N SER H 63 -29.02 -54.41 15.18
CA SER H 63 -28.32 -53.18 14.84
C SER H 63 -28.81 -52.53 13.54
N PHE H 64 -29.28 -53.33 12.60
CA PHE H 64 -29.72 -52.83 11.30
C PHE H 64 -31.22 -52.73 11.04
N GLU H 65 -32.02 -53.52 11.76
CA GLU H 65 -33.46 -53.48 11.54
C GLU H 65 -33.95 -52.08 11.88
N GLY H 66 -34.68 -51.48 10.94
CA GLY H 66 -35.20 -50.14 11.16
C GLY H 66 -34.20 -49.09 10.72
N GLN H 67 -33.18 -49.54 9.99
CA GLN H 67 -32.14 -48.65 9.47
C GLN H 67 -31.97 -48.93 7.98
N VAL H 68 -32.28 -50.17 7.58
CA VAL H 68 -32.11 -50.57 6.20
C VAL H 68 -33.14 -51.63 5.79
N THR H 69 -33.35 -51.76 4.48
CA THR H 69 -34.30 -52.73 3.97
C THR H 69 -33.70 -53.60 2.87
N MET H 70 -33.95 -54.90 2.96
CA MET H 70 -33.48 -55.84 1.94
C MET H 70 -34.65 -56.11 1.01
N SER H 71 -34.35 -56.43 -0.24
CA SER H 71 -35.36 -56.76 -1.22
C SER H 71 -34.65 -57.45 -2.38
N VAL H 72 -35.44 -58.03 -3.28
CA VAL H 72 -34.89 -58.70 -4.45
C VAL H 72 -35.78 -58.43 -5.64
N ASP H 73 -35.23 -58.70 -6.82
CA ASP H 73 -35.95 -58.54 -8.06
C ASP H 73 -35.65 -59.84 -8.81
N LYS H 74 -36.59 -60.76 -8.71
CA LYS H 74 -36.48 -62.08 -9.30
C LYS H 74 -36.17 -62.09 -10.80
N SER H 75 -36.84 -61.21 -11.55
CA SER H 75 -36.66 -61.15 -12.99
C SER H 75 -35.21 -60.87 -13.43
N ILE H 76 -34.43 -60.19 -12.60
CA ILE H 76 -33.03 -59.93 -12.94
C ILE H 76 -32.07 -60.54 -11.93
N SER H 77 -32.59 -61.45 -11.11
CA SER H 77 -31.80 -62.14 -10.10
C SER H 77 -30.89 -61.18 -9.33
N THR H 78 -31.48 -60.10 -8.83
CA THR H 78 -30.73 -59.12 -8.09
C THR H 78 -31.22 -58.89 -6.67
N ALA H 79 -30.28 -58.76 -5.75
CA ALA H 79 -30.60 -58.50 -4.36
C ALA H 79 -30.24 -57.04 -4.10
N TYR H 80 -31.12 -56.32 -3.40
CA TYR H 80 -30.89 -54.92 -3.09
C TYR H 80 -30.83 -54.67 -1.59
N LEU H 81 -30.13 -53.61 -1.23
CA LEU H 81 -29.99 -53.20 0.15
C LEU H 81 -30.18 -51.68 0.10
N GLN H 82 -31.15 -51.15 0.84
CA GLN H 82 -31.34 -49.70 0.80
C GLN H 82 -31.67 -48.96 2.10
N TRP H 83 -31.34 -47.67 2.09
CA TRP H 83 -31.55 -46.77 3.23
C TRP H 83 -32.47 -45.64 2.79
N THR H 84 -33.14 -45.03 3.76
CA THR H 84 -34.00 -43.89 3.47
C THR H 84 -33.14 -42.65 3.74
N THR H 85 -32.39 -42.71 4.83
CA THR H 85 -31.52 -41.61 5.24
C THR H 85 -30.22 -42.15 5.83
N LEU H 86 -29.09 -41.77 5.24
CA LEU H 86 -27.81 -42.25 5.72
C LEU H 86 -27.22 -41.45 6.87
N GLN H 87 -26.32 -42.07 7.61
CA GLN H 87 -25.65 -41.42 8.73
C GLN H 87 -24.20 -41.89 8.72
N ALA H 88 -23.33 -41.10 9.36
CA ALA H 88 -21.90 -41.40 9.41
C ALA H 88 -21.58 -42.84 9.78
N SER H 89 -22.40 -43.44 10.64
CA SER H 89 -22.20 -44.80 11.09
C SER H 89 -22.32 -45.82 9.96
N ASP H 90 -22.99 -45.46 8.88
CA ASP H 90 -23.18 -46.38 7.77
C ASP H 90 -21.97 -46.56 6.85
N THR H 91 -20.91 -45.80 7.09
CA THR H 91 -19.68 -45.90 6.31
C THR H 91 -19.13 -47.33 6.38
N GLY H 92 -18.72 -47.88 5.24
CA GLY H 92 -18.17 -49.23 5.22
C GLY H 92 -18.27 -50.00 3.91
N LYS H 93 -17.63 -51.17 3.87
CA LYS H 93 -17.65 -52.00 2.68
C LYS H 93 -18.77 -53.03 2.80
N TYR H 94 -19.72 -52.98 1.88
CA TYR H 94 -20.83 -53.92 1.95
C TYR H 94 -20.69 -55.14 1.04
N PHE H 95 -20.70 -56.31 1.69
CA PHE H 95 -20.59 -57.57 0.99
C PHE H 95 -21.93 -58.25 0.84
N CYS H 96 -22.08 -58.89 -0.31
CA CYS H 96 -23.26 -59.64 -0.67
C CYS H 96 -22.74 -61.08 -0.68
N THR H 97 -23.46 -62.01 -0.05
CA THR H 97 -22.99 -63.38 0.02
C THR H 97 -24.13 -64.40 -0.07
N ARG H 98 -23.83 -65.61 -0.51
CA ARG H 98 -24.87 -66.64 -0.63
C ARG H 98 -24.76 -67.77 0.38
N LEU H 99 -25.85 -68.03 1.09
CA LEU H 99 -25.87 -69.11 2.05
C LEU H 99 -25.97 -70.44 1.30
N TYR H 100 -25.01 -71.32 1.54
CA TYR H 100 -25.01 -72.60 0.87
C TYR H 100 -25.51 -73.72 1.77
N LEU H 101 -26.19 -74.68 1.17
CA LEU H 101 -26.72 -75.81 1.90
C LEU H 101 -25.93 -77.07 1.59
N PHE H 102 -25.20 -77.56 2.59
CA PHE H 102 -24.41 -78.77 2.43
C PHE H 102 -25.26 -79.88 3.00
N GLU H 103 -25.57 -80.85 2.14
CA GLU H 103 -26.40 -81.99 2.50
C GLU H 103 -25.61 -83.25 2.79
N GLY H 104 -26.13 -84.09 3.69
CA GLY H 104 -25.46 -85.33 4.03
C GLY H 104 -26.09 -85.97 5.25
N ALA H 105 -25.39 -86.92 5.86
CA ALA H 105 -25.90 -87.59 7.06
C ALA H 105 -26.52 -86.50 7.93
N GLN H 106 -25.76 -85.43 8.14
CA GLN H 106 -26.20 -84.28 8.92
C GLN H 106 -26.05 -83.11 7.95
N SER H 107 -27.00 -82.18 7.95
CA SER H 107 -26.93 -81.05 7.04
C SER H 107 -26.48 -79.79 7.76
N SER H 108 -25.97 -78.83 6.99
CA SER H 108 -25.48 -77.57 7.54
C SER H 108 -25.45 -76.52 6.45
N ASN H 109 -25.11 -75.28 6.84
CA ASN H 109 -25.03 -74.15 5.92
C ASN H 109 -23.84 -73.25 6.16
N ALA H 110 -23.47 -72.47 5.15
CA ALA H 110 -22.37 -71.52 5.25
C ALA H 110 -22.32 -70.66 4.01
N PHE H 111 -21.80 -69.45 4.16
CA PHE H 111 -21.70 -68.52 3.04
C PHE H 111 -20.48 -68.92 2.22
N ASP H 112 -20.74 -69.61 1.12
CA ASP H 112 -19.70 -70.11 0.24
C ASP H 112 -19.33 -69.14 -0.89
N LEU H 113 -20.30 -68.36 -1.35
CA LEU H 113 -20.08 -67.42 -2.43
C LEU H 113 -20.18 -65.99 -1.91
N TRP H 114 -19.23 -65.15 -2.32
CA TRP H 114 -19.20 -63.76 -1.89
C TRP H 114 -19.00 -62.79 -3.07
N GLY H 115 -19.62 -61.61 -2.96
CA GLY H 115 -19.44 -60.60 -4.00
C GLY H 115 -18.14 -59.88 -3.68
N GLN H 116 -17.68 -59.03 -4.61
CA GLN H 116 -16.43 -58.28 -4.41
C GLN H 116 -16.57 -57.14 -3.42
N GLY H 117 -17.80 -56.67 -3.23
CA GLY H 117 -17.99 -55.61 -2.27
C GLY H 117 -18.30 -54.26 -2.89
N THR H 118 -18.99 -53.44 -2.10
CA THR H 118 -19.36 -52.09 -2.50
C THR H 118 -18.97 -51.14 -1.40
N MET H 119 -17.97 -50.30 -1.65
CA MET H 119 -17.52 -49.34 -0.64
C MET H 119 -18.40 -48.09 -0.59
N ILE H 120 -18.92 -47.81 0.60
CA ILE H 120 -19.78 -46.67 0.83
C ILE H 120 -19.23 -45.76 1.92
N LEU H 121 -18.83 -44.55 1.52
CA LEU H 121 -18.29 -43.56 2.43
C LEU H 121 -19.32 -42.46 2.60
N VAL H 122 -19.98 -42.42 3.75
CA VAL H 122 -20.95 -41.36 4.02
C VAL H 122 -20.11 -40.22 4.57
N SER H 123 -20.11 -39.10 3.84
CA SER H 123 -19.27 -37.98 4.25
C SER H 123 -19.77 -36.67 3.66
N SER H 124 -19.29 -35.57 4.22
CA SER H 124 -19.64 -34.25 3.75
C SER H 124 -18.42 -33.74 3.01
N GLY H 125 -17.40 -34.59 2.95
CA GLY H 125 -16.17 -34.25 2.27
C GLY H 125 -16.48 -33.78 0.86
N THR H 126 -15.80 -32.72 0.44
CA THR H 126 -15.99 -32.15 -0.88
C THR H 126 -14.68 -32.26 -1.67
N THR H 127 -14.79 -32.74 -2.91
CA THR H 127 -13.61 -32.91 -3.76
C THR H 127 -12.82 -31.61 -3.90
N LYS H 128 -11.54 -31.67 -3.54
CA LYS H 128 -10.66 -30.52 -3.61
C LYS H 128 -9.19 -30.95 -3.67
N GLY H 129 -8.37 -30.11 -4.31
CA GLY H 129 -6.96 -30.39 -4.44
C GLY H 129 -6.17 -30.10 -3.17
N PRO H 130 -5.02 -30.77 -3.00
CA PRO H 130 -4.14 -30.61 -1.85
C PRO H 130 -3.36 -29.31 -1.84
N SER H 131 -2.77 -29.03 -0.69
CA SER H 131 -1.93 -27.87 -0.51
C SER H 131 -0.55 -28.52 -0.32
N VAL H 132 0.45 -28.03 -1.03
CA VAL H 132 1.78 -28.63 -0.93
C VAL H 132 2.82 -27.74 -0.24
N PHE H 133 3.40 -28.28 0.83
CA PHE H 133 4.40 -27.59 1.61
C PHE H 133 5.74 -28.33 1.55
N PRO H 134 6.85 -27.57 1.54
CA PRO H 134 8.17 -28.22 1.48
C PRO H 134 8.59 -28.68 2.87
N LEU H 135 9.30 -29.80 2.91
CA LEU H 135 9.81 -30.35 4.16
C LEU H 135 11.33 -30.23 4.09
N ALA H 136 11.81 -29.06 4.48
CA ALA H 136 13.23 -28.71 4.46
C ALA H 136 14.18 -29.74 5.09
N PRO H 137 15.36 -29.91 4.48
CA PRO H 137 16.38 -30.85 4.95
C PRO H 137 17.47 -30.14 5.77
N SER H 138 18.64 -30.78 5.81
CA SER H 138 19.83 -30.29 6.52
C SER H 138 19.79 -30.46 8.03
N SER H 139 20.78 -31.20 8.55
CA SER H 139 20.93 -31.45 9.98
C SER H 139 19.78 -32.19 10.65
N LYS H 140 18.61 -31.57 10.71
CA LYS H 140 17.42 -32.18 11.34
C LYS H 140 16.89 -33.38 10.54
N SER H 141 17.69 -33.83 9.57
CA SER H 141 17.33 -34.97 8.73
C SER H 141 18.59 -35.52 8.08
N THR H 142 19.61 -35.75 8.91
CA THR H 142 20.89 -36.27 8.47
C THR H 142 21.52 -37.05 9.62
N SER H 143 22.33 -38.05 9.30
CA SER H 143 23.00 -38.86 10.33
C SER H 143 24.24 -39.49 9.71
N GLY H 144 24.68 -38.93 8.59
CA GLY H 144 25.86 -39.43 7.90
C GLY H 144 26.01 -38.72 6.56
N GLY H 145 26.41 -39.47 5.55
CA GLY H 145 26.57 -38.88 4.23
C GLY H 145 25.25 -38.78 3.51
N THR H 146 24.19 -38.53 4.26
CA THR H 146 22.85 -38.43 3.71
C THR H 146 21.92 -37.50 4.50
N ALA H 147 20.99 -36.87 3.78
CA ALA H 147 20.02 -35.95 4.37
C ALA H 147 18.61 -36.36 3.96
N ALA H 148 17.62 -36.02 4.78
CA ALA H 148 16.23 -36.36 4.49
C ALA H 148 15.38 -35.12 4.26
N LEU H 149 14.62 -35.12 3.17
CA LEU H 149 13.76 -34.00 2.84
C LEU H 149 12.56 -34.52 2.05
N GLY H 150 11.46 -33.78 2.07
CA GLY H 150 10.28 -34.23 1.34
C GLY H 150 9.22 -33.18 1.06
N CYS H 151 7.97 -33.64 1.06
CA CYS H 151 6.83 -32.77 0.79
C CYS H 151 5.62 -33.19 1.61
N LEU H 152 4.86 -32.21 2.06
CA LEU H 152 3.65 -32.46 2.82
C LEU H 152 2.45 -32.16 1.92
N VAL H 153 1.69 -33.21 1.58
CA VAL H 153 0.50 -33.06 0.74
C VAL H 153 -0.70 -33.07 1.69
N LYS H 154 -1.15 -31.87 2.07
CA LYS H 154 -2.26 -31.73 3.02
C LYS H 154 -3.65 -31.45 2.47
N ASP H 155 -4.63 -32.01 3.18
CA ASP H 155 -6.06 -31.86 2.90
C ASP H 155 -6.54 -31.89 1.46
N TYR H 156 -6.67 -33.09 0.92
CA TYR H 156 -7.14 -33.29 -0.44
C TYR H 156 -8.19 -34.40 -0.39
N PHE H 157 -9.07 -34.42 -1.38
CA PHE H 157 -10.12 -35.42 -1.43
C PHE H 157 -10.71 -35.46 -2.82
N PRO H 158 -10.92 -36.68 -3.36
CA PRO H 158 -10.59 -37.94 -2.70
C PRO H 158 -9.26 -38.49 -3.17
N GLU H 159 -9.02 -39.77 -2.91
CA GLU H 159 -7.80 -40.45 -3.35
C GLU H 159 -7.89 -40.66 -4.86
N PRO H 160 -6.73 -40.82 -5.52
CA PRO H 160 -5.40 -40.82 -4.93
C PRO H 160 -4.59 -39.63 -5.44
N VAL H 161 -3.37 -39.49 -4.92
CA VAL H 161 -2.46 -38.44 -5.37
C VAL H 161 -1.20 -39.14 -5.85
N THR H 162 -0.52 -38.53 -6.79
CA THR H 162 0.71 -39.11 -7.31
C THR H 162 1.82 -38.17 -6.95
N VAL H 163 2.99 -38.72 -6.67
CA VAL H 163 4.13 -37.89 -6.32
C VAL H 163 5.43 -38.50 -6.83
N SER H 164 6.14 -37.71 -7.63
CA SER H 164 7.41 -38.12 -8.18
C SER H 164 8.37 -36.98 -7.84
N TRP H 165 9.67 -37.21 -8.05
CA TRP H 165 10.67 -36.18 -7.79
C TRP H 165 11.49 -35.90 -9.04
N ASN H 166 11.80 -34.62 -9.24
CA ASN H 166 12.57 -34.20 -10.41
C ASN H 166 11.97 -34.84 -11.67
N SER H 167 10.65 -34.92 -11.68
CA SER H 167 9.90 -35.45 -12.81
C SER H 167 10.11 -36.92 -13.13
N GLY H 168 10.32 -37.73 -12.10
CA GLY H 168 10.51 -39.15 -12.29
C GLY H 168 11.95 -39.58 -12.48
N ALA H 169 12.88 -38.65 -12.33
CA ALA H 169 14.28 -38.96 -12.50
C ALA H 169 14.87 -39.47 -11.19
N LEU H 170 14.41 -38.88 -10.08
CA LEU H 170 14.88 -39.25 -8.75
C LEU H 170 14.05 -40.36 -8.10
N THR H 171 14.43 -41.60 -8.35
CA THR H 171 13.74 -42.75 -7.76
C THR H 171 14.82 -43.56 -7.06
N SER H 172 15.26 -43.06 -5.92
CA SER H 172 16.30 -43.70 -5.14
C SER H 172 16.38 -42.97 -3.81
N GLY H 173 15.88 -43.61 -2.77
CA GLY H 173 15.88 -42.97 -1.46
C GLY H 173 14.52 -42.36 -1.23
N VAL H 174 13.65 -42.54 -2.22
CA VAL H 174 12.29 -42.01 -2.17
C VAL H 174 11.38 -42.97 -1.42
N HIS H 175 10.44 -42.40 -0.66
CA HIS H 175 9.51 -43.20 0.10
C HIS H 175 8.24 -42.38 0.33
N THR H 176 7.24 -42.64 -0.50
CA THR H 176 5.97 -41.93 -0.38
C THR H 176 5.08 -42.74 0.54
N PHE H 177 4.69 -42.13 1.66
CA PHE H 177 3.84 -42.81 2.62
C PHE H 177 2.35 -42.78 2.30
N PRO H 178 1.63 -43.84 2.70
CA PRO H 178 0.19 -43.93 2.47
C PRO H 178 -0.51 -42.77 3.17
N ALA H 179 -1.59 -42.29 2.56
CA ALA H 179 -2.33 -41.17 3.12
C ALA H 179 -3.03 -41.50 4.42
N VAL H 180 -3.25 -40.48 5.23
CA VAL H 180 -3.93 -40.65 6.48
C VAL H 180 -5.28 -39.97 6.29
N LEU H 181 -6.34 -40.64 6.72
CA LEU H 181 -7.67 -40.07 6.62
C LEU H 181 -7.91 -39.41 7.97
N GLN H 182 -8.12 -38.11 7.98
CA GLN H 182 -8.33 -37.40 9.23
C GLN H 182 -9.77 -37.01 9.47
N SER H 183 -10.13 -36.92 10.76
CA SER H 183 -11.47 -36.57 11.21
C SER H 183 -12.18 -35.52 10.36
N SER H 184 -11.40 -34.64 9.76
CA SER H 184 -11.95 -33.59 8.91
C SER H 184 -12.55 -34.18 7.62
N GLY H 185 -12.21 -35.43 7.33
CA GLY H 185 -12.72 -36.09 6.14
C GLY H 185 -11.76 -36.04 4.96
N LEU H 186 -10.72 -35.22 5.09
CA LEU H 186 -9.71 -35.06 4.06
C LEU H 186 -8.47 -35.91 4.33
N TYR H 187 -7.72 -36.19 3.27
CA TYR H 187 -6.51 -36.99 3.37
C TYR H 187 -5.26 -36.12 3.42
N SER H 188 -4.15 -36.72 3.87
CA SER H 188 -2.86 -36.07 3.93
C SER H 188 -1.80 -37.15 3.90
N LEU H 189 -0.76 -36.92 3.09
CA LEU H 189 0.33 -37.88 3.00
C LEU H 189 1.61 -37.08 2.76
N SER H 190 2.75 -37.71 2.97
CA SER H 190 4.02 -37.05 2.78
C SER H 190 4.97 -37.96 2.03
N SER H 191 5.90 -37.37 1.30
CA SER H 191 6.88 -38.14 0.56
C SER H 191 8.23 -37.69 1.10
N VAL H 192 9.13 -38.64 1.34
CA VAL H 192 10.45 -38.29 1.86
C VAL H 192 11.55 -38.91 1.01
N VAL H 193 12.65 -38.19 0.84
CA VAL H 193 13.76 -38.66 0.05
C VAL H 193 15.07 -38.44 0.81
N THR H 194 15.97 -39.40 0.70
CA THR H 194 17.25 -39.30 1.36
C THR H 194 18.32 -39.15 0.28
N VAL H 195 19.06 -38.04 0.35
CA VAL H 195 20.10 -37.74 -0.61
C VAL H 195 21.39 -37.35 0.12
N PRO H 196 22.53 -37.36 -0.59
CA PRO H 196 23.83 -37.01 -0.02
C PRO H 196 23.89 -35.57 0.47
N SER H 197 24.55 -35.34 1.59
CA SER H 197 24.65 -34.00 2.14
C SER H 197 25.68 -33.13 1.39
N SER H 198 26.23 -33.68 0.32
CA SER H 198 27.21 -32.95 -0.48
C SER H 198 26.56 -32.34 -1.72
N SER H 199 25.24 -32.55 -1.84
CA SER H 199 24.50 -32.04 -2.98
C SER H 199 23.34 -31.14 -2.55
N LEU H 200 23.12 -31.02 -1.24
CA LEU H 200 22.05 -30.21 -0.71
C LEU H 200 22.00 -28.81 -1.33
N GLY H 201 23.13 -28.11 -1.30
CA GLY H 201 23.19 -26.77 -1.85
C GLY H 201 23.39 -26.75 -3.35
N THR H 202 23.72 -27.90 -3.92
CA THR H 202 23.95 -28.02 -5.37
C THR H 202 22.69 -28.49 -6.11
N GLN H 203 22.48 -29.80 -6.13
CA GLN H 203 21.32 -30.39 -6.79
C GLN H 203 20.00 -29.88 -6.25
N THR H 204 19.13 -29.43 -7.15
CA THR H 204 17.81 -28.93 -6.78
C THR H 204 16.84 -30.09 -6.63
N TYR H 205 15.96 -30.01 -5.63
CA TYR H 205 14.99 -31.06 -5.39
C TYR H 205 13.56 -30.54 -5.54
N ILE H 206 12.80 -31.20 -6.41
CA ILE H 206 11.42 -30.82 -6.68
C ILE H 206 10.49 -32.01 -6.62
N CYS H 207 9.44 -31.90 -5.80
CA CYS H 207 8.47 -32.98 -5.73
C CYS H 207 7.31 -32.58 -6.62
N ASN H 208 6.86 -33.52 -7.44
CA ASN H 208 5.75 -33.26 -8.35
C ASN H 208 4.54 -34.01 -7.82
N VAL H 209 3.47 -33.25 -7.58
CA VAL H 209 2.24 -33.81 -7.04
C VAL H 209 1.10 -33.65 -8.03
N ASN H 210 0.38 -34.74 -8.27
CA ASN H 210 -0.76 -34.69 -9.16
C ASN H 210 -1.96 -35.27 -8.45
N HIS H 211 -3.07 -34.55 -8.52
CA HIS H 211 -4.32 -34.97 -7.92
C HIS H 211 -5.36 -34.85 -9.03
N LYS H 212 -5.43 -35.89 -9.83
CA LYS H 212 -6.34 -35.95 -10.97
C LYS H 212 -7.81 -35.66 -10.63
N PRO H 213 -8.29 -36.12 -9.46
CA PRO H 213 -9.69 -35.87 -9.12
C PRO H 213 -10.10 -34.40 -9.14
N SER H 214 -9.23 -33.52 -8.65
CA SER H 214 -9.54 -32.09 -8.62
C SER H 214 -8.86 -31.38 -9.77
N ASN H 215 -8.05 -32.12 -10.53
CA ASN H 215 -7.33 -31.55 -11.65
C ASN H 215 -6.31 -30.56 -11.12
N THR H 216 -5.51 -31.03 -10.16
CA THR H 216 -4.52 -30.21 -9.52
C THR H 216 -3.12 -30.79 -9.61
N LYS H 217 -2.25 -30.08 -10.31
CA LYS H 217 -0.87 -30.49 -10.45
C LYS H 217 -0.03 -29.39 -9.81
N VAL H 218 0.94 -29.78 -8.97
CA VAL H 218 1.79 -28.80 -8.31
C VAL H 218 3.25 -29.27 -8.26
N ASP H 219 4.16 -28.33 -8.46
CA ASP H 219 5.60 -28.60 -8.41
C ASP H 219 6.17 -27.65 -7.36
N LYS H 220 6.94 -28.18 -6.42
CA LYS H 220 7.52 -27.35 -5.36
C LYS H 220 8.97 -27.74 -5.05
N LYS H 221 9.86 -26.76 -5.07
CA LYS H 221 11.28 -27.01 -4.78
C LYS H 221 11.49 -27.14 -3.29
N VAL H 222 12.47 -27.95 -2.93
CA VAL H 222 12.82 -28.18 -1.54
C VAL H 222 14.29 -27.82 -1.41
N GLU H 223 14.58 -26.82 -0.60
CA GLU H 223 15.96 -26.39 -0.40
C GLU H 223 16.24 -26.19 1.08
N PRO H 224 17.52 -26.28 1.48
CA PRO H 224 17.87 -26.10 2.90
C PRO H 224 17.40 -24.73 3.38
N LYS H 225 17.30 -24.59 4.70
CA LYS H 225 16.84 -23.36 5.35
C LYS H 225 15.30 -23.32 5.30
N SER H 226 14.75 -22.95 4.15
CA SER H 226 13.30 -22.87 3.97
C SER H 226 12.75 -24.12 3.27
N ALA I 1 -35.66 -81.17 19.55
CA ALA I 1 -35.22 -82.26 18.63
C ALA I 1 -34.07 -81.78 17.74
N CYS I 2 -34.36 -81.56 16.46
CA CYS I 2 -33.34 -81.09 15.52
C CYS I 2 -33.37 -79.57 15.50
N GLN I 3 -32.37 -78.98 14.86
CA GLN I 3 -32.27 -77.53 14.76
C GLN I 3 -32.32 -77.14 13.29
N ALA I 4 -33.38 -77.59 12.62
CA ALA I 4 -33.59 -77.30 11.22
C ALA I 4 -34.75 -76.32 11.14
N PHE I 5 -34.63 -75.33 10.26
CA PHE I 5 -35.70 -74.34 10.09
C PHE I 5 -36.16 -74.33 8.64
N TYR I 6 -37.47 -74.22 8.44
CA TYR I 6 -38.03 -74.23 7.09
C TYR I 6 -37.76 -75.62 6.53
N ALA I 7 -37.66 -76.60 7.44
CA ALA I 7 -37.39 -77.99 7.07
C ALA I 7 -38.35 -78.56 6.03
N SER I 8 -39.48 -77.90 5.82
CA SER I 8 -40.46 -78.39 4.84
C SER I 8 -40.13 -77.90 3.43
N SER I 9 -39.07 -77.11 3.33
CA SER I 9 -38.59 -76.58 2.04
C SER I 9 -37.09 -76.85 2.08
N PRO I 10 -36.69 -78.07 1.69
CA PRO I 10 -35.27 -78.48 1.67
C PRO I 10 -34.29 -77.42 1.18
N ARG I 11 -34.55 -76.86 0.00
CA ARG I 11 -33.69 -75.84 -0.58
C ARG I 11 -33.50 -74.59 0.30
N LYS I 12 -34.53 -74.24 1.04
CA LYS I 12 -34.51 -73.05 1.88
C LYS I 12 -34.15 -73.34 3.34
N SER I 13 -34.09 -74.60 3.72
CA SER I 13 -33.82 -74.93 5.11
C SER I 13 -32.43 -74.54 5.62
N ILE I 14 -32.37 -74.21 6.90
CA ILE I 14 -31.13 -73.82 7.56
C ILE I 14 -30.94 -74.68 8.82
N HIS I 15 -29.93 -75.54 8.78
CA HIS I 15 -29.61 -76.43 9.88
C HIS I 15 -28.52 -75.78 10.72
N ILE I 16 -28.91 -75.37 11.92
CA ILE I 16 -28.05 -74.63 12.84
C ILE I 16 -27.14 -75.41 13.77
N GLY I 17 -27.52 -76.64 14.10
CA GLY I 17 -26.71 -77.43 15.01
C GLY I 17 -27.16 -78.87 14.97
N ALA I 18 -26.42 -79.73 15.66
CA ALA I 18 -26.72 -81.15 15.72
C ALA I 18 -28.11 -81.42 16.29
N CYS I 19 -28.72 -82.48 15.80
CA CYS I 19 -30.05 -82.87 16.25
C CYS I 19 -30.03 -83.46 17.66
N ALA I 20 -31.18 -83.43 18.31
CA ALA I 20 -31.36 -83.95 19.67
C ALA I 20 -30.35 -83.37 20.66
N SER J 1 -15.39 72.90 3.33
CA SER J 1 -16.18 71.79 2.70
C SER J 1 -16.22 71.83 1.17
N TYR J 2 -15.30 72.60 0.57
CA TYR J 2 -15.21 72.69 -0.88
C TYR J 2 -13.99 71.90 -1.33
N ASP J 3 -14.10 71.21 -2.45
CA ASP J 3 -13.00 70.41 -2.97
C ASP J 3 -11.91 71.23 -3.63
N LEU J 4 -10.77 70.58 -3.83
CA LEU J 4 -9.63 71.14 -4.52
C LEU J 4 -9.46 70.14 -5.67
N THR J 5 -9.58 70.59 -6.91
CA THR J 5 -9.45 69.68 -8.03
C THR J 5 -8.21 69.90 -8.86
N GLN J 6 -7.34 68.89 -8.87
CA GLN J 6 -6.12 68.93 -9.66
C GLN J 6 -6.09 67.64 -10.46
N PRO J 7 -5.50 67.68 -11.66
CA PRO J 7 -5.45 66.49 -12.51
C PRO J 7 -4.61 65.36 -11.92
N PRO J 8 -5.16 64.13 -11.92
CA PRO J 8 -4.37 63.04 -11.35
C PRO J 8 -3.07 62.82 -12.11
N SER J 9 -3.02 63.21 -13.38
CA SER J 9 -1.81 63.01 -14.16
C SER J 9 -1.43 64.09 -15.16
N VAL J 10 -0.15 64.44 -15.16
CA VAL J 10 0.42 65.42 -16.08
C VAL J 10 1.72 64.82 -16.61
N SER J 11 1.89 64.86 -17.94
CA SER J 11 3.09 64.31 -18.57
C SER J 11 3.85 65.35 -19.37
N VAL J 12 5.17 65.29 -19.30
CA VAL J 12 6.01 66.25 -20.01
C VAL J 12 7.36 65.62 -20.37
N SER J 13 8.08 66.23 -21.31
CA SER J 13 9.38 65.70 -21.71
C SER J 13 10.48 66.55 -21.09
N PRO J 14 11.66 65.96 -20.87
CA PRO J 14 12.80 66.68 -20.27
C PRO J 14 13.03 68.07 -20.87
N GLY J 15 13.17 69.06 -19.99
CA GLY J 15 13.41 70.42 -20.43
C GLY J 15 12.15 71.21 -20.71
N GLN J 16 11.03 70.50 -20.80
CA GLN J 16 9.73 71.10 -21.04
C GLN J 16 9.23 71.77 -19.76
N THR J 17 8.23 72.63 -19.90
CA THR J 17 7.63 73.31 -18.76
C THR J 17 6.37 72.57 -18.34
N ALA J 18 6.29 72.13 -17.09
CA ALA J 18 5.11 71.42 -16.60
C ALA J 18 4.18 72.36 -15.81
N SER J 19 2.88 72.18 -16.03
CA SER J 19 1.88 72.99 -15.36
C SER J 19 0.89 72.09 -14.62
N ILE J 20 0.79 72.27 -13.30
CA ILE J 20 -0.14 71.51 -12.47
C ILE J 20 -1.15 72.52 -11.90
N SER J 21 -2.41 72.41 -12.32
CA SER J 21 -3.43 73.32 -11.84
C SER J 21 -4.17 72.74 -10.62
N CYS J 22 -4.85 73.62 -9.89
CA CYS J 22 -5.62 73.25 -8.71
C CYS J 22 -6.77 74.25 -8.61
N SER J 23 -8.00 73.75 -8.63
CA SER J 23 -9.16 74.60 -8.56
C SER J 23 -10.07 74.37 -7.36
N GLY J 24 -10.56 75.47 -6.80
CA GLY J 24 -11.43 75.41 -5.65
C GLY J 24 -12.38 76.59 -5.64
N ASP J 25 -13.62 76.35 -5.23
CA ASP J 25 -14.61 77.40 -5.22
C ASP J 25 -14.29 78.58 -4.31
N LYS J 26 -13.39 78.39 -3.35
CA LYS J 26 -12.99 79.46 -2.43
C LYS J 26 -11.55 79.95 -2.67
N LEU J 27 -10.87 79.36 -3.66
CA LEU J 27 -9.50 79.75 -3.95
C LEU J 27 -9.33 81.20 -4.33
N ASP J 28 -10.42 81.89 -4.65
CA ASP J 28 -10.29 83.30 -5.00
C ASP J 28 -9.89 84.17 -3.79
N ASP J 29 -9.96 83.60 -2.60
CA ASP J 29 -9.54 84.37 -1.44
C ASP J 29 -8.88 83.48 -0.39
N LYS J 30 -8.34 82.35 -0.85
CA LYS J 30 -7.66 81.43 0.03
C LYS J 30 -6.25 81.13 -0.49
N TYR J 31 -5.26 81.34 0.36
CA TYR J 31 -3.86 81.08 0.01
C TYR J 31 -3.72 79.60 -0.25
N VAL J 32 -2.89 79.20 -1.21
CA VAL J 32 -2.68 77.77 -1.41
C VAL J 32 -1.20 77.47 -1.21
N SER J 33 -0.90 76.23 -0.83
CA SER J 33 0.47 75.81 -0.61
C SER J 33 0.61 74.57 -1.46
N TRP J 34 1.84 74.18 -1.78
CA TRP J 34 2.05 73.00 -2.59
C TRP J 34 3.06 72.08 -1.96
N TYR J 35 2.79 70.78 -2.07
CA TYR J 35 3.67 69.79 -1.51
C TYR J 35 4.11 68.76 -2.53
N TYR J 36 5.32 68.28 -2.33
CA TYR J 36 5.91 67.28 -3.19
C TYR J 36 6.21 66.02 -2.39
N GLN J 37 5.89 64.87 -2.97
CA GLN J 37 6.18 63.62 -2.29
C GLN J 37 6.72 62.62 -3.28
N ARG J 38 7.81 61.96 -2.89
CA ARG J 38 8.47 60.96 -3.69
C ARG J 38 7.97 59.62 -3.14
N PRO J 39 7.79 58.62 -4.01
CA PRO J 39 7.31 57.30 -3.56
C PRO J 39 8.00 56.75 -2.31
N GLY J 40 7.22 56.48 -1.27
CA GLY J 40 7.76 55.96 -0.04
C GLY J 40 8.44 57.00 0.83
N GLN J 41 8.47 58.24 0.37
CA GLN J 41 9.09 59.32 1.14
C GLN J 41 8.02 60.22 1.77
N SER J 42 8.47 61.11 2.64
CA SER J 42 7.57 62.04 3.30
C SER J 42 7.36 63.25 2.42
N PRO J 43 6.23 63.96 2.61
CA PRO J 43 5.89 65.16 1.83
C PRO J 43 6.89 66.28 2.10
N VAL J 44 7.06 67.19 1.15
CA VAL J 44 7.99 68.30 1.28
C VAL J 44 7.36 69.59 0.78
N LEU J 45 7.38 70.62 1.62
CA LEU J 45 6.81 71.93 1.26
C LEU J 45 7.54 72.59 0.10
N LEU J 46 6.79 72.94 -0.94
CA LEU J 46 7.37 73.55 -2.15
C LEU J 46 7.04 75.01 -2.35
N MET J 47 5.80 75.37 -2.01
CA MET J 47 5.26 76.70 -2.22
C MET J 47 4.26 77.01 -1.12
N TYR J 48 4.14 78.27 -0.78
CA TYR J 48 3.19 78.68 0.25
C TYR J 48 2.75 80.10 -0.01
N GLN J 49 1.55 80.44 0.41
CA GLN J 49 0.98 81.75 0.19
C GLN J 49 0.88 82.00 -1.31
N ASP J 50 0.57 80.93 -2.04
CA ASP J 50 0.41 80.94 -3.48
C ASP J 50 1.68 80.97 -4.33
N PHE J 51 2.58 81.91 -4.05
CA PHE J 51 3.79 82.04 -4.86
C PHE J 51 5.12 82.17 -4.09
N LYS J 52 5.12 81.91 -2.79
CA LYS J 52 6.34 82.04 -2.02
C LYS J 52 7.09 80.73 -1.87
N ARG J 53 8.37 80.74 -2.22
CA ARG J 53 9.20 79.55 -2.12
C ARG J 53 9.94 79.44 -0.81
N PRO J 54 9.78 78.31 -0.10
CA PRO J 54 10.49 78.17 1.17
C PRO J 54 11.98 78.19 0.81
N SER J 55 12.83 78.50 1.78
CA SER J 55 14.25 78.53 1.53
C SER J 55 14.73 77.17 1.03
N GLY J 56 15.39 77.14 -0.13
CA GLY J 56 15.88 75.88 -0.65
C GLY J 56 15.26 75.46 -1.96
N ILE J 57 13.97 75.75 -2.14
CA ILE J 57 13.28 75.41 -3.38
C ILE J 57 13.84 76.25 -4.52
N PRO J 58 14.19 75.58 -5.64
CA PRO J 58 14.76 76.26 -6.82
C PRO J 58 13.82 77.22 -7.55
N GLU J 59 14.42 78.25 -8.16
CA GLU J 59 13.68 79.26 -8.89
C GLU J 59 12.90 78.77 -10.11
N ARG J 60 13.27 77.62 -10.66
CA ARG J 60 12.58 77.10 -11.83
C ARG J 60 11.19 76.60 -11.44
N LEU J 61 10.89 76.70 -10.15
CA LEU J 61 9.58 76.30 -9.63
C LEU J 61 8.89 77.59 -9.21
N SER J 62 7.65 77.79 -9.65
CA SER J 62 6.92 78.99 -9.28
C SER J 62 5.41 78.74 -9.18
N GLY J 63 4.78 79.49 -8.29
CA GLY J 63 3.34 79.36 -8.09
C GLY J 63 2.63 80.64 -8.47
N SER J 64 1.36 80.53 -8.84
CA SER J 64 0.58 81.69 -9.23
C SER J 64 -0.91 81.46 -9.00
N LYS J 65 -1.68 82.53 -9.07
CA LYS J 65 -3.11 82.47 -8.84
C LYS J 65 -3.89 83.27 -9.88
N SER J 66 -5.09 82.81 -10.18
CA SER J 66 -5.96 83.50 -11.12
C SER J 66 -7.37 83.03 -10.85
N GLY J 67 -8.18 83.91 -10.29
CA GLY J 67 -9.55 83.53 -9.99
C GLY J 67 -9.63 82.45 -8.93
N LYS J 68 -10.24 81.33 -9.28
CA LYS J 68 -10.39 80.20 -8.37
C LYS J 68 -9.43 79.06 -8.70
N THR J 69 -8.31 79.38 -9.31
CA THR J 69 -7.35 78.35 -9.68
C THR J 69 -5.92 78.73 -9.32
N ALA J 70 -5.15 77.74 -8.86
CA ALA J 70 -3.76 77.96 -8.50
C ALA J 70 -2.92 77.07 -9.38
N THR J 71 -1.79 77.57 -9.85
CA THR J 71 -0.94 76.79 -10.73
C THR J 71 0.50 76.69 -10.26
N LEU J 72 1.08 75.52 -10.47
CA LEU J 72 2.48 75.26 -10.13
C LEU J 72 3.17 75.01 -11.47
N THR J 73 4.15 75.85 -11.77
CA THR J 73 4.88 75.74 -13.03
C THR J 73 6.30 75.27 -12.77
N ILE J 74 6.67 74.18 -13.42
CA ILE J 74 8.01 73.62 -13.29
C ILE J 74 8.74 73.82 -14.61
N SER J 75 9.62 74.81 -14.66
CA SER J 75 10.37 75.06 -15.88
C SER J 75 11.62 74.19 -15.85
N GLY J 76 12.11 73.82 -17.03
CA GLY J 76 13.31 72.99 -17.09
C GLY J 76 13.06 71.67 -16.38
N THR J 77 11.88 71.11 -16.58
CA THR J 77 11.53 69.84 -15.95
C THR J 77 12.60 68.80 -16.16
N GLN J 78 13.01 68.14 -15.09
CA GLN J 78 14.01 67.09 -15.18
C GLN J 78 13.39 65.82 -14.65
N SER J 79 14.08 64.70 -14.86
CA SER J 79 13.61 63.38 -14.45
C SER J 79 13.33 63.19 -12.96
N LEU J 80 14.14 63.79 -12.10
CA LEU J 80 13.95 63.65 -10.67
C LEU J 80 12.69 64.35 -10.19
N ASP J 81 12.14 65.22 -11.04
CA ASP J 81 10.92 65.92 -10.69
C ASP J 81 9.74 64.96 -10.70
N GLU J 82 9.98 63.70 -11.02
CA GLU J 82 8.88 62.75 -11.03
C GLU J 82 8.42 62.53 -9.58
N GLY J 83 7.11 62.46 -9.39
CA GLY J 83 6.55 62.25 -8.07
C GLY J 83 5.12 62.75 -7.99
N ASP J 84 4.64 62.98 -6.78
CA ASP J 84 3.29 63.46 -6.58
C ASP J 84 3.30 64.88 -6.04
N TYR J 85 2.40 65.71 -6.55
CA TYR J 85 2.27 67.10 -6.15
C TYR J 85 0.86 67.30 -5.64
N TYR J 86 0.76 67.84 -4.43
CA TYR J 86 -0.52 68.10 -3.79
C TYR J 86 -0.69 69.57 -3.42
N CYS J 87 -1.84 70.14 -3.73
CA CYS J 87 -2.09 71.53 -3.34
C CYS J 87 -2.95 71.46 -2.10
N GLN J 88 -2.90 72.50 -1.28
CA GLN J 88 -3.71 72.55 -0.09
C GLN J 88 -4.10 73.99 0.23
N ALA J 89 -5.21 74.12 0.93
CA ALA J 89 -5.74 75.41 1.34
C ALA J 89 -6.54 75.15 2.60
N TRP J 90 -7.17 76.19 3.14
CA TRP J 90 -7.95 76.03 4.35
C TRP J 90 -9.38 76.51 4.15
N ASP J 91 -10.20 76.28 5.16
CA ASP J 91 -11.58 76.75 5.15
C ASP J 91 -11.85 77.11 6.60
N ALA J 92 -12.64 78.16 6.80
CA ALA J 92 -12.98 78.58 8.15
C ALA J 92 -14.47 78.84 8.23
N SER J 93 -15.10 78.47 9.34
CA SER J 93 -16.53 78.70 9.52
C SER J 93 -16.97 78.47 10.95
N THR J 94 -18.06 79.13 11.32
CA THR J 94 -18.62 78.96 12.65
C THR J 94 -19.93 78.22 12.45
N GLY J 95 -20.23 77.28 13.34
CA GLY J 95 -21.45 76.53 13.24
C GLY J 95 -22.63 77.44 13.55
N VAL J 96 -23.81 77.08 13.05
CA VAL J 96 -25.00 77.87 13.29
C VAL J 96 -25.22 78.10 14.79
N SER J 97 -24.95 77.08 15.61
CA SER J 97 -25.14 77.21 17.04
C SER J 97 -23.87 77.68 17.75
N GLY J 98 -22.98 78.31 17.00
CA GLY J 98 -21.75 78.82 17.59
C GLY J 98 -20.68 77.79 17.87
N GLY J 99 -19.95 78.01 18.96
CA GLY J 99 -18.88 77.11 19.35
C GLY J 99 -17.52 77.51 18.85
N GLY J 100 -17.39 78.76 18.40
CA GLY J 100 -16.13 79.24 17.89
C GLY J 100 -15.88 78.79 16.46
N THR J 101 -14.83 79.34 15.85
CA THR J 101 -14.48 79.01 14.48
C THR J 101 -13.91 77.59 14.32
N LYS J 102 -14.44 76.87 13.34
CA LYS J 102 -13.97 75.53 13.04
C LYS J 102 -13.05 75.68 11.83
N LEU J 103 -11.85 75.11 11.93
CA LEU J 103 -10.89 75.21 10.83
C LEU J 103 -10.75 73.91 10.04
N THR J 104 -10.51 74.05 8.75
CA THR J 104 -10.34 72.89 7.89
C THR J 104 -9.15 73.04 6.96
N VAL J 105 -8.31 72.00 6.94
CA VAL J 105 -7.16 71.93 6.07
C VAL J 105 -7.67 71.08 4.92
N LEU J 106 -7.40 71.47 3.69
CA LEU J 106 -7.88 70.71 2.54
C LEU J 106 -6.78 70.31 1.55
N PHE J 107 -6.88 69.10 1.00
CA PHE J 107 -5.90 68.66 0.01
C PHE J 107 -6.55 68.27 -1.31
N GLY J 108 -5.81 68.46 -2.39
CA GLY J 108 -6.29 68.04 -3.69
C GLY J 108 -5.97 66.56 -3.72
N ASP J 109 -6.54 65.82 -4.67
CA ASP J 109 -6.27 64.39 -4.74
C ASP J 109 -4.84 64.09 -5.16
N GLY J 110 -4.15 65.09 -5.69
CA GLY J 110 -2.77 64.92 -6.10
C GLY J 110 -2.55 64.69 -7.57
N THR J 111 -1.45 65.22 -8.07
CA THR J 111 -1.08 65.09 -9.47
C THR J 111 0.23 64.29 -9.59
N ARG J 112 0.16 63.15 -10.24
CA ARG J 112 1.34 62.33 -10.44
C ARG J 112 2.02 62.82 -11.73
N LEU J 113 3.12 63.55 -11.57
CA LEU J 113 3.87 64.07 -12.71
C LEU J 113 4.72 63.01 -13.39
N THR J 114 4.65 62.96 -14.72
CA THR J 114 5.42 62.00 -15.49
C THR J 114 6.36 62.72 -16.45
N VAL J 115 7.64 62.36 -16.42
CA VAL J 115 8.62 62.96 -17.31
C VAL J 115 9.09 61.88 -18.26
N LEU J 116 8.76 62.02 -19.53
CA LEU J 116 9.16 61.05 -20.54
C LEU J 116 10.64 61.14 -20.82
N GLY J 117 11.41 60.23 -20.21
CA GLY J 117 12.86 60.24 -20.38
C GLY J 117 13.42 59.16 -21.28
N GLN J 118 12.53 58.37 -21.88
CA GLN J 118 12.96 57.32 -22.78
C GLN J 118 11.79 57.01 -23.74
N PRO J 119 12.09 56.41 -24.89
CA PRO J 119 11.09 56.05 -25.91
C PRO J 119 10.07 54.98 -25.48
N LYS J 120 8.87 55.03 -26.06
CA LYS J 120 7.85 54.05 -25.75
C LYS J 120 8.44 52.67 -25.92
N ALA J 121 8.03 51.74 -25.07
CA ALA J 121 8.52 50.36 -25.13
C ALA J 121 7.38 49.40 -24.86
N ALA J 122 7.16 48.47 -25.79
CA ALA J 122 6.09 47.48 -25.66
C ALA J 122 6.39 46.54 -24.50
N PRO J 123 5.34 45.99 -23.86
CA PRO J 123 5.55 45.07 -22.75
C PRO J 123 5.76 43.64 -23.17
N SER J 124 6.76 43.00 -22.57
CA SER J 124 7.05 41.61 -22.84
C SER J 124 6.22 40.84 -21.84
N VAL J 125 5.27 40.06 -22.33
CA VAL J 125 4.40 39.29 -21.44
C VAL J 125 4.77 37.83 -21.50
N THR J 126 4.46 37.12 -20.42
CA THR J 126 4.74 35.70 -20.35
C THR J 126 3.70 35.09 -19.44
N LEU J 127 3.05 34.05 -19.93
CA LEU J 127 2.00 33.38 -19.17
C LEU J 127 2.41 31.97 -18.75
N PHE J 128 1.91 31.55 -17.60
CA PHE J 128 2.20 30.24 -17.07
C PHE J 128 0.92 29.59 -16.58
N PRO J 129 0.72 28.31 -16.92
CA PRO J 129 -0.48 27.57 -16.52
C PRO J 129 -0.32 27.06 -15.10
N PRO J 130 -1.43 26.69 -14.45
CA PRO J 130 -1.25 26.19 -13.08
C PRO J 130 -0.36 24.94 -13.14
N SER J 131 0.45 24.71 -12.12
CA SER J 131 1.31 23.55 -12.09
C SER J 131 0.51 22.31 -11.73
N SER J 132 1.05 21.13 -12.03
CA SER J 132 0.36 19.90 -11.72
C SER J 132 0.37 19.70 -10.20
N GLU J 133 1.34 20.33 -9.54
CA GLU J 133 1.44 20.23 -8.09
C GLU J 133 0.35 21.07 -7.44
N GLU J 134 0.08 22.24 -8.00
CA GLU J 134 -0.94 23.11 -7.46
C GLU J 134 -2.32 22.51 -7.70
N LEU J 135 -2.47 21.89 -8.86
CA LEU J 135 -3.73 21.24 -9.23
C LEU J 135 -3.99 20.06 -8.30
N GLN J 136 -2.97 19.26 -8.03
CA GLN J 136 -3.14 18.12 -7.16
C GLN J 136 -3.37 18.56 -5.72
N ALA J 137 -3.30 19.87 -5.51
CA ALA J 137 -3.53 20.44 -4.20
C ALA J 137 -4.90 21.10 -4.25
N ASN J 138 -5.62 20.83 -5.34
CA ASN J 138 -6.96 21.36 -5.55
C ASN J 138 -6.99 22.88 -5.64
N LYS J 139 -6.14 23.43 -6.50
CA LYS J 139 -6.05 24.88 -6.69
C LYS J 139 -5.42 25.14 -8.06
N ALA J 140 -5.64 26.33 -8.60
CA ALA J 140 -5.09 26.71 -9.89
C ALA J 140 -4.85 28.20 -9.93
N THR J 141 -3.72 28.60 -10.51
CA THR J 141 -3.37 30.01 -10.63
C THR J 141 -2.61 30.22 -11.94
N LEU J 142 -3.01 31.26 -12.66
CA LEU J 142 -2.35 31.61 -13.92
C LEU J 142 -1.51 32.85 -13.68
N VAL J 143 -0.21 32.74 -13.88
CA VAL J 143 0.67 33.87 -13.66
C VAL J 143 1.05 34.62 -14.92
N CYS J 144 0.56 35.86 -15.02
CA CYS J 144 0.85 36.69 -16.18
C CYS J 144 1.92 37.70 -15.75
N LEU J 145 3.11 37.57 -16.32
CA LEU J 145 4.22 38.45 -15.97
C LEU J 145 4.58 39.48 -17.03
N ILE J 146 4.14 40.71 -16.79
CA ILE J 146 4.40 41.81 -17.70
C ILE J 146 5.70 42.51 -17.31
N SER J 147 6.47 42.94 -18.30
CA SER J 147 7.73 43.63 -18.02
C SER J 147 8.30 44.41 -19.19
N ASP J 148 9.32 45.22 -18.89
CA ASP J 148 10.01 46.05 -19.87
C ASP J 148 9.14 47.03 -20.65
N PHE J 149 8.09 47.55 -20.02
CA PHE J 149 7.25 48.51 -20.72
C PHE J 149 7.50 49.93 -20.25
N TYR J 150 7.28 50.88 -21.15
CA TYR J 150 7.46 52.28 -20.84
C TYR J 150 6.55 53.11 -21.74
N PRO J 151 5.81 54.08 -21.18
CA PRO J 151 5.75 54.47 -19.77
C PRO J 151 5.20 53.37 -18.83
N GLY J 152 5.32 53.61 -17.53
CA GLY J 152 4.85 52.63 -16.56
C GLY J 152 3.37 52.51 -16.24
N ALA J 153 2.58 52.00 -17.18
CA ALA J 153 1.15 51.80 -16.97
C ALA J 153 0.63 50.79 -17.98
N VAL J 154 -0.27 49.93 -17.52
CA VAL J 154 -0.86 48.91 -18.37
C VAL J 154 -2.17 48.48 -17.77
N THR J 155 -3.12 48.10 -18.61
CA THR J 155 -4.40 47.62 -18.15
C THR J 155 -4.40 46.14 -18.53
N VAL J 156 -4.89 45.30 -17.62
CA VAL J 156 -4.91 43.87 -17.89
C VAL J 156 -6.30 43.26 -17.74
N ALA J 157 -6.66 42.39 -18.68
CA ALA J 157 -7.96 41.72 -18.67
C ALA J 157 -7.74 40.26 -19.03
N TRP J 158 -8.55 39.38 -18.47
CA TRP J 158 -8.41 37.95 -18.76
C TRP J 158 -9.54 37.44 -19.64
N LYS J 159 -9.29 36.31 -20.29
CA LYS J 159 -10.29 35.70 -21.17
C LYS J 159 -10.36 34.20 -20.92
N ALA J 160 -11.53 33.73 -20.49
CA ALA J 160 -11.73 32.30 -20.23
C ALA J 160 -11.40 31.54 -21.51
N ASP J 161 -12.26 31.70 -22.51
CA ASP J 161 -12.03 31.09 -23.81
C ASP J 161 -11.86 32.28 -24.74
N SER J 162 -12.98 32.90 -25.08
CA SER J 162 -13.00 34.07 -25.94
C SER J 162 -13.82 35.08 -25.16
N SER J 163 -14.52 34.56 -24.16
CA SER J 163 -15.37 35.37 -23.29
C SER J 163 -14.57 35.79 -22.05
N PRO J 164 -14.38 37.11 -21.88
CA PRO J 164 -13.64 37.66 -20.74
C PRO J 164 -14.16 37.23 -19.37
N VAL J 165 -13.28 37.31 -18.37
CA VAL J 165 -13.62 36.94 -16.99
C VAL J 165 -12.98 37.94 -16.02
N LYS J 166 -13.81 38.59 -15.21
CA LYS J 166 -13.34 39.60 -14.25
C LYS J 166 -13.14 39.05 -12.84
N ALA J 167 -13.84 37.97 -12.52
CA ALA J 167 -13.75 37.37 -11.19
C ALA J 167 -12.41 36.67 -10.90
N GLY J 168 -11.94 36.83 -9.67
CA GLY J 168 -10.70 36.20 -9.24
C GLY J 168 -9.42 36.75 -9.83
N VAL J 169 -9.43 38.02 -10.19
CA VAL J 169 -8.26 38.64 -10.78
C VAL J 169 -7.52 39.55 -9.82
N GLU J 170 -6.19 39.40 -9.82
CA GLU J 170 -5.33 40.20 -8.95
C GLU J 170 -4.23 40.78 -9.84
N THR J 171 -3.94 42.06 -9.68
CA THR J 171 -2.92 42.72 -10.49
C THR J 171 -2.13 43.72 -9.65
N THR J 172 -0.81 43.64 -9.75
CA THR J 172 0.05 44.55 -8.99
C THR J 172 0.07 45.93 -9.64
N THR J 173 0.85 46.81 -9.02
CA THR J 173 1.04 48.16 -9.53
C THR J 173 2.36 48.12 -10.30
N PRO J 174 2.46 48.85 -11.41
CA PRO J 174 3.70 48.84 -12.18
C PRO J 174 4.87 49.32 -11.32
N SER J 175 5.99 48.60 -11.36
CA SER J 175 7.16 48.98 -10.59
C SER J 175 8.33 49.24 -11.53
N LYS J 176 9.13 50.26 -11.21
CA LYS J 176 10.27 50.60 -12.04
C LYS J 176 11.39 49.56 -11.93
N GLN J 177 11.90 49.14 -13.09
CA GLN J 177 12.98 48.15 -13.17
C GLN J 177 14.35 48.81 -13.17
N SER J 178 15.38 47.99 -13.06
CA SER J 178 16.75 48.49 -13.06
C SER J 178 17.02 49.28 -14.34
N ASN J 179 16.58 48.73 -15.46
CA ASN J 179 16.76 49.37 -16.76
C ASN J 179 15.83 50.57 -16.96
N ASN J 180 15.18 50.99 -15.87
CA ASN J 180 14.26 52.12 -15.88
C ASN J 180 12.94 51.88 -16.60
N LYS J 181 12.70 50.65 -17.04
CA LYS J 181 11.44 50.32 -17.69
C LYS J 181 10.54 49.75 -16.59
N TYR J 182 9.32 49.34 -16.93
CA TYR J 182 8.44 48.85 -15.88
C TYR J 182 8.05 47.38 -15.93
N ALA J 183 7.56 46.88 -14.80
CA ALA J 183 7.16 45.49 -14.67
C ALA J 183 5.87 45.40 -13.85
N ALA J 184 5.05 44.41 -14.19
CA ALA J 184 3.81 44.17 -13.48
C ALA J 184 3.49 42.70 -13.60
N SER J 185 2.63 42.20 -12.73
CA SER J 185 2.25 40.79 -12.78
C SER J 185 0.79 40.65 -12.42
N SER J 186 0.09 39.76 -13.12
CA SER J 186 -1.33 39.54 -12.85
C SER J 186 -1.62 38.07 -12.60
N TYR J 187 -2.49 37.81 -11.63
CA TYR J 187 -2.85 36.44 -11.26
C TYR J 187 -4.33 36.17 -11.36
N LEU J 188 -4.66 35.03 -11.97
CA LEU J 188 -6.06 34.61 -12.12
C LEU J 188 -6.27 33.32 -11.32
N SER J 189 -7.22 33.35 -10.40
CA SER J 189 -7.52 32.18 -9.59
C SER J 189 -8.78 31.45 -10.08
N LEU J 190 -8.61 30.18 -10.42
CA LEU J 190 -9.71 29.36 -10.91
C LEU J 190 -9.75 28.10 -10.05
N THR J 191 -10.60 27.16 -10.44
CA THR J 191 -10.69 25.90 -9.73
C THR J 191 -10.07 24.91 -10.72
N PRO J 192 -9.47 23.83 -10.23
CA PRO J 192 -8.88 22.90 -11.19
C PRO J 192 -9.93 22.47 -12.22
N GLU J 193 -11.20 22.66 -11.86
CA GLU J 193 -12.31 22.30 -12.74
C GLU J 193 -12.45 23.34 -13.85
N GLN J 194 -12.68 24.60 -13.45
CA GLN J 194 -12.84 25.69 -14.40
C GLN J 194 -11.70 25.70 -15.40
N TRP J 195 -10.49 25.46 -14.90
CA TRP J 195 -9.29 25.45 -15.74
C TRP J 195 -9.26 24.28 -16.72
N LYS J 196 -9.75 23.12 -16.29
CA LYS J 196 -9.75 21.94 -17.14
C LYS J 196 -10.94 21.92 -18.10
N SER J 197 -12.05 22.49 -17.67
CA SER J 197 -13.27 22.54 -18.46
C SER J 197 -13.15 23.38 -19.74
N HIS J 198 -12.41 24.48 -19.68
CA HIS J 198 -12.24 25.36 -20.84
C HIS J 198 -11.24 24.88 -21.87
N LYS J 199 -11.24 25.58 -23.01
CA LYS J 199 -10.37 25.27 -24.11
C LYS J 199 -8.99 25.90 -23.92
N SER J 200 -8.95 27.18 -23.56
CA SER J 200 -7.69 27.88 -23.34
C SER J 200 -7.87 29.29 -22.80
N TYR J 201 -7.05 29.67 -21.82
CA TYR J 201 -7.13 31.00 -21.22
C TYR J 201 -6.10 31.95 -21.83
N SER J 202 -6.41 33.24 -21.82
CA SER J 202 -5.50 34.24 -22.37
C SER J 202 -5.29 35.47 -21.51
N CYS J 203 -4.05 35.97 -21.50
CA CYS J 203 -3.75 37.17 -20.75
C CYS J 203 -3.66 38.34 -21.71
N GLN J 204 -4.44 39.38 -21.41
CA GLN J 204 -4.48 40.58 -22.22
C GLN J 204 -3.78 41.74 -21.51
N VAL J 205 -2.72 42.26 -22.12
CA VAL J 205 -2.00 43.40 -21.56
C VAL J 205 -2.11 44.55 -22.54
N THR J 206 -2.77 45.62 -22.10
CA THR J 206 -2.96 46.79 -22.95
C THR J 206 -2.00 47.89 -22.52
N HIS J 207 -1.20 48.36 -23.46
CA HIS J 207 -0.23 49.41 -23.17
C HIS J 207 -0.05 50.36 -24.35
N GLU J 208 -0.47 51.61 -24.15
CA GLU J 208 -0.36 52.65 -25.17
C GLU J 208 -1.07 52.30 -26.48
N GLY J 209 -2.37 52.07 -26.39
CA GLY J 209 -3.15 51.75 -27.57
C GLY J 209 -2.97 50.33 -28.07
N SER J 210 -1.76 49.81 -27.97
CA SER J 210 -1.47 48.46 -28.42
C SER J 210 -1.77 47.41 -27.36
N THR J 211 -1.91 46.16 -27.78
CA THR J 211 -2.22 45.10 -26.85
C THR J 211 -1.49 43.79 -27.14
N VAL J 212 -0.75 43.29 -26.15
CA VAL J 212 0.01 42.05 -26.26
C VAL J 212 -0.78 40.95 -25.55
N GLU J 213 -1.12 39.89 -26.28
CA GLU J 213 -1.88 38.79 -25.70
C GLU J 213 -1.07 37.51 -25.59
N LYS J 214 -1.45 36.68 -24.62
CA LYS J 214 -0.79 35.39 -24.39
C LYS J 214 -1.86 34.38 -24.00
N THR J 215 -1.70 33.14 -24.44
CA THR J 215 -2.71 32.10 -24.15
C THR J 215 -2.17 30.74 -23.72
N VAL J 216 -2.93 30.05 -22.87
CA VAL J 216 -2.56 28.74 -22.38
C VAL J 216 -3.79 27.84 -22.29
N ALA J 217 -3.59 26.54 -22.48
CA ALA J 217 -4.69 25.59 -22.44
C ALA J 217 -4.40 24.38 -21.57
N PRO J 218 -5.45 23.70 -21.09
CA PRO J 218 -5.39 22.51 -20.23
C PRO J 218 -4.46 21.40 -20.73
N THR J 219 -3.35 21.21 -20.02
CA THR J 219 -2.34 20.20 -20.34
C THR J 219 -1.83 20.36 -21.78
N GLU K 1 18.80 67.75 13.86
CA GLU K 1 18.37 69.10 14.34
C GLU K 1 16.87 69.15 14.55
N VAL K 2 16.21 70.10 13.88
CA VAL K 2 14.76 70.24 13.98
C VAL K 2 14.13 69.04 13.28
N GLN K 3 13.31 68.30 14.02
CA GLN K 3 12.69 67.12 13.44
C GLN K 3 11.53 66.53 14.23
N LEU K 4 10.77 65.67 13.56
CA LEU K 4 9.63 64.97 14.14
C LEU K 4 9.86 63.49 13.91
N VAL K 5 10.05 62.73 14.99
CA VAL K 5 10.30 61.30 14.87
C VAL K 5 9.08 60.50 15.34
N GLU K 6 8.54 59.68 14.45
CA GLU K 6 7.34 58.90 14.75
C GLU K 6 7.57 57.46 15.19
N SER K 7 6.57 56.90 15.87
CA SER K 7 6.63 55.54 16.38
C SER K 7 6.66 54.52 15.26
N GLY K 8 7.08 53.30 15.58
CA GLY K 8 7.15 52.25 14.58
C GLY K 8 5.80 51.80 14.04
N GLY K 9 5.82 51.09 12.92
CA GLY K 9 4.57 50.63 12.34
C GLY K 9 4.08 49.39 13.05
N GLU K 10 2.80 49.10 12.93
CA GLU K 10 2.23 47.92 13.55
C GLU K 10 1.12 47.38 12.66
N VAL K 11 0.87 46.08 12.80
CA VAL K 11 -0.21 45.44 12.09
C VAL K 11 -1.15 45.13 13.24
N LYS K 12 -2.38 45.59 13.15
CA LYS K 12 -3.33 45.34 14.22
C LYS K 12 -4.56 44.66 13.67
N GLN K 13 -5.31 44.02 14.56
CA GLN K 13 -6.54 43.34 14.16
C GLN K 13 -7.70 44.32 14.31
N PRO K 14 -8.73 44.19 13.46
CA PRO K 14 -9.89 45.09 13.55
C PRO K 14 -10.48 45.01 14.96
N GLY K 15 -10.83 46.15 15.53
CA GLY K 15 -11.41 46.16 16.86
C GLY K 15 -10.43 46.45 17.98
N GLN K 16 -9.13 46.48 17.65
CA GLN K 16 -8.11 46.76 18.66
C GLN K 16 -7.88 48.25 18.80
N SER K 17 -7.37 48.67 19.94
CA SER K 17 -7.08 50.07 20.19
C SER K 17 -5.67 50.34 19.73
N LEU K 18 -5.36 51.61 19.45
CA LEU K 18 -4.01 51.95 19.01
C LEU K 18 -3.58 53.34 19.47
N LYS K 19 -2.29 53.50 19.68
CA LYS K 19 -1.70 54.77 20.08
C LYS K 19 -0.40 54.94 19.30
N ILE K 20 -0.30 55.99 18.49
CA ILE K 20 0.93 56.22 17.74
C ILE K 20 1.49 57.56 18.22
N SER K 21 2.81 57.70 18.19
CA SER K 21 3.44 58.93 18.68
C SER K 21 4.34 59.68 17.73
N CYS K 22 4.58 60.95 18.08
CA CYS K 22 5.41 61.85 17.29
C CYS K 22 6.21 62.72 18.25
N LYS K 23 7.53 62.57 18.26
CA LYS K 23 8.36 63.39 19.15
C LYS K 23 9.13 64.47 18.41
N SER K 24 9.00 65.70 18.90
CA SER K 24 9.67 66.85 18.31
C SER K 24 11.05 67.09 18.92
N SER K 25 11.90 67.76 18.16
CA SER K 25 13.25 68.09 18.58
C SER K 25 13.71 69.32 17.84
N GLY K 26 14.45 70.19 18.53
CA GLY K 26 14.99 71.38 17.89
C GLY K 26 14.20 72.67 17.88
N TYR K 27 13.07 72.73 18.60
CA TYR K 27 12.28 73.96 18.62
C TYR K 27 11.23 73.92 19.73
N ASN K 28 10.45 74.99 19.86
CA ASN K 28 9.42 75.02 20.90
C ASN K 28 8.18 74.25 20.47
N PHE K 29 8.09 73.00 20.90
CA PHE K 29 6.95 72.14 20.60
C PHE K 29 5.59 72.78 20.91
N LEU K 30 5.55 73.59 21.96
CA LEU K 30 4.31 74.23 22.40
C LEU K 30 3.72 75.31 21.50
N ASP K 31 4.58 76.09 20.86
CA ASP K 31 4.14 77.19 20.02
C ASP K 31 3.71 76.90 18.59
N SER K 32 3.89 75.67 18.12
CA SER K 32 3.48 75.38 16.75
C SER K 32 2.44 74.30 16.64
N TRP K 33 1.41 74.55 15.84
CA TRP K 33 0.35 73.59 15.62
C TRP K 33 0.92 72.29 15.02
N ILE K 34 0.30 71.16 15.40
CA ILE K 34 0.72 69.89 14.85
C ILE K 34 -0.45 69.23 14.16
N GLY K 35 -0.27 68.90 12.89
CA GLY K 35 -1.34 68.27 12.14
C GLY K 35 -1.06 66.81 11.87
N TRP K 36 -2.12 66.05 11.61
CA TRP K 36 -1.98 64.64 11.29
C TRP K 36 -2.57 64.42 9.92
N VAL K 37 -1.88 63.62 9.13
CA VAL K 37 -2.32 63.36 7.77
C VAL K 37 -2.14 61.89 7.42
N ARG K 38 -3.17 61.31 6.84
CA ARG K 38 -3.11 59.91 6.46
C ARG K 38 -3.05 59.72 4.96
N GLN K 39 -2.35 58.67 4.56
CA GLN K 39 -2.21 58.34 3.17
C GLN K 39 -2.42 56.83 3.06
N ILE K 40 -3.56 56.40 2.54
CA ILE K 40 -3.81 54.99 2.40
C ILE K 40 -3.04 54.53 1.15
N PRO K 41 -2.27 53.44 1.28
CA PRO K 41 -1.45 52.84 0.22
C PRO K 41 -1.87 53.15 -1.21
N GLY K 42 -1.05 53.95 -1.88
CA GLY K 42 -1.32 54.33 -3.26
C GLY K 42 -2.35 55.42 -3.47
N LYS K 43 -2.71 56.14 -2.41
CA LYS K 43 -3.69 57.21 -2.53
C LYS K 43 -3.08 58.55 -2.17
N GLY K 44 -3.90 59.60 -2.13
CA GLY K 44 -3.38 60.91 -1.81
C GLY K 44 -3.43 61.31 -0.36
N LEU K 45 -2.95 62.51 -0.09
CA LEU K 45 -2.93 63.06 1.26
C LEU K 45 -4.34 63.26 1.79
N GLU K 46 -4.53 62.91 3.05
CA GLU K 46 -5.84 63.04 3.69
C GLU K 46 -5.65 63.66 5.07
N TRP K 47 -6.36 64.75 5.33
CA TRP K 47 -6.26 65.46 6.61
C TRP K 47 -7.09 64.84 7.72
N ILE K 48 -6.45 64.67 8.88
CA ILE K 48 -7.10 64.12 10.05
C ILE K 48 -7.44 65.22 11.06
N GLY K 49 -6.55 66.19 11.21
CA GLY K 49 -6.78 67.30 12.14
C GLY K 49 -5.52 68.03 12.57
N ILE K 50 -5.65 68.91 13.56
CA ILE K 50 -4.52 69.68 14.09
C ILE K 50 -4.75 69.97 15.57
N ILE K 51 -3.65 70.17 16.30
CA ILE K 51 -3.74 70.43 17.72
C ILE K 51 -2.58 71.32 18.13
N TYR K 52 -2.86 72.30 18.97
CA TYR K 52 -1.84 73.23 19.45
C TYR K 52 -1.32 72.67 20.78
N PRO K 53 -0.07 72.16 20.78
CA PRO K 53 0.51 71.59 22.00
C PRO K 53 0.36 72.40 23.28
N ASP K 54 0.46 73.72 23.16
CA ASP K 54 0.37 74.56 24.35
C ASP K 54 -0.89 74.45 25.19
N ASP K 55 -2.04 74.26 24.55
CA ASP K 55 -3.29 74.20 25.29
C ASP K 55 -4.21 73.08 24.80
N SER K 56 -3.75 72.33 23.80
CA SER K 56 -4.49 71.21 23.23
C SER K 56 -5.73 71.62 22.44
N ASP K 57 -5.79 72.88 22.05
CA ASP K 57 -6.90 73.37 21.25
C ASP K 57 -6.85 72.46 20.00
N ALA K 58 -8.00 72.12 19.44
CA ALA K 58 -7.97 71.22 18.30
C ALA K 58 -9.09 71.38 17.28
N HIS K 59 -8.81 70.88 16.08
CA HIS K 59 -9.71 70.88 14.94
C HIS K 59 -9.55 69.53 14.25
N TYR K 60 -10.66 68.83 14.06
CA TYR K 60 -10.65 67.52 13.42
C TYR K 60 -11.35 67.56 12.08
N SER K 61 -11.00 66.63 11.19
CA SER K 61 -11.69 66.56 9.91
C SER K 61 -12.96 65.72 10.19
N PRO K 62 -14.05 66.00 9.47
CA PRO K 62 -15.31 65.27 9.65
C PRO K 62 -15.17 63.74 9.55
N SER K 63 -14.26 63.28 8.70
CA SER K 63 -14.05 61.86 8.50
C SER K 63 -13.41 61.11 9.67
N PHE K 64 -12.72 61.83 10.56
CA PHE K 64 -12.06 61.15 11.66
C PHE K 64 -12.65 61.49 13.02
N GLU K 65 -13.24 62.67 13.10
CA GLU K 65 -13.84 63.12 14.34
C GLU K 65 -14.83 62.05 14.79
N GLY K 66 -14.55 61.44 15.93
CA GLY K 66 -15.46 60.42 16.42
C GLY K 66 -14.86 59.03 16.45
N GLN K 67 -13.66 58.89 15.87
CA GLN K 67 -12.99 57.59 15.88
C GLN K 67 -11.52 57.73 16.15
N VAL K 68 -11.06 58.97 16.29
CA VAL K 68 -9.66 59.21 16.57
C VAL K 68 -9.52 60.44 17.45
N THR K 69 -8.59 60.38 18.40
CA THR K 69 -8.36 61.49 19.32
C THR K 69 -6.92 61.97 19.25
N MET K 70 -6.73 63.28 19.29
CA MET K 70 -5.39 63.85 19.29
C MET K 70 -5.07 64.28 20.72
N SER K 71 -3.80 64.26 21.08
CA SER K 71 -3.39 64.69 22.42
C SER K 71 -1.88 64.87 22.40
N VAL K 72 -1.37 65.45 23.48
CA VAL K 72 0.06 65.67 23.59
C VAL K 72 0.48 65.52 25.03
N ASP K 73 1.77 65.31 25.21
CA ASP K 73 2.37 65.20 26.52
C ASP K 73 3.47 66.25 26.41
N LYS K 74 3.17 67.43 26.90
CA LYS K 74 4.08 68.56 26.87
C LYS K 74 5.43 68.25 27.53
N SER K 75 5.40 67.49 28.61
CA SER K 75 6.63 67.16 29.34
C SER K 75 7.64 66.39 28.52
N ILE K 76 7.20 65.71 27.47
CA ILE K 76 8.15 64.97 26.66
C ILE K 76 8.09 65.34 25.18
N SER K 77 7.48 66.48 24.89
CA SER K 77 7.35 66.97 23.51
C SER K 77 6.80 65.94 22.54
N THR K 78 5.78 65.20 22.95
CA THR K 78 5.21 64.20 22.09
C THR K 78 3.75 64.43 21.74
N ALA K 79 3.41 64.20 20.48
CA ALA K 79 2.05 64.33 20.00
C ALA K 79 1.51 62.91 19.81
N TYR K 80 0.26 62.70 20.22
CA TYR K 80 -0.35 61.38 20.11
C TYR K 80 -1.63 61.33 19.28
N LEU K 81 -1.85 60.19 18.63
CA LEU K 81 -3.06 59.94 17.85
C LEU K 81 -3.59 58.59 18.34
N GLN K 82 -4.87 58.52 18.71
CA GLN K 82 -5.42 57.26 19.22
C GLN K 82 -6.78 56.82 18.69
N TRP K 83 -6.92 55.51 18.62
CA TRP K 83 -8.17 54.88 18.19
C TRP K 83 -8.63 53.99 19.35
N THR K 84 -9.93 53.88 19.54
CA THR K 84 -10.46 53.04 20.60
C THR K 84 -10.80 51.70 19.97
N THR K 85 -11.17 51.76 18.70
CA THR K 85 -11.56 50.59 17.94
C THR K 85 -11.14 50.75 16.49
N LEU K 86 -10.07 50.07 16.09
CA LEU K 86 -9.57 50.17 14.73
C LEU K 86 -10.44 49.40 13.77
N GLN K 87 -10.67 49.97 12.59
CA GLN K 87 -11.44 49.29 11.57
C GLN K 87 -10.56 49.21 10.34
N ALA K 88 -10.88 48.29 9.43
CA ALA K 88 -10.10 48.08 8.22
C ALA K 88 -9.78 49.33 7.43
N SER K 89 -10.73 50.26 7.42
CA SER K 89 -10.56 51.50 6.68
C SER K 89 -9.44 52.37 7.25
N ASP K 90 -8.99 52.04 8.46
CA ASP K 90 -7.93 52.80 9.08
C ASP K 90 -6.54 52.45 8.58
N THR K 91 -6.47 51.57 7.58
CA THR K 91 -5.18 51.17 7.01
C THR K 91 -4.54 52.30 6.21
N GLY K 92 -3.26 52.55 6.49
CA GLY K 92 -2.54 53.59 5.79
C GLY K 92 -1.33 54.10 6.56
N LYS K 93 -0.57 54.98 5.92
CA LYS K 93 0.62 55.56 6.54
C LYS K 93 0.25 56.88 7.21
N TYR K 94 0.61 57.04 8.48
CA TYR K 94 0.30 58.26 9.19
C TYR K 94 1.50 59.16 9.39
N PHE K 95 1.31 60.45 9.10
CA PHE K 95 2.36 61.44 9.27
C PHE K 95 1.86 62.50 10.25
N CYS K 96 2.77 63.06 11.04
CA CYS K 96 2.46 64.16 11.93
C CYS K 96 3.35 65.20 11.30
N THR K 97 2.87 66.43 11.24
CA THR K 97 3.62 67.50 10.61
C THR K 97 3.40 68.78 11.41
N ARG K 98 4.40 69.65 11.39
CA ARG K 98 4.36 70.90 12.13
C ARG K 98 3.96 72.08 11.24
N LEU K 99 2.96 72.84 11.68
CA LEU K 99 2.52 74.02 10.94
C LEU K 99 3.43 75.18 11.26
N TYR K 100 3.99 75.78 10.22
CA TYR K 100 4.91 76.89 10.39
C TYR K 100 4.24 78.21 10.07
N LEU K 101 4.52 79.20 10.91
CA LEU K 101 3.95 80.53 10.75
C LEU K 101 4.94 81.45 10.04
N PHE K 102 4.67 81.74 8.77
CA PHE K 102 5.54 82.61 7.98
C PHE K 102 5.11 84.06 8.16
N GLU K 103 6.00 84.88 8.71
CA GLU K 103 5.69 86.29 8.96
C GLU K 103 6.25 87.25 7.91
N GLY K 104 5.68 88.45 7.87
CA GLY K 104 6.14 89.46 6.91
C GLY K 104 5.05 90.42 6.53
N ALA K 105 5.16 91.01 5.34
CA ALA K 105 4.16 91.95 4.84
C ALA K 105 2.80 91.35 5.21
N GLN K 106 2.54 90.17 4.67
CA GLN K 106 1.32 89.41 4.96
C GLN K 106 1.82 88.10 5.56
N SER K 107 1.14 87.61 6.57
CA SER K 107 1.55 86.35 7.20
C SER K 107 0.77 85.19 6.62
N SER K 108 1.30 83.99 6.80
CA SER K 108 0.65 82.78 6.29
C SER K 108 1.24 81.58 7.00
N ASN K 109 0.67 80.41 6.74
CA ASN K 109 1.13 79.18 7.37
C ASN K 109 1.20 78.05 6.35
N ALA K 110 1.93 77.00 6.69
CA ALA K 110 2.08 75.82 5.84
C ALA K 110 2.88 74.78 6.63
N PHE K 111 2.73 73.51 6.24
CA PHE K 111 3.44 72.43 6.91
C PHE K 111 4.83 72.25 6.33
N ASP K 112 5.81 72.83 7.03
CA ASP K 112 7.19 72.79 6.61
C ASP K 112 7.95 71.58 7.12
N LEU K 113 7.55 71.06 8.28
CA LEU K 113 8.23 69.92 8.88
C LEU K 113 7.35 68.68 8.93
N TRP K 114 7.89 67.57 8.45
CA TRP K 114 7.17 66.30 8.44
C TRP K 114 8.04 65.19 9.00
N GLY K 115 7.42 64.27 9.72
CA GLY K 115 8.17 63.16 10.25
C GLY K 115 8.14 62.01 9.25
N GLN K 116 8.95 60.99 9.48
CA GLN K 116 8.94 59.84 8.60
C GLN K 116 7.57 59.29 8.97
N GLY K 117 7.01 58.39 8.19
CA GLY K 117 5.68 57.94 8.59
C GLY K 117 5.62 56.82 9.61
N THR K 118 4.39 56.41 9.90
CA THR K 118 4.08 55.31 10.81
C THR K 118 3.08 54.49 9.99
N MET K 119 3.49 53.32 9.54
CA MET K 119 2.60 52.48 8.72
C MET K 119 1.70 51.60 9.58
N ILE K 120 0.41 51.62 9.29
CA ILE K 120 -0.54 50.82 10.05
C ILE K 120 -1.45 49.98 9.18
N LEU K 121 -1.21 48.69 9.20
CA LEU K 121 -1.99 47.73 8.44
C LEU K 121 -2.95 47.02 9.36
N VAL K 122 -4.20 47.47 9.39
CA VAL K 122 -5.19 46.80 10.23
C VAL K 122 -5.64 45.61 9.41
N SER K 123 -5.25 44.42 9.85
CA SER K 123 -5.58 43.21 9.13
C SER K 123 -5.81 42.03 10.04
N SER K 124 -6.32 40.95 9.46
CA SER K 124 -6.57 39.73 10.20
C SER K 124 -5.60 38.67 9.70
N GLY K 125 -4.81 39.05 8.69
CA GLY K 125 -3.85 38.14 8.11
C GLY K 125 -2.98 37.52 9.19
N THR K 126 -2.72 36.22 9.06
CA THR K 126 -1.90 35.50 10.02
C THR K 126 -0.53 35.21 9.42
N THR K 127 0.53 35.40 10.20
CA THR K 127 1.89 35.16 9.74
C THR K 127 2.15 33.68 9.40
N LYS K 128 2.38 33.40 8.12
CA LYS K 128 2.64 32.04 7.65
C LYS K 128 3.54 32.01 6.40
N GLY K 129 4.32 30.95 6.28
CA GLY K 129 5.21 30.79 5.15
C GLY K 129 4.45 30.55 3.87
N PRO K 130 5.09 30.74 2.71
CA PRO K 130 4.39 30.54 1.43
C PRO K 130 4.38 29.09 0.98
N SER K 131 3.72 28.85 -0.14
CA SER K 131 3.68 27.53 -0.73
C SER K 131 4.43 27.75 -2.04
N VAL K 132 5.31 26.84 -2.40
CA VAL K 132 6.07 27.05 -3.63
C VAL K 132 5.81 26.02 -4.72
N PHE K 133 5.40 26.53 -5.87
CA PHE K 133 5.11 25.69 -7.03
C PHE K 133 6.01 26.15 -8.16
N PRO K 134 6.49 25.20 -8.98
CA PRO K 134 7.36 25.53 -10.11
C PRO K 134 6.55 25.97 -11.32
N LEU K 135 7.13 26.87 -12.10
CA LEU K 135 6.48 27.37 -13.31
C LEU K 135 7.29 26.78 -14.46
N ALA K 136 6.97 25.54 -14.81
CA ALA K 136 7.65 24.79 -15.85
C ALA K 136 7.80 25.47 -17.22
N PRO K 137 8.97 25.29 -17.85
CA PRO K 137 9.28 25.85 -19.17
C PRO K 137 8.60 24.98 -20.22
N SER K 138 8.38 25.54 -21.40
CA SER K 138 7.72 24.78 -22.47
C SER K 138 8.35 25.02 -23.84
N SER K 139 7.71 24.44 -24.85
CA SER K 139 8.14 24.58 -26.23
C SER K 139 7.35 25.75 -26.81
N LYS K 140 6.88 26.61 -25.92
CA LYS K 140 6.12 27.80 -26.27
C LYS K 140 6.57 28.94 -25.37
N SER K 141 7.28 28.58 -24.30
CA SER K 141 7.81 29.56 -23.35
C SER K 141 9.13 30.12 -23.87
N THR K 142 9.46 29.71 -25.10
CA THR K 142 10.67 30.14 -25.79
C THR K 142 10.29 30.69 -27.16
N SER K 143 11.22 31.37 -27.83
CA SER K 143 10.94 31.92 -29.16
C SER K 143 12.12 31.83 -30.13
N GLY K 144 13.35 31.88 -29.59
CA GLY K 144 14.52 31.80 -30.45
C GLY K 144 15.60 30.89 -29.90
N GLY K 145 15.62 30.71 -28.59
CA GLY K 145 16.63 29.85 -27.98
C GLY K 145 16.61 29.91 -26.47
N THR K 146 15.96 30.94 -25.94
CA THR K 146 15.87 31.12 -24.50
C THR K 146 14.44 30.90 -24.00
N ALA K 147 14.25 29.87 -23.19
CA ALA K 147 12.93 29.56 -22.63
C ALA K 147 12.76 30.17 -21.24
N ALA K 148 11.51 30.47 -20.87
CA ALA K 148 11.24 31.05 -19.57
C ALA K 148 10.70 29.99 -18.62
N LEU K 149 11.07 30.11 -17.35
CA LEU K 149 10.62 29.17 -16.32
C LEU K 149 10.89 29.81 -14.96
N GLY K 150 9.99 29.63 -14.01
CA GLY K 150 10.19 30.22 -12.71
C GLY K 150 9.52 29.53 -11.52
N CYS K 151 9.21 30.30 -10.50
CA CYS K 151 8.58 29.79 -9.29
C CYS K 151 7.42 30.69 -8.86
N LEU K 152 6.44 30.07 -8.23
CA LEU K 152 5.28 30.78 -7.74
C LEU K 152 5.27 30.69 -6.22
N VAL K 153 5.43 31.84 -5.55
CA VAL K 153 5.43 31.92 -4.09
C VAL K 153 4.04 32.38 -3.68
N LYS K 154 3.17 31.41 -3.41
CA LYS K 154 1.77 31.69 -3.06
C LYS K 154 1.38 31.81 -1.59
N ASP K 155 0.53 32.78 -1.34
CA ASP K 155 -0.04 33.07 -0.03
C ASP K 155 0.85 33.05 1.19
N TYR K 156 1.60 34.12 1.39
CA TYR K 156 2.49 34.22 2.55
C TYR K 156 2.24 35.55 3.25
N PHE K 157 2.75 35.68 4.47
CA PHE K 157 2.56 36.92 5.20
C PHE K 157 3.38 36.91 6.47
N PRO K 158 4.03 38.05 6.77
CA PRO K 158 3.97 39.24 5.93
C PRO K 158 5.26 39.33 5.12
N GLU K 159 5.55 40.50 4.55
CA GLU K 159 6.79 40.69 3.80
C GLU K 159 7.95 40.60 4.79
N PRO K 160 9.15 40.25 4.30
CA PRO K 160 9.42 39.94 2.90
C PRO K 160 9.87 38.50 2.70
N VAL K 161 10.03 38.11 1.44
CA VAL K 161 10.50 36.77 1.11
C VAL K 161 11.64 36.95 0.12
N THR K 162 12.65 36.09 0.23
CA THR K 162 13.78 36.16 -0.67
C THR K 162 13.71 35.01 -1.66
N VAL K 163 14.26 35.23 -2.85
CA VAL K 163 14.28 34.22 -3.88
C VAL K 163 15.56 34.29 -4.69
N SER K 164 16.21 33.14 -4.86
CA SER K 164 17.45 33.05 -5.63
C SER K 164 17.39 31.78 -6.47
N TRP K 165 18.34 31.63 -7.39
CA TRP K 165 18.37 30.43 -8.23
C TRP K 165 19.72 29.72 -8.10
N ASN K 166 19.66 28.42 -7.89
CA ASN K 166 20.85 27.60 -7.72
C ASN K 166 21.71 28.23 -6.65
N SER K 167 21.05 28.58 -5.55
CA SER K 167 21.69 29.18 -4.40
C SER K 167 22.48 30.44 -4.71
N GLY K 168 22.02 31.19 -5.70
CA GLY K 168 22.70 32.42 -6.07
C GLY K 168 23.70 32.32 -7.20
N ALA K 169 24.01 31.11 -7.65
CA ALA K 169 24.97 30.93 -8.73
C ALA K 169 24.41 31.56 -9.99
N LEU K 170 23.14 31.30 -10.27
CA LEU K 170 22.49 31.85 -11.46
C LEU K 170 21.96 33.25 -11.19
N THR K 171 22.38 34.19 -12.01
CA THR K 171 21.98 35.59 -11.89
C THR K 171 21.39 36.16 -13.18
N SER K 172 22.02 35.85 -14.31
CA SER K 172 21.55 36.36 -15.59
C SER K 172 20.21 35.80 -16.04
N GLY K 173 19.33 36.68 -16.47
CA GLY K 173 18.02 36.28 -16.94
C GLY K 173 16.96 36.18 -15.86
N VAL K 174 17.34 36.46 -14.63
CA VAL K 174 16.40 36.38 -13.51
C VAL K 174 15.62 37.68 -13.29
N HIS K 175 14.38 37.53 -12.84
CA HIS K 175 13.52 38.67 -12.54
C HIS K 175 12.44 38.28 -11.54
N THR K 176 12.65 38.69 -10.29
CA THR K 176 11.68 38.42 -9.24
C THR K 176 10.75 39.62 -9.19
N PHE K 177 9.49 39.40 -9.52
CA PHE K 177 8.49 40.45 -9.54
C PHE K 177 8.00 40.79 -8.14
N PRO K 178 7.56 42.05 -7.94
CA PRO K 178 7.05 42.48 -6.63
C PRO K 178 5.78 41.70 -6.27
N ALA K 179 5.57 41.50 -4.97
CA ALA K 179 4.42 40.75 -4.50
C ALA K 179 3.08 41.44 -4.74
N VAL K 180 2.03 40.63 -4.69
CA VAL K 180 0.68 41.13 -4.87
C VAL K 180 -0.04 40.90 -3.56
N LEU K 181 -0.73 41.92 -3.07
CA LEU K 181 -1.48 41.75 -1.85
C LEU K 181 -2.88 41.33 -2.31
N GLN K 182 -3.29 40.13 -1.91
CA GLN K 182 -4.58 39.60 -2.32
C GLN K 182 -5.69 40.08 -1.39
N SER K 183 -6.92 39.99 -1.88
CA SER K 183 -8.09 40.40 -1.11
C SER K 183 -8.10 39.60 0.19
N SER K 184 -7.35 38.52 0.21
CA SER K 184 -7.24 37.64 1.36
C SER K 184 -6.32 38.20 2.45
N GLY K 185 -5.43 39.12 2.05
CA GLY K 185 -4.51 39.71 3.01
C GLY K 185 -3.11 39.11 2.93
N LEU K 186 -2.96 38.06 2.14
CA LEU K 186 -1.67 37.39 1.97
C LEU K 186 -1.03 37.85 0.65
N TYR K 187 0.29 37.71 0.56
CA TYR K 187 1.01 38.09 -0.66
C TYR K 187 1.35 36.90 -1.53
N SER K 188 1.70 37.20 -2.77
CA SER K 188 2.12 36.21 -3.76
C SER K 188 3.03 36.92 -4.72
N LEU K 189 4.07 36.23 -5.17
CA LEU K 189 5.00 36.80 -6.14
C LEU K 189 5.56 35.67 -7.01
N SER K 190 6.30 36.04 -8.05
CA SER K 190 6.87 35.04 -8.93
C SER K 190 8.24 35.49 -9.40
N SER K 191 9.11 34.52 -9.64
CA SER K 191 10.45 34.83 -10.09
C SER K 191 10.73 33.97 -11.32
N VAL K 192 10.82 34.60 -12.49
CA VAL K 192 11.08 33.86 -13.71
C VAL K 192 12.50 34.08 -14.20
N VAL K 193 13.09 33.02 -14.76
CA VAL K 193 14.44 33.10 -15.27
C VAL K 193 14.46 32.59 -16.71
N THR K 194 15.25 33.24 -17.55
CA THR K 194 15.35 32.85 -18.95
C THR K 194 16.70 32.21 -19.20
N VAL K 195 16.68 31.01 -19.77
CA VAL K 195 17.89 30.25 -20.06
C VAL K 195 17.81 29.57 -21.43
N PRO K 196 18.97 29.24 -22.02
CA PRO K 196 19.01 28.58 -23.34
C PRO K 196 18.27 27.25 -23.34
N SER K 197 17.48 27.00 -24.38
CA SER K 197 16.73 25.77 -24.51
C SER K 197 17.73 24.61 -24.57
N SER K 198 18.97 24.96 -24.85
CA SER K 198 20.07 24.01 -24.96
C SER K 198 20.35 23.34 -23.62
N SER K 199 20.26 24.12 -22.55
CA SER K 199 20.54 23.64 -21.20
C SER K 199 19.48 22.73 -20.56
N LEU K 200 18.22 22.91 -20.94
CA LEU K 200 17.16 22.10 -20.37
C LEU K 200 17.50 20.61 -20.46
N GLY K 201 16.92 19.82 -19.56
CA GLY K 201 17.18 18.39 -19.56
C GLY K 201 18.62 18.05 -19.27
N THR K 202 19.36 19.02 -18.71
CA THR K 202 20.77 18.84 -18.38
C THR K 202 21.12 19.73 -17.20
N GLN K 203 21.01 21.04 -17.41
CA GLN K 203 21.28 22.01 -16.36
C GLN K 203 20.15 21.95 -15.35
N THR K 204 20.50 21.90 -14.07
CA THR K 204 19.50 21.84 -13.01
C THR K 204 19.07 23.25 -12.61
N TYR K 205 17.80 23.37 -12.24
CA TYR K 205 17.23 24.67 -11.84
C TYR K 205 16.38 24.53 -10.58
N ILE K 206 16.82 25.17 -9.52
CA ILE K 206 16.10 25.12 -8.24
C ILE K 206 16.00 26.51 -7.63
N CYS K 207 14.79 26.97 -7.36
CA CYS K 207 14.63 28.27 -6.74
C CYS K 207 14.58 28.08 -5.24
N ASN K 208 15.34 28.91 -4.52
CA ASN K 208 15.39 28.84 -3.07
C ASN K 208 14.60 30.03 -2.55
N VAL K 209 13.51 29.72 -1.84
CA VAL K 209 12.64 30.74 -1.29
C VAL K 209 12.85 30.82 0.21
N ASN K 210 13.02 32.03 0.72
CA ASN K 210 13.22 32.18 2.15
C ASN K 210 12.25 33.20 2.72
N HIS K 211 11.51 32.75 3.74
CA HIS K 211 10.55 33.61 4.43
C HIS K 211 10.88 33.54 5.92
N LYS K 212 11.85 34.36 6.32
CA LYS K 212 12.29 34.41 7.69
C LYS K 212 11.18 34.68 8.71
N PRO K 213 10.21 35.53 8.37
CA PRO K 213 9.14 35.81 9.33
C PRO K 213 8.49 34.58 9.93
N SER K 214 8.47 33.49 9.18
CA SER K 214 7.87 32.25 9.66
C SER K 214 8.86 31.08 9.67
N ASN K 215 10.13 31.39 9.44
CA ASN K 215 11.19 30.38 9.40
C ASN K 215 10.90 29.32 8.37
N THR K 216 10.52 29.78 7.18
CA THR K 216 10.21 28.87 6.10
C THR K 216 11.21 28.96 4.98
N LYS K 217 12.02 27.92 4.84
CA LYS K 217 12.97 27.85 3.75
C LYS K 217 12.43 26.74 2.88
N VAL K 218 12.36 26.99 1.58
CA VAL K 218 11.84 25.99 0.66
C VAL K 218 12.58 26.03 -0.65
N ASP K 219 13.25 24.91 -0.97
CA ASP K 219 13.98 24.80 -2.21
C ASP K 219 13.07 24.02 -3.14
N LYS K 220 13.05 24.39 -4.41
CA LYS K 220 12.19 23.68 -5.36
C LYS K 220 12.77 23.67 -6.76
N LYS K 221 12.85 22.46 -7.31
CA LYS K 221 13.38 22.23 -8.65
C LYS K 221 12.29 22.37 -9.69
N VAL K 222 12.65 22.92 -10.84
CA VAL K 222 11.70 23.10 -11.93
C VAL K 222 12.06 22.16 -13.08
N GLU K 223 11.12 21.29 -13.44
CA GLU K 223 11.33 20.32 -14.51
C GLU K 223 10.48 20.64 -15.74
N PRO K 224 11.05 20.50 -16.95
CA PRO K 224 10.39 20.77 -18.23
C PRO K 224 8.94 20.28 -18.32
N ALA L 1 -11.27 93.37 6.44
CA ALA L 1 -11.76 91.97 6.62
C ALA L 1 -10.64 90.95 6.37
N CYS L 2 -9.74 90.81 7.34
CA CYS L 2 -8.64 89.86 7.22
C CYS L 2 -9.07 88.46 7.65
N GLN L 3 -8.23 87.47 7.36
CA GLN L 3 -8.56 86.09 7.70
C GLN L 3 -7.54 85.41 8.61
N ALA L 4 -7.29 86.04 9.75
CA ALA L 4 -6.36 85.50 10.73
C ALA L 4 -7.16 84.90 11.89
N PHE L 5 -6.60 83.91 12.57
CA PHE L 5 -7.28 83.28 13.68
C PHE L 5 -6.36 83.18 14.88
N TYR L 6 -6.92 83.35 16.07
CA TYR L 6 -6.10 83.30 17.29
C TYR L 6 -5.09 84.45 17.21
N ALA L 7 -5.43 85.48 16.44
CA ALA L 7 -4.57 86.64 16.25
C ALA L 7 -4.08 87.19 17.59
N SER L 8 -4.86 86.93 18.64
CA SER L 8 -4.54 87.39 19.98
C SER L 8 -3.22 86.75 20.46
N SER L 9 -2.98 85.53 20.00
CA SER L 9 -1.77 84.79 20.34
C SER L 9 -1.02 84.65 19.03
N PRO L 10 -0.09 85.57 18.76
CA PRO L 10 0.72 85.56 17.53
C PRO L 10 1.30 84.21 17.13
N ARG L 11 2.08 83.59 18.01
CA ARG L 11 2.69 82.30 17.72
C ARG L 11 1.67 81.20 17.39
N LYS L 12 0.41 81.42 17.71
CA LYS L 12 -0.63 80.42 17.46
C LYS L 12 -1.53 80.78 16.27
N SER L 13 -1.42 82.02 15.80
CA SER L 13 -2.27 82.45 14.70
C SER L 13 -2.10 81.72 13.38
N ILE L 14 -3.22 81.58 12.67
CA ILE L 14 -3.26 80.94 11.36
C ILE L 14 -3.87 81.94 10.37
N HIS L 15 -3.16 82.23 9.29
CA HIS L 15 -3.63 83.19 8.30
C HIS L 15 -4.05 82.50 7.02
N ILE L 16 -5.35 82.30 6.91
CA ILE L 16 -6.00 81.62 5.81
C ILE L 16 -6.01 82.31 4.44
N GLY L 17 -6.03 83.64 4.44
CA GLY L 17 -6.05 84.37 3.19
C GLY L 17 -5.76 85.84 3.43
N ALA L 18 -5.79 86.65 2.36
CA ALA L 18 -5.52 88.07 2.47
C ALA L 18 -6.74 88.87 2.95
N CYS L 19 -6.49 90.08 3.45
CA CYS L 19 -7.57 90.93 3.93
C CYS L 19 -8.44 91.39 2.76
N ALA L 20 -9.75 91.40 2.96
CA ALA L 20 -10.70 91.83 1.93
C ALA L 20 -10.72 93.35 1.85
#